data_1BFJ
# 
_entry.id   1BFJ 
# 
_audit_conform.dict_name       mmcif_pdbx.dic 
_audit_conform.dict_version    5.392 
_audit_conform.dict_location   http://mmcif.pdb.org/dictionaries/ascii/mmcif_pdbx.dic 
# 
loop_
_database_2.database_id 
_database_2.database_code 
_database_2.pdbx_database_accession 
_database_2.pdbx_DOI 
PDB   1BFJ         pdb_00001bfj 10.2210/pdb1bfj/pdb 
WWPDB D_1000171694 ?            ?                   
# 
loop_
_pdbx_audit_revision_history.ordinal 
_pdbx_audit_revision_history.data_content_type 
_pdbx_audit_revision_history.major_revision 
_pdbx_audit_revision_history.minor_revision 
_pdbx_audit_revision_history.revision_date 
1 'Structure model' 1 0 1998-02-25 
2 'Structure model' 1 1 2008-03-24 
3 'Structure model' 1 2 2011-07-13 
4 'Structure model' 1 3 2022-02-16 
5 'Structure model' 1 4 2024-05-22 
# 
_pdbx_audit_revision_details.ordinal             1 
_pdbx_audit_revision_details.revision_ordinal    1 
_pdbx_audit_revision_details.data_content_type   'Structure model' 
_pdbx_audit_revision_details.provider            repository 
_pdbx_audit_revision_details.type                'Initial release' 
_pdbx_audit_revision_details.description         ? 
_pdbx_audit_revision_details.details             ? 
# 
loop_
_pdbx_audit_revision_group.ordinal 
_pdbx_audit_revision_group.revision_ordinal 
_pdbx_audit_revision_group.data_content_type 
_pdbx_audit_revision_group.group 
1 2 'Structure model' 'Version format compliance' 
2 3 'Structure model' 'Version format compliance' 
3 4 'Structure model' 'Database references'       
4 4 'Structure model' 'Derived calculations'      
5 4 'Structure model' Other                       
6 5 'Structure model' 'Data collection'           
# 
loop_
_pdbx_audit_revision_category.ordinal 
_pdbx_audit_revision_category.revision_ordinal 
_pdbx_audit_revision_category.data_content_type 
_pdbx_audit_revision_category.category 
1 4 'Structure model' database_2            
2 4 'Structure model' pdbx_database_status  
3 4 'Structure model' pdbx_struct_assembly  
4 4 'Structure model' pdbx_struct_oper_list 
5 5 'Structure model' chem_comp_atom        
6 5 'Structure model' chem_comp_bond        
# 
loop_
_pdbx_audit_revision_item.ordinal 
_pdbx_audit_revision_item.revision_ordinal 
_pdbx_audit_revision_item.data_content_type 
_pdbx_audit_revision_item.item 
1 4 'Structure model' '_database_2.pdbx_DOI'                
2 4 'Structure model' '_database_2.pdbx_database_accession' 
3 4 'Structure model' '_pdbx_database_status.process_site'  
# 
_pdbx_database_status.status_code                     REL 
_pdbx_database_status.entry_id                        1BFJ 
_pdbx_database_status.recvd_initial_deposition_date   1997-11-18 
_pdbx_database_status.deposit_site                    ? 
_pdbx_database_status.process_site                    BNL 
_pdbx_database_status.SG_entry                        . 
_pdbx_database_status.pdb_format_compatible           Y 
_pdbx_database_status.status_code_mr                  ? 
_pdbx_database_status.status_code_sf                  ? 
_pdbx_database_status.status_code_cs                  ? 
_pdbx_database_status.status_code_nmr_data            ? 
_pdbx_database_status.methods_development_category    ? 
# 
_pdbx_database_related.db_name        PDB 
_pdbx_database_related.db_id          1BFI 
_pdbx_database_related.details        . 
_pdbx_database_related.content_type   ensemble 
# 
loop_
_audit_author.name 
_audit_author.pdbx_ordinal 
'Siegal, G.'       1 
'Davis, B.'        2 
'Kristensen, S.M.' 3 
'Sankar, A.'       4 
'Linacre, J.'      5 
'Stein, R.C.'      6 
'Panayotou, G.'    7 
'Waterfield, M.D.' 8 
'Driscoll, P.C.'   9 
# 
_citation.id                        primary 
_citation.title                     
'Solution structure of the C-terminal SH2 domain of the p85 alpha regulatory subunit of phosphoinositide 3-kinase.' 
_citation.journal_abbrev            J.Mol.Biol. 
_citation.journal_volume            276 
_citation.page_first                461 
_citation.page_last                 478 
_citation.year                      1998 
_citation.journal_id_ASTM           JMOBAK 
_citation.country                   UK 
_citation.journal_id_ISSN           0022-2836 
_citation.journal_id_CSD            0070 
_citation.book_publisher            ? 
_citation.pdbx_database_id_PubMed   9512716 
_citation.pdbx_database_id_DOI      10.1006/jmbi.1997.1562 
# 
loop_
_citation_author.citation_id 
_citation_author.name 
_citation_author.ordinal 
_citation_author.identifier_ORCID 
primary 'Siegal, G.'       1 ? 
primary 'Davis, B.'        2 ? 
primary 'Kristensen, S.M.' 3 ? 
primary 'Sankar, A.'       4 ? 
primary 'Linacre, J.'      5 ? 
primary 'Stein, R.C.'      6 ? 
primary 'Panayotou, G.'    7 ? 
primary 'Waterfield, M.D.' 8 ? 
primary 'Driscoll, P.C.'   9 ? 
# 
_entity.id                         1 
_entity.type                       polymer 
_entity.src_method                 man 
_entity.pdbx_description           'P85 ALPHA' 
_entity.formula_weight             12746.247 
_entity.pdbx_number_of_molecules   1 
_entity.pdbx_ec                    ? 
_entity.pdbx_mutation              ? 
_entity.pdbx_fragment              'C TERMINAL SH2 DOMAIN' 
_entity.details                    ? 
# 
_entity_name_com.entity_id   1 
_entity_name_com.name        'PHOSPHATIDYLINOSITOL 3-KINASE REGULATORY ALPHA SUBUNIT, PI3-KINASE P85-ALPHA SUBUNIT' 
# 
_entity_poly.entity_id                      1 
_entity_poly.type                           'polypeptide(L)' 
_entity_poly.nstd_linkage                   no 
_entity_poly.nstd_monomer                   no 
_entity_poly.pdbx_seq_one_letter_code       
;MEDLPHHDEKTWNVGSSNRNKAENLLRGKRDGTFLVRESSKQGCYACSVVVDGEVKHCVINKTATGYGFAEPYNLYSSLK
ELVLHYQHTSLVQHNDSLNVTLAYPVYAQQRR
;
_entity_poly.pdbx_seq_one_letter_code_can   
;MEDLPHHDEKTWNVGSSNRNKAENLLRGKRDGTFLVRESSKQGCYACSVVVDGEVKHCVINKTATGYGFAEPYNLYSSLK
ELVLHYQHTSLVQHNDSLNVTLAYPVYAQQRR
;
_entity_poly.pdbx_strand_id                 A 
_entity_poly.pdbx_target_identifier         ? 
# 
loop_
_entity_poly_seq.entity_id 
_entity_poly_seq.num 
_entity_poly_seq.mon_id 
_entity_poly_seq.hetero 
1 1   MET n 
1 2   GLU n 
1 3   ASP n 
1 4   LEU n 
1 5   PRO n 
1 6   HIS n 
1 7   HIS n 
1 8   ASP n 
1 9   GLU n 
1 10  LYS n 
1 11  THR n 
1 12  TRP n 
1 13  ASN n 
1 14  VAL n 
1 15  GLY n 
1 16  SER n 
1 17  SER n 
1 18  ASN n 
1 19  ARG n 
1 20  ASN n 
1 21  LYS n 
1 22  ALA n 
1 23  GLU n 
1 24  ASN n 
1 25  LEU n 
1 26  LEU n 
1 27  ARG n 
1 28  GLY n 
1 29  LYS n 
1 30  ARG n 
1 31  ASP n 
1 32  GLY n 
1 33  THR n 
1 34  PHE n 
1 35  LEU n 
1 36  VAL n 
1 37  ARG n 
1 38  GLU n 
1 39  SER n 
1 40  SER n 
1 41  LYS n 
1 42  GLN n 
1 43  GLY n 
1 44  CYS n 
1 45  TYR n 
1 46  ALA n 
1 47  CYS n 
1 48  SER n 
1 49  VAL n 
1 50  VAL n 
1 51  VAL n 
1 52  ASP n 
1 53  GLY n 
1 54  GLU n 
1 55  VAL n 
1 56  LYS n 
1 57  HIS n 
1 58  CYS n 
1 59  VAL n 
1 60  ILE n 
1 61  ASN n 
1 62  LYS n 
1 63  THR n 
1 64  ALA n 
1 65  THR n 
1 66  GLY n 
1 67  TYR n 
1 68  GLY n 
1 69  PHE n 
1 70  ALA n 
1 71  GLU n 
1 72  PRO n 
1 73  TYR n 
1 74  ASN n 
1 75  LEU n 
1 76  TYR n 
1 77  SER n 
1 78  SER n 
1 79  LEU n 
1 80  LYS n 
1 81  GLU n 
1 82  LEU n 
1 83  VAL n 
1 84  LEU n 
1 85  HIS n 
1 86  TYR n 
1 87  GLN n 
1 88  HIS n 
1 89  THR n 
1 90  SER n 
1 91  LEU n 
1 92  VAL n 
1 93  GLN n 
1 94  HIS n 
1 95  ASN n 
1 96  ASP n 
1 97  SER n 
1 98  LEU n 
1 99  ASN n 
1 100 VAL n 
1 101 THR n 
1 102 LEU n 
1 103 ALA n 
1 104 TYR n 
1 105 PRO n 
1 106 VAL n 
1 107 TYR n 
1 108 ALA n 
1 109 GLN n 
1 110 GLN n 
1 111 ARG n 
1 112 ARG n 
# 
_entity_src_gen.entity_id                          1 
_entity_src_gen.pdbx_src_id                        1 
_entity_src_gen.pdbx_alt_source_flag               sample 
_entity_src_gen.pdbx_seq_type                      ? 
_entity_src_gen.pdbx_beg_seq_num                   ? 
_entity_src_gen.pdbx_end_seq_num                   ? 
_entity_src_gen.gene_src_common_name               cattle 
_entity_src_gen.gene_src_genus                     Bos 
_entity_src_gen.pdbx_gene_src_gene                 ? 
_entity_src_gen.gene_src_species                   ? 
_entity_src_gen.gene_src_strain                    ? 
_entity_src_gen.gene_src_tissue                    ? 
_entity_src_gen.gene_src_tissue_fraction           ? 
_entity_src_gen.gene_src_details                   ? 
_entity_src_gen.pdbx_gene_src_fragment             ? 
_entity_src_gen.pdbx_gene_src_scientific_name      'Bos taurus' 
_entity_src_gen.pdbx_gene_src_ncbi_taxonomy_id     9913 
_entity_src_gen.pdbx_gene_src_variant              ? 
_entity_src_gen.pdbx_gene_src_cell_line            BL21 
_entity_src_gen.pdbx_gene_src_atcc                 ? 
_entity_src_gen.pdbx_gene_src_organ                BRAIN 
_entity_src_gen.pdbx_gene_src_organelle            ? 
_entity_src_gen.pdbx_gene_src_cell                 ? 
_entity_src_gen.pdbx_gene_src_cellular_location    ? 
_entity_src_gen.host_org_common_name               ? 
_entity_src_gen.pdbx_host_org_scientific_name      'Escherichia coli BL21(DE3)' 
_entity_src_gen.pdbx_host_org_ncbi_taxonomy_id     469008 
_entity_src_gen.host_org_genus                     Escherichia 
_entity_src_gen.pdbx_host_org_gene                 ? 
_entity_src_gen.pdbx_host_org_organ                ? 
_entity_src_gen.host_org_species                   'Escherichia coli' 
_entity_src_gen.pdbx_host_org_tissue               ? 
_entity_src_gen.pdbx_host_org_tissue_fraction      ? 
_entity_src_gen.pdbx_host_org_strain               'BL21 (DE3)' 
_entity_src_gen.pdbx_host_org_variant              ? 
_entity_src_gen.pdbx_host_org_cell_line            ? 
_entity_src_gen.pdbx_host_org_atcc                 ? 
_entity_src_gen.pdbx_host_org_culture_collection   ? 
_entity_src_gen.pdbx_host_org_cell                 ? 
_entity_src_gen.pdbx_host_org_organelle            ? 
_entity_src_gen.pdbx_host_org_cellular_location    ? 
_entity_src_gen.pdbx_host_org_vector_type          ? 
_entity_src_gen.pdbx_host_org_vector               PET-23D 
_entity_src_gen.host_org_details                   ? 
_entity_src_gen.expression_system_id               ? 
_entity_src_gen.plasmid_name                       BL21 
_entity_src_gen.plasmid_details                    ? 
_entity_src_gen.pdbx_description                   ? 
# 
loop_
_chem_comp.id 
_chem_comp.type 
_chem_comp.mon_nstd_flag 
_chem_comp.name 
_chem_comp.pdbx_synonyms 
_chem_comp.formula 
_chem_comp.formula_weight 
ALA 'L-peptide linking' y ALANINE         ? 'C3 H7 N O2'     89.093  
ARG 'L-peptide linking' y ARGININE        ? 'C6 H15 N4 O2 1' 175.209 
ASN 'L-peptide linking' y ASPARAGINE      ? 'C4 H8 N2 O3'    132.118 
ASP 'L-peptide linking' y 'ASPARTIC ACID' ? 'C4 H7 N O4'     133.103 
CYS 'L-peptide linking' y CYSTEINE        ? 'C3 H7 N O2 S'   121.158 
GLN 'L-peptide linking' y GLUTAMINE       ? 'C5 H10 N2 O3'   146.144 
GLU 'L-peptide linking' y 'GLUTAMIC ACID' ? 'C5 H9 N O4'     147.129 
GLY 'peptide linking'   y GLYCINE         ? 'C2 H5 N O2'     75.067  
HIS 'L-peptide linking' y HISTIDINE       ? 'C6 H10 N3 O2 1' 156.162 
ILE 'L-peptide linking' y ISOLEUCINE      ? 'C6 H13 N O2'    131.173 
LEU 'L-peptide linking' y LEUCINE         ? 'C6 H13 N O2'    131.173 
LYS 'L-peptide linking' y LYSINE          ? 'C6 H15 N2 O2 1' 147.195 
MET 'L-peptide linking' y METHIONINE      ? 'C5 H11 N O2 S'  149.211 
PHE 'L-peptide linking' y PHENYLALANINE   ? 'C9 H11 N O2'    165.189 
PRO 'L-peptide linking' y PROLINE         ? 'C5 H9 N O2'     115.130 
SER 'L-peptide linking' y SERINE          ? 'C3 H7 N O3'     105.093 
THR 'L-peptide linking' y THREONINE       ? 'C4 H9 N O3'     119.119 
TRP 'L-peptide linking' y TRYPTOPHAN      ? 'C11 H12 N2 O2'  204.225 
TYR 'L-peptide linking' y TYROSINE        ? 'C9 H11 N O3'    181.189 
VAL 'L-peptide linking' y VALINE          ? 'C5 H11 N O2'    117.146 
# 
loop_
_pdbx_poly_seq_scheme.asym_id 
_pdbx_poly_seq_scheme.entity_id 
_pdbx_poly_seq_scheme.seq_id 
_pdbx_poly_seq_scheme.mon_id 
_pdbx_poly_seq_scheme.ndb_seq_num 
_pdbx_poly_seq_scheme.pdb_seq_num 
_pdbx_poly_seq_scheme.auth_seq_num 
_pdbx_poly_seq_scheme.pdb_mon_id 
_pdbx_poly_seq_scheme.auth_mon_id 
_pdbx_poly_seq_scheme.pdb_strand_id 
_pdbx_poly_seq_scheme.pdb_ins_code 
_pdbx_poly_seq_scheme.hetero 
A 1 1   MET 1   0   ?   ?   ?   A . n 
A 1 2   GLU 2   1   1   GLU GLU A . n 
A 1 3   ASP 3   2   2   ASP ASP A . n 
A 1 4   LEU 4   3   3   LEU LEU A . n 
A 1 5   PRO 5   4   4   PRO PRO A . n 
A 1 6   HIS 6   5   5   HIS HIS A . n 
A 1 7   HIS 7   6   6   HIS HIS A . n 
A 1 8   ASP 8   7   7   ASP ASP A . n 
A 1 9   GLU 9   8   8   GLU GLU A . n 
A 1 10  LYS 10  9   9   LYS LYS A . n 
A 1 11  THR 11  10  10  THR THR A . n 
A 1 12  TRP 12  11  11  TRP TRP A . n 
A 1 13  ASN 13  12  12  ASN ASN A . n 
A 1 14  VAL 14  13  13  VAL VAL A . n 
A 1 15  GLY 15  14  14  GLY GLY A . n 
A 1 16  SER 16  15  15  SER SER A . n 
A 1 17  SER 17  16  16  SER SER A . n 
A 1 18  ASN 18  17  17  ASN ASN A . n 
A 1 19  ARG 19  18  18  ARG ARG A . n 
A 1 20  ASN 20  19  19  ASN ASN A . n 
A 1 21  LYS 21  20  20  LYS LYS A . n 
A 1 22  ALA 22  21  21  ALA ALA A . n 
A 1 23  GLU 23  22  22  GLU GLU A . n 
A 1 24  ASN 24  23  23  ASN ASN A . n 
A 1 25  LEU 25  24  24  LEU LEU A . n 
A 1 26  LEU 26  25  25  LEU LEU A . n 
A 1 27  ARG 27  26  26  ARG ARG A . n 
A 1 28  GLY 28  27  27  GLY GLY A . n 
A 1 29  LYS 29  28  28  LYS LYS A . n 
A 1 30  ARG 30  29  29  ARG ARG A . n 
A 1 31  ASP 31  30  30  ASP ASP A . n 
A 1 32  GLY 32  31  31  GLY GLY A . n 
A 1 33  THR 33  32  32  THR THR A . n 
A 1 34  PHE 34  33  33  PHE PHE A . n 
A 1 35  LEU 35  34  34  LEU LEU A . n 
A 1 36  VAL 36  35  35  VAL VAL A . n 
A 1 37  ARG 37  36  36  ARG ARG A . n 
A 1 38  GLU 38  37  37  GLU GLU A . n 
A 1 39  SER 39  38  38  SER SER A . n 
A 1 40  SER 40  39  39  SER SER A . n 
A 1 41  LYS 41  40  40  LYS LYS A . n 
A 1 42  GLN 42  41  41  GLN GLN A . n 
A 1 43  GLY 43  42  42  GLY GLY A . n 
A 1 44  CYS 44  43  43  CYS CYS A . n 
A 1 45  TYR 45  44  44  TYR TYR A . n 
A 1 46  ALA 46  45  45  ALA ALA A . n 
A 1 47  CYS 47  46  46  CYS CYS A . n 
A 1 48  SER 48  47  47  SER SER A . n 
A 1 49  VAL 49  48  48  VAL VAL A . n 
A 1 50  VAL 50  49  49  VAL VAL A . n 
A 1 51  VAL 51  50  50  VAL VAL A . n 
A 1 52  ASP 52  51  51  ASP ASP A . n 
A 1 53  GLY 53  52  52  GLY GLY A . n 
A 1 54  GLU 54  53  53  GLU GLU A . n 
A 1 55  VAL 55  54  54  VAL VAL A . n 
A 1 56  LYS 56  55  55  LYS LYS A . n 
A 1 57  HIS 57  56  56  HIS HIS A . n 
A 1 58  CYS 58  57  57  CYS CYS A . n 
A 1 59  VAL 59  58  58  VAL VAL A . n 
A 1 60  ILE 60  59  59  ILE ILE A . n 
A 1 61  ASN 61  60  60  ASN ASN A . n 
A 1 62  LYS 62  61  61  LYS LYS A . n 
A 1 63  THR 63  62  62  THR THR A . n 
A 1 64  ALA 64  63  63  ALA ALA A . n 
A 1 65  THR 65  64  64  THR THR A . n 
A 1 66  GLY 66  65  65  GLY GLY A . n 
A 1 67  TYR 67  66  66  TYR TYR A . n 
A 1 68  GLY 68  67  67  GLY GLY A . n 
A 1 69  PHE 69  68  68  PHE PHE A . n 
A 1 70  ALA 70  69  69  ALA ALA A . n 
A 1 71  GLU 71  70  70  GLU GLU A . n 
A 1 72  PRO 72  71  71  PRO PRO A . n 
A 1 73  TYR 73  72  72  TYR TYR A . n 
A 1 74  ASN 74  73  73  ASN ASN A . n 
A 1 75  LEU 75  74  74  LEU LEU A . n 
A 1 76  TYR 76  75  75  TYR TYR A . n 
A 1 77  SER 77  76  76  SER SER A . n 
A 1 78  SER 78  77  77  SER SER A . n 
A 1 79  LEU 79  78  78  LEU LEU A . n 
A 1 80  LYS 80  79  79  LYS LYS A . n 
A 1 81  GLU 81  80  80  GLU GLU A . n 
A 1 82  LEU 82  81  81  LEU LEU A . n 
A 1 83  VAL 83  82  82  VAL VAL A . n 
A 1 84  LEU 84  83  83  LEU LEU A . n 
A 1 85  HIS 85  84  84  HIS HIS A . n 
A 1 86  TYR 86  85  85  TYR TYR A . n 
A 1 87  GLN 87  86  86  GLN GLN A . n 
A 1 88  HIS 88  87  87  HIS HIS A . n 
A 1 89  THR 89  88  88  THR THR A . n 
A 1 90  SER 90  89  89  SER SER A . n 
A 1 91  LEU 91  90  90  LEU LEU A . n 
A 1 92  VAL 92  91  91  VAL VAL A . n 
A 1 93  GLN 93  92  92  GLN GLN A . n 
A 1 94  HIS 94  93  93  HIS HIS A . n 
A 1 95  ASN 95  94  94  ASN ASN A . n 
A 1 96  ASP 96  95  95  ASP ASP A . n 
A 1 97  SER 97  96  96  SER SER A . n 
A 1 98  LEU 98  97  97  LEU LEU A . n 
A 1 99  ASN 99  98  98  ASN ASN A . n 
A 1 100 VAL 100 99  99  VAL VAL A . n 
A 1 101 THR 101 100 100 THR THR A . n 
A 1 102 LEU 102 101 101 LEU LEU A . n 
A 1 103 ALA 103 102 102 ALA ALA A . n 
A 1 104 TYR 104 103 103 TYR TYR A . n 
A 1 105 PRO 105 104 104 PRO PRO A . n 
A 1 106 VAL 106 105 105 VAL VAL A . n 
A 1 107 TYR 107 106 106 TYR TYR A . n 
A 1 108 ALA 108 107 107 ALA ALA A . n 
A 1 109 GLN 109 108 108 GLN GLN A . n 
A 1 110 GLN 110 109 109 GLN GLN A . n 
A 1 111 ARG 111 110 110 ARG ARG A . n 
A 1 112 ARG 112 111 111 ARG ARG A . n 
# 
loop_
_software.name 
_software.classification 
_software.version 
_software.citation_id 
_software.pdbx_ordinal 
X-PLOR 'model building' 3.84 ? 1 
X-PLOR refinement       3.84 ? 2 
X-PLOR phasing          3.84 ? 3 
# 
_cell.entry_id           1BFJ 
_cell.length_a           1.000 
_cell.length_b           1.000 
_cell.length_c           1.000 
_cell.angle_alpha        90.00 
_cell.angle_beta         90.00 
_cell.angle_gamma        90.00 
_cell.Z_PDB              1 
_cell.pdbx_unique_axis   ? 
# 
_symmetry.entry_id                         1BFJ 
_symmetry.space_group_name_H-M             'P 1' 
_symmetry.pdbx_full_space_group_name_H-M   ? 
_symmetry.cell_setting                     ? 
_symmetry.Int_Tables_number                1 
# 
_exptl.entry_id          1BFJ 
_exptl.method            'SOLUTION NMR' 
_exptl.crystals_number   ? 
# 
_struct.entry_id                  1BFJ 
_struct.title                     
;SOLUTION STRUCTURE OF THE C-TERMINAL SH2 DOMAIN OF THE P85ALPHA REGULATORY SUBUNIT OF PHOSPHOINOSITIDE 3-KINASE, NMR, MINIMIZED AVERAGE STRUCTURE
;
_struct.pdbx_model_details        ? 
_struct.pdbx_CASP_flag            ? 
_struct.pdbx_model_type_details   ? 
# 
_struct_keywords.entry_id        1BFJ 
_struct_keywords.pdbx_keywords   'SH2 DOMAIN' 
_struct_keywords.text            'SH2 DOMAIN, P85ALPHA, PI 3-KINASE, C TERMINAL SH2 DOMAIN' 
# 
_struct_asym.id                            A 
_struct_asym.pdbx_blank_PDB_chainid_flag   Y 
_struct_asym.pdbx_modified                 N 
_struct_asym.entity_id                     1 
_struct_asym.details                       ? 
# 
_struct_ref.id                         1 
_struct_ref.db_name                    UNP 
_struct_ref.db_code                    P85A_BOVIN 
_struct_ref.entity_id                  1 
_struct_ref.pdbx_db_accession          P23727 
_struct_ref.pdbx_align_begin           1 
_struct_ref.pdbx_seq_one_letter_code   
;MSAEGYQYRALYDYKKEREEDIDLHLGDILTVNKGSLVALGFSDGQEAKPEEIGWLNGYNETTGERGDFPGTYVEYIGRK
KISPPTPKPRPPRPLPVAPGPSKTEADSEQQASTLPDLAEQFAPPDVAPPLLIKLVEAIEKKGLECSTLYRTQSSSNPAE
LRQLLDCDTASLDLEMFDVHVLADAFKRYLLDLPNPVIPVAVSSELISLAPEVQSSEEYIQLLKKLIRSPSIPHQYWLTL
QYLLKHFFKLSQTSSKNLLNARVLSELFSPLLFRFPAASSENTEHLIKIIEILISTEWNERQPAPALPPKPPKPTTVANN
GMNNNMSLQDAEWYWGDISREEVNEKLRDTADGTFLVRDASTKMHGDYTLTLRKGGNNKLIKIFHRDGKYGFSDPLTFNS
VVELINHYRNESLAQYNPKLDVKLLYPVSKYQQDQVVKEDNIEAVGKKLHEYNTQFQEKSREYDRLYEDYTRTSQEIQMK
RTAIEAFNETIKIFEEQCQTQERYSKEYIEKFKREGNETEIQRIMHNYEKLKSRISEIVDSRRRLEEDLKKQAAEYREID
KRMNSIKPDLIQLRKTRDQYLMWLTQKGVRQKKLNEWLGNENTEDQYSLVEDDEDLPHHDEKTWNVGSSNRNKAENLLRG
KRDGTFLVRESSKQGCYACSVVVDGEVKHCVINKTATGYGFAEPYNLYSSLKELVLHYQHTSLVQHNDSLNVTLAYPVYA
QQRR
;
_struct_ref.pdbx_db_isoform            ? 
# 
_struct_ref_seq.align_id                      1 
_struct_ref_seq.ref_id                        1 
_struct_ref_seq.pdbx_PDB_id_code              1BFJ 
_struct_ref_seq.pdbx_strand_id                A 
_struct_ref_seq.seq_align_beg                 2 
_struct_ref_seq.pdbx_seq_align_beg_ins_code   ? 
_struct_ref_seq.seq_align_end                 112 
_struct_ref_seq.pdbx_seq_align_end_ins_code   ? 
_struct_ref_seq.pdbx_db_accession             P23727 
_struct_ref_seq.db_align_beg                  614 
_struct_ref_seq.pdbx_db_align_beg_ins_code    ? 
_struct_ref_seq.db_align_end                  724 
_struct_ref_seq.pdbx_db_align_end_ins_code    ? 
_struct_ref_seq.pdbx_auth_seq_align_beg       1 
_struct_ref_seq.pdbx_auth_seq_align_end       111 
# 
_pdbx_struct_assembly.id                   1 
_pdbx_struct_assembly.details              author_defined_assembly 
_pdbx_struct_assembly.method_details       ? 
_pdbx_struct_assembly.oligomeric_details   monomeric 
_pdbx_struct_assembly.oligomeric_count     1 
# 
_pdbx_struct_assembly_gen.assembly_id       1 
_pdbx_struct_assembly_gen.oper_expression   1 
_pdbx_struct_assembly_gen.asym_id_list      A 
# 
_pdbx_struct_oper_list.id                   1 
_pdbx_struct_oper_list.type                 'identity operation' 
_pdbx_struct_oper_list.name                 1_555 
_pdbx_struct_oper_list.symmetry_operation   x,y,z 
_pdbx_struct_oper_list.matrix[1][1]         1.0000000000 
_pdbx_struct_oper_list.matrix[1][2]         0.0000000000 
_pdbx_struct_oper_list.matrix[1][3]         0.0000000000 
_pdbx_struct_oper_list.vector[1]            0.0000000000 
_pdbx_struct_oper_list.matrix[2][1]         0.0000000000 
_pdbx_struct_oper_list.matrix[2][2]         1.0000000000 
_pdbx_struct_oper_list.matrix[2][3]         0.0000000000 
_pdbx_struct_oper_list.vector[2]            0.0000000000 
_pdbx_struct_oper_list.matrix[3][1]         0.0000000000 
_pdbx_struct_oper_list.matrix[3][2]         0.0000000000 
_pdbx_struct_oper_list.matrix[3][3]         1.0000000000 
_pdbx_struct_oper_list.vector[3]            0.0000000000 
# 
_struct_biol.id   1 
# 
loop_
_struct_conf.conf_type_id 
_struct_conf.id 
_struct_conf.pdbx_PDB_helix_id 
_struct_conf.beg_label_comp_id 
_struct_conf.beg_label_asym_id 
_struct_conf.beg_label_seq_id 
_struct_conf.pdbx_beg_PDB_ins_code 
_struct_conf.end_label_comp_id 
_struct_conf.end_label_asym_id 
_struct_conf.end_label_seq_id 
_struct_conf.pdbx_end_PDB_ins_code 
_struct_conf.beg_auth_comp_id 
_struct_conf.beg_auth_asym_id 
_struct_conf.beg_auth_seq_id 
_struct_conf.end_auth_comp_id 
_struct_conf.end_auth_asym_id 
_struct_conf.end_auth_seq_id 
_struct_conf.pdbx_PDB_helix_class 
_struct_conf.details 
_struct_conf.pdbx_PDB_helix_length 
HELX_P HELX_P1 1 PRO A 5  ? HIS A 7  ? PRO A 4  HIS A 6  5 ? 3  
HELX_P HELX_P2 2 GLU A 9  ? TRP A 12 ? GLU A 8  TRP A 11 1 ? 4  
HELX_P HELX_P3 3 ARG A 19 ? LEU A 26 ? ARG A 18 LEU A 25 1 ? 8  
HELX_P HELX_P4 4 LEU A 79 ? HIS A 88 ? LEU A 78 HIS A 87 1 ? 10 
# 
_struct_conf_type.id          HELX_P 
_struct_conf_type.criteria    ? 
_struct_conf_type.reference   ? 
# 
_struct_sheet.id               A 
_struct_sheet.type             ? 
_struct_sheet.number_strands   3 
_struct_sheet.details          ? 
# 
loop_
_struct_sheet_order.sheet_id 
_struct_sheet_order.range_id_1 
_struct_sheet_order.range_id_2 
_struct_sheet_order.offset 
_struct_sheet_order.sense 
A 1 2 ? anti-parallel 
A 2 3 ? anti-parallel 
# 
loop_
_struct_sheet_range.sheet_id 
_struct_sheet_range.id 
_struct_sheet_range.beg_label_comp_id 
_struct_sheet_range.beg_label_asym_id 
_struct_sheet_range.beg_label_seq_id 
_struct_sheet_range.pdbx_beg_PDB_ins_code 
_struct_sheet_range.end_label_comp_id 
_struct_sheet_range.end_label_asym_id 
_struct_sheet_range.end_label_seq_id 
_struct_sheet_range.pdbx_end_PDB_ins_code 
_struct_sheet_range.beg_auth_comp_id 
_struct_sheet_range.beg_auth_asym_id 
_struct_sheet_range.beg_auth_seq_id 
_struct_sheet_range.end_auth_comp_id 
_struct_sheet_range.end_auth_asym_id 
_struct_sheet_range.end_auth_seq_id 
A 1 PHE A 34 ? GLU A 38 ? PHE A 33 GLU A 37 
A 2 TYR A 45 ? VAL A 50 ? TYR A 44 VAL A 49 
A 3 VAL A 55 ? ILE A 60 ? VAL A 54 ILE A 59 
# 
loop_
_pdbx_struct_sheet_hbond.sheet_id 
_pdbx_struct_sheet_hbond.range_id_1 
_pdbx_struct_sheet_hbond.range_id_2 
_pdbx_struct_sheet_hbond.range_1_label_atom_id 
_pdbx_struct_sheet_hbond.range_1_label_comp_id 
_pdbx_struct_sheet_hbond.range_1_label_asym_id 
_pdbx_struct_sheet_hbond.range_1_label_seq_id 
_pdbx_struct_sheet_hbond.range_1_PDB_ins_code 
_pdbx_struct_sheet_hbond.range_1_auth_atom_id 
_pdbx_struct_sheet_hbond.range_1_auth_comp_id 
_pdbx_struct_sheet_hbond.range_1_auth_asym_id 
_pdbx_struct_sheet_hbond.range_1_auth_seq_id 
_pdbx_struct_sheet_hbond.range_2_label_atom_id 
_pdbx_struct_sheet_hbond.range_2_label_comp_id 
_pdbx_struct_sheet_hbond.range_2_label_asym_id 
_pdbx_struct_sheet_hbond.range_2_label_seq_id 
_pdbx_struct_sheet_hbond.range_2_PDB_ins_code 
_pdbx_struct_sheet_hbond.range_2_auth_atom_id 
_pdbx_struct_sheet_hbond.range_2_auth_comp_id 
_pdbx_struct_sheet_hbond.range_2_auth_asym_id 
_pdbx_struct_sheet_hbond.range_2_auth_seq_id 
A 1 2 O LEU A 35 ? O LEU A 34 N SER A 48 ? N SER A 47 
A 2 3 O TYR A 45 ? O TYR A 44 N ILE A 60 ? N ILE A 59 
# 
loop_
_pdbx_validate_close_contact.id 
_pdbx_validate_close_contact.PDB_model_num 
_pdbx_validate_close_contact.auth_atom_id_1 
_pdbx_validate_close_contact.auth_asym_id_1 
_pdbx_validate_close_contact.auth_comp_id_1 
_pdbx_validate_close_contact.auth_seq_id_1 
_pdbx_validate_close_contact.PDB_ins_code_1 
_pdbx_validate_close_contact.label_alt_id_1 
_pdbx_validate_close_contact.auth_atom_id_2 
_pdbx_validate_close_contact.auth_asym_id_2 
_pdbx_validate_close_contact.auth_comp_id_2 
_pdbx_validate_close_contact.auth_seq_id_2 
_pdbx_validate_close_contact.PDB_ins_code_2 
_pdbx_validate_close_contact.label_alt_id_2 
_pdbx_validate_close_contact.dist 
1 1 O  A GLU 8  ? ? H A ASN 12 ? ? 1.39 
2 1 HE A ARG 36 ? ? O A GLU 37 ? ? 1.40 
3 1 O  A TRP 11 ? ? H A VAL 35 ? ? 1.56 
4 1 O  A TYR 44 ? ? H A ILE 59 ? ? 1.58 
# 
loop_
_pdbx_validate_torsion.id 
_pdbx_validate_torsion.PDB_model_num 
_pdbx_validate_torsion.auth_comp_id 
_pdbx_validate_torsion.auth_asym_id 
_pdbx_validate_torsion.auth_seq_id 
_pdbx_validate_torsion.PDB_ins_code 
_pdbx_validate_torsion.label_alt_id 
_pdbx_validate_torsion.phi 
_pdbx_validate_torsion.psi 
1 1 SER A 15 ? ? -92.54 44.74   
2 1 SER A 39 ? ? 118.15 -103.62 
3 1 ASP A 51 ? ? -49.85 -10.96  
4 1 TYR A 66 ? ? 64.25  -17.23  
5 1 VAL A 91 ? ? -23.93 -43.87  
6 1 GLN A 92 ? ? -55.35 175.27  
7 1 ASN A 94 ? ? 119.67 -12.53  
8 1 ASP A 95 ? ? 58.42  11.40   
# 
_pdbx_nmr_ensemble.entry_id                             1BFJ 
_pdbx_nmr_ensemble.conformers_calculated_total_number   100 
_pdbx_nmr_ensemble.conformers_submitted_total_number    1 
_pdbx_nmr_ensemble.conformer_selection_criteria         'NO NOE VIOLATION > 0.3A, NO DIHEDRAL VIOLATION > 3.0' 
# 
_pdbx_nmr_exptl_sample_conditions.conditions_id       1 
_pdbx_nmr_exptl_sample_conditions.temperature         290 
_pdbx_nmr_exptl_sample_conditions.pressure            1 
_pdbx_nmr_exptl_sample_conditions.pH                  7.5 
_pdbx_nmr_exptl_sample_conditions.ionic_strength      '50 mM' 
_pdbx_nmr_exptl_sample_conditions.pressure_units      atm 
_pdbx_nmr_exptl_sample_conditions.temperature_units   K 
# 
_pdbx_nmr_exptl.experiment_id   1 
_pdbx_nmr_exptl.conditions_id   1 
_pdbx_nmr_exptl.type            VARIOUS 
_pdbx_nmr_exptl.solution_id     1 
# 
_pdbx_nmr_refine.entry_id           1BFJ 
_pdbx_nmr_refine.method             'simulated annealing' 
_pdbx_nmr_refine.details            
;30 CONFORMERS WERE DETERMINED BY RESTRAINED MOLECULAR DYNAMICS/SIMULATED ANNEALING METHOD USING THE PROGRAM X-PLOR 3.84. THE STRUCTURES ARE BASED ON 1908 INTERPROTON DISTANCE RESTRAINTS DERIVED FROM NOE MEASUREMENTS; 88 HYDROGEN-BONDING DISTANCE RESTRAINTS FOR 44 HYDROGEN-BONDS IDENTIFIED ON THE BASIS OF THE NOE AND AMIDE PROTON EXCHANGE DATA; 25 TORSION ANGLE RESTRAINTS DERIVED FROM COUPLING CONSTANTS AND NOE DATA. THE RMS DISTRIBUTION ABOUT THE MEAN COORDINATE POSITIONS IS 0.57 ANGSTROMS FOR ALL BACKBONE ATOMS AND 1.12 ANGSTROMS FOR ALL ATOMS. THE AVERAGE STRUCTURE WAS THEN CALCULATED BY BEST FIT SUPERPOSITION, COORDINATE AVERAGING AND RESTRAINED ENERGY MINIMIZATION.
;
_pdbx_nmr_refine.software_ordinal   1 
# 
loop_
_pdbx_nmr_software.classification 
_pdbx_nmr_software.name 
_pdbx_nmr_software.version 
_pdbx_nmr_software.authors 
_pdbx_nmr_software.ordinal 
refinement           X-PLOR 3.84 BRUNGER 1 
'structure solution' XPLOR  ?    ?       2 
# 
_pdbx_unobs_or_zero_occ_residues.id               1 
_pdbx_unobs_or_zero_occ_residues.PDB_model_num    1 
_pdbx_unobs_or_zero_occ_residues.polymer_flag     Y 
_pdbx_unobs_or_zero_occ_residues.occupancy_flag   1 
_pdbx_unobs_or_zero_occ_residues.auth_asym_id     A 
_pdbx_unobs_or_zero_occ_residues.auth_comp_id     MET 
_pdbx_unobs_or_zero_occ_residues.auth_seq_id      0 
_pdbx_unobs_or_zero_occ_residues.PDB_ins_code     ? 
_pdbx_unobs_or_zero_occ_residues.label_asym_id    A 
_pdbx_unobs_or_zero_occ_residues.label_comp_id    MET 
_pdbx_unobs_or_zero_occ_residues.label_seq_id     1 
# 
loop_
_chem_comp_atom.comp_id 
_chem_comp_atom.atom_id 
_chem_comp_atom.type_symbol 
_chem_comp_atom.pdbx_aromatic_flag 
_chem_comp_atom.pdbx_stereo_config 
_chem_comp_atom.pdbx_ordinal 
ALA N    N N N 1   
ALA CA   C N S 2   
ALA C    C N N 3   
ALA O    O N N 4   
ALA CB   C N N 5   
ALA OXT  O N N 6   
ALA H    H N N 7   
ALA H2   H N N 8   
ALA HA   H N N 9   
ALA HB1  H N N 10  
ALA HB2  H N N 11  
ALA HB3  H N N 12  
ALA HXT  H N N 13  
ARG N    N N N 14  
ARG CA   C N S 15  
ARG C    C N N 16  
ARG O    O N N 17  
ARG CB   C N N 18  
ARG CG   C N N 19  
ARG CD   C N N 20  
ARG NE   N N N 21  
ARG CZ   C N N 22  
ARG NH1  N N N 23  
ARG NH2  N N N 24  
ARG OXT  O N N 25  
ARG H    H N N 26  
ARG H2   H N N 27  
ARG HA   H N N 28  
ARG HB2  H N N 29  
ARG HB3  H N N 30  
ARG HG2  H N N 31  
ARG HG3  H N N 32  
ARG HD2  H N N 33  
ARG HD3  H N N 34  
ARG HE   H N N 35  
ARG HH11 H N N 36  
ARG HH12 H N N 37  
ARG HH21 H N N 38  
ARG HH22 H N N 39  
ARG HXT  H N N 40  
ASN N    N N N 41  
ASN CA   C N S 42  
ASN C    C N N 43  
ASN O    O N N 44  
ASN CB   C N N 45  
ASN CG   C N N 46  
ASN OD1  O N N 47  
ASN ND2  N N N 48  
ASN OXT  O N N 49  
ASN H    H N N 50  
ASN H2   H N N 51  
ASN HA   H N N 52  
ASN HB2  H N N 53  
ASN HB3  H N N 54  
ASN HD21 H N N 55  
ASN HD22 H N N 56  
ASN HXT  H N N 57  
ASP N    N N N 58  
ASP CA   C N S 59  
ASP C    C N N 60  
ASP O    O N N 61  
ASP CB   C N N 62  
ASP CG   C N N 63  
ASP OD1  O N N 64  
ASP OD2  O N N 65  
ASP OXT  O N N 66  
ASP H    H N N 67  
ASP H2   H N N 68  
ASP HA   H N N 69  
ASP HB2  H N N 70  
ASP HB3  H N N 71  
ASP HD2  H N N 72  
ASP HXT  H N N 73  
CYS N    N N N 74  
CYS CA   C N R 75  
CYS C    C N N 76  
CYS O    O N N 77  
CYS CB   C N N 78  
CYS SG   S N N 79  
CYS OXT  O N N 80  
CYS H    H N N 81  
CYS H2   H N N 82  
CYS HA   H N N 83  
CYS HB2  H N N 84  
CYS HB3  H N N 85  
CYS HG   H N N 86  
CYS HXT  H N N 87  
GLN N    N N N 88  
GLN CA   C N S 89  
GLN C    C N N 90  
GLN O    O N N 91  
GLN CB   C N N 92  
GLN CG   C N N 93  
GLN CD   C N N 94  
GLN OE1  O N N 95  
GLN NE2  N N N 96  
GLN OXT  O N N 97  
GLN H    H N N 98  
GLN H2   H N N 99  
GLN HA   H N N 100 
GLN HB2  H N N 101 
GLN HB3  H N N 102 
GLN HG2  H N N 103 
GLN HG3  H N N 104 
GLN HE21 H N N 105 
GLN HE22 H N N 106 
GLN HXT  H N N 107 
GLU N    N N N 108 
GLU CA   C N S 109 
GLU C    C N N 110 
GLU O    O N N 111 
GLU CB   C N N 112 
GLU CG   C N N 113 
GLU CD   C N N 114 
GLU OE1  O N N 115 
GLU OE2  O N N 116 
GLU OXT  O N N 117 
GLU H    H N N 118 
GLU H2   H N N 119 
GLU HA   H N N 120 
GLU HB2  H N N 121 
GLU HB3  H N N 122 
GLU HG2  H N N 123 
GLU HG3  H N N 124 
GLU HE2  H N N 125 
GLU HXT  H N N 126 
GLY N    N N N 127 
GLY CA   C N N 128 
GLY C    C N N 129 
GLY O    O N N 130 
GLY OXT  O N N 131 
GLY H    H N N 132 
GLY H2   H N N 133 
GLY HA2  H N N 134 
GLY HA3  H N N 135 
GLY HXT  H N N 136 
HIS N    N N N 137 
HIS CA   C N S 138 
HIS C    C N N 139 
HIS O    O N N 140 
HIS CB   C N N 141 
HIS CG   C Y N 142 
HIS ND1  N Y N 143 
HIS CD2  C Y N 144 
HIS CE1  C Y N 145 
HIS NE2  N Y N 146 
HIS OXT  O N N 147 
HIS H    H N N 148 
HIS H2   H N N 149 
HIS HA   H N N 150 
HIS HB2  H N N 151 
HIS HB3  H N N 152 
HIS HD1  H N N 153 
HIS HD2  H N N 154 
HIS HE1  H N N 155 
HIS HE2  H N N 156 
HIS HXT  H N N 157 
ILE N    N N N 158 
ILE CA   C N S 159 
ILE C    C N N 160 
ILE O    O N N 161 
ILE CB   C N S 162 
ILE CG1  C N N 163 
ILE CG2  C N N 164 
ILE CD1  C N N 165 
ILE OXT  O N N 166 
ILE H    H N N 167 
ILE H2   H N N 168 
ILE HA   H N N 169 
ILE HB   H N N 170 
ILE HG12 H N N 171 
ILE HG13 H N N 172 
ILE HG21 H N N 173 
ILE HG22 H N N 174 
ILE HG23 H N N 175 
ILE HD11 H N N 176 
ILE HD12 H N N 177 
ILE HD13 H N N 178 
ILE HXT  H N N 179 
LEU N    N N N 180 
LEU CA   C N S 181 
LEU C    C N N 182 
LEU O    O N N 183 
LEU CB   C N N 184 
LEU CG   C N N 185 
LEU CD1  C N N 186 
LEU CD2  C N N 187 
LEU OXT  O N N 188 
LEU H    H N N 189 
LEU H2   H N N 190 
LEU HA   H N N 191 
LEU HB2  H N N 192 
LEU HB3  H N N 193 
LEU HG   H N N 194 
LEU HD11 H N N 195 
LEU HD12 H N N 196 
LEU HD13 H N N 197 
LEU HD21 H N N 198 
LEU HD22 H N N 199 
LEU HD23 H N N 200 
LEU HXT  H N N 201 
LYS N    N N N 202 
LYS CA   C N S 203 
LYS C    C N N 204 
LYS O    O N N 205 
LYS CB   C N N 206 
LYS CG   C N N 207 
LYS CD   C N N 208 
LYS CE   C N N 209 
LYS NZ   N N N 210 
LYS OXT  O N N 211 
LYS H    H N N 212 
LYS H2   H N N 213 
LYS HA   H N N 214 
LYS HB2  H N N 215 
LYS HB3  H N N 216 
LYS HG2  H N N 217 
LYS HG3  H N N 218 
LYS HD2  H N N 219 
LYS HD3  H N N 220 
LYS HE2  H N N 221 
LYS HE3  H N N 222 
LYS HZ1  H N N 223 
LYS HZ2  H N N 224 
LYS HZ3  H N N 225 
LYS HXT  H N N 226 
MET N    N N N 227 
MET CA   C N S 228 
MET C    C N N 229 
MET O    O N N 230 
MET CB   C N N 231 
MET CG   C N N 232 
MET SD   S N N 233 
MET CE   C N N 234 
MET OXT  O N N 235 
MET H    H N N 236 
MET H2   H N N 237 
MET HA   H N N 238 
MET HB2  H N N 239 
MET HB3  H N N 240 
MET HG2  H N N 241 
MET HG3  H N N 242 
MET HE1  H N N 243 
MET HE2  H N N 244 
MET HE3  H N N 245 
MET HXT  H N N 246 
PHE N    N N N 247 
PHE CA   C N S 248 
PHE C    C N N 249 
PHE O    O N N 250 
PHE CB   C N N 251 
PHE CG   C Y N 252 
PHE CD1  C Y N 253 
PHE CD2  C Y N 254 
PHE CE1  C Y N 255 
PHE CE2  C Y N 256 
PHE CZ   C Y N 257 
PHE OXT  O N N 258 
PHE H    H N N 259 
PHE H2   H N N 260 
PHE HA   H N N 261 
PHE HB2  H N N 262 
PHE HB3  H N N 263 
PHE HD1  H N N 264 
PHE HD2  H N N 265 
PHE HE1  H N N 266 
PHE HE2  H N N 267 
PHE HZ   H N N 268 
PHE HXT  H N N 269 
PRO N    N N N 270 
PRO CA   C N S 271 
PRO C    C N N 272 
PRO O    O N N 273 
PRO CB   C N N 274 
PRO CG   C N N 275 
PRO CD   C N N 276 
PRO OXT  O N N 277 
PRO H    H N N 278 
PRO HA   H N N 279 
PRO HB2  H N N 280 
PRO HB3  H N N 281 
PRO HG2  H N N 282 
PRO HG3  H N N 283 
PRO HD2  H N N 284 
PRO HD3  H N N 285 
PRO HXT  H N N 286 
SER N    N N N 287 
SER CA   C N S 288 
SER C    C N N 289 
SER O    O N N 290 
SER CB   C N N 291 
SER OG   O N N 292 
SER OXT  O N N 293 
SER H    H N N 294 
SER H2   H N N 295 
SER HA   H N N 296 
SER HB2  H N N 297 
SER HB3  H N N 298 
SER HG   H N N 299 
SER HXT  H N N 300 
THR N    N N N 301 
THR CA   C N S 302 
THR C    C N N 303 
THR O    O N N 304 
THR CB   C N R 305 
THR OG1  O N N 306 
THR CG2  C N N 307 
THR OXT  O N N 308 
THR H    H N N 309 
THR H2   H N N 310 
THR HA   H N N 311 
THR HB   H N N 312 
THR HG1  H N N 313 
THR HG21 H N N 314 
THR HG22 H N N 315 
THR HG23 H N N 316 
THR HXT  H N N 317 
TRP N    N N N 318 
TRP CA   C N S 319 
TRP C    C N N 320 
TRP O    O N N 321 
TRP CB   C N N 322 
TRP CG   C Y N 323 
TRP CD1  C Y N 324 
TRP CD2  C Y N 325 
TRP NE1  N Y N 326 
TRP CE2  C Y N 327 
TRP CE3  C Y N 328 
TRP CZ2  C Y N 329 
TRP CZ3  C Y N 330 
TRP CH2  C Y N 331 
TRP OXT  O N N 332 
TRP H    H N N 333 
TRP H2   H N N 334 
TRP HA   H N N 335 
TRP HB2  H N N 336 
TRP HB3  H N N 337 
TRP HD1  H N N 338 
TRP HE1  H N N 339 
TRP HE3  H N N 340 
TRP HZ2  H N N 341 
TRP HZ3  H N N 342 
TRP HH2  H N N 343 
TRP HXT  H N N 344 
TYR N    N N N 345 
TYR CA   C N S 346 
TYR C    C N N 347 
TYR O    O N N 348 
TYR CB   C N N 349 
TYR CG   C Y N 350 
TYR CD1  C Y N 351 
TYR CD2  C Y N 352 
TYR CE1  C Y N 353 
TYR CE2  C Y N 354 
TYR CZ   C Y N 355 
TYR OH   O N N 356 
TYR OXT  O N N 357 
TYR H    H N N 358 
TYR H2   H N N 359 
TYR HA   H N N 360 
TYR HB2  H N N 361 
TYR HB3  H N N 362 
TYR HD1  H N N 363 
TYR HD2  H N N 364 
TYR HE1  H N N 365 
TYR HE2  H N N 366 
TYR HH   H N N 367 
TYR HXT  H N N 368 
VAL N    N N N 369 
VAL CA   C N S 370 
VAL C    C N N 371 
VAL O    O N N 372 
VAL CB   C N N 373 
VAL CG1  C N N 374 
VAL CG2  C N N 375 
VAL OXT  O N N 376 
VAL H    H N N 377 
VAL H2   H N N 378 
VAL HA   H N N 379 
VAL HB   H N N 380 
VAL HG11 H N N 381 
VAL HG12 H N N 382 
VAL HG13 H N N 383 
VAL HG21 H N N 384 
VAL HG22 H N N 385 
VAL HG23 H N N 386 
VAL HXT  H N N 387 
# 
loop_
_chem_comp_bond.comp_id 
_chem_comp_bond.atom_id_1 
_chem_comp_bond.atom_id_2 
_chem_comp_bond.value_order 
_chem_comp_bond.pdbx_aromatic_flag 
_chem_comp_bond.pdbx_stereo_config 
_chem_comp_bond.pdbx_ordinal 
ALA N   CA   sing N N 1   
ALA N   H    sing N N 2   
ALA N   H2   sing N N 3   
ALA CA  C    sing N N 4   
ALA CA  CB   sing N N 5   
ALA CA  HA   sing N N 6   
ALA C   O    doub N N 7   
ALA C   OXT  sing N N 8   
ALA CB  HB1  sing N N 9   
ALA CB  HB2  sing N N 10  
ALA CB  HB3  sing N N 11  
ALA OXT HXT  sing N N 12  
ARG N   CA   sing N N 13  
ARG N   H    sing N N 14  
ARG N   H2   sing N N 15  
ARG CA  C    sing N N 16  
ARG CA  CB   sing N N 17  
ARG CA  HA   sing N N 18  
ARG C   O    doub N N 19  
ARG C   OXT  sing N N 20  
ARG CB  CG   sing N N 21  
ARG CB  HB2  sing N N 22  
ARG CB  HB3  sing N N 23  
ARG CG  CD   sing N N 24  
ARG CG  HG2  sing N N 25  
ARG CG  HG3  sing N N 26  
ARG CD  NE   sing N N 27  
ARG CD  HD2  sing N N 28  
ARG CD  HD3  sing N N 29  
ARG NE  CZ   sing N N 30  
ARG NE  HE   sing N N 31  
ARG CZ  NH1  sing N N 32  
ARG CZ  NH2  doub N N 33  
ARG NH1 HH11 sing N N 34  
ARG NH1 HH12 sing N N 35  
ARG NH2 HH21 sing N N 36  
ARG NH2 HH22 sing N N 37  
ARG OXT HXT  sing N N 38  
ASN N   CA   sing N N 39  
ASN N   H    sing N N 40  
ASN N   H2   sing N N 41  
ASN CA  C    sing N N 42  
ASN CA  CB   sing N N 43  
ASN CA  HA   sing N N 44  
ASN C   O    doub N N 45  
ASN C   OXT  sing N N 46  
ASN CB  CG   sing N N 47  
ASN CB  HB2  sing N N 48  
ASN CB  HB3  sing N N 49  
ASN CG  OD1  doub N N 50  
ASN CG  ND2  sing N N 51  
ASN ND2 HD21 sing N N 52  
ASN ND2 HD22 sing N N 53  
ASN OXT HXT  sing N N 54  
ASP N   CA   sing N N 55  
ASP N   H    sing N N 56  
ASP N   H2   sing N N 57  
ASP CA  C    sing N N 58  
ASP CA  CB   sing N N 59  
ASP CA  HA   sing N N 60  
ASP C   O    doub N N 61  
ASP C   OXT  sing N N 62  
ASP CB  CG   sing N N 63  
ASP CB  HB2  sing N N 64  
ASP CB  HB3  sing N N 65  
ASP CG  OD1  doub N N 66  
ASP CG  OD2  sing N N 67  
ASP OD2 HD2  sing N N 68  
ASP OXT HXT  sing N N 69  
CYS N   CA   sing N N 70  
CYS N   H    sing N N 71  
CYS N   H2   sing N N 72  
CYS CA  C    sing N N 73  
CYS CA  CB   sing N N 74  
CYS CA  HA   sing N N 75  
CYS C   O    doub N N 76  
CYS C   OXT  sing N N 77  
CYS CB  SG   sing N N 78  
CYS CB  HB2  sing N N 79  
CYS CB  HB3  sing N N 80  
CYS SG  HG   sing N N 81  
CYS OXT HXT  sing N N 82  
GLN N   CA   sing N N 83  
GLN N   H    sing N N 84  
GLN N   H2   sing N N 85  
GLN CA  C    sing N N 86  
GLN CA  CB   sing N N 87  
GLN CA  HA   sing N N 88  
GLN C   O    doub N N 89  
GLN C   OXT  sing N N 90  
GLN CB  CG   sing N N 91  
GLN CB  HB2  sing N N 92  
GLN CB  HB3  sing N N 93  
GLN CG  CD   sing N N 94  
GLN CG  HG2  sing N N 95  
GLN CG  HG3  sing N N 96  
GLN CD  OE1  doub N N 97  
GLN CD  NE2  sing N N 98  
GLN NE2 HE21 sing N N 99  
GLN NE2 HE22 sing N N 100 
GLN OXT HXT  sing N N 101 
GLU N   CA   sing N N 102 
GLU N   H    sing N N 103 
GLU N   H2   sing N N 104 
GLU CA  C    sing N N 105 
GLU CA  CB   sing N N 106 
GLU CA  HA   sing N N 107 
GLU C   O    doub N N 108 
GLU C   OXT  sing N N 109 
GLU CB  CG   sing N N 110 
GLU CB  HB2  sing N N 111 
GLU CB  HB3  sing N N 112 
GLU CG  CD   sing N N 113 
GLU CG  HG2  sing N N 114 
GLU CG  HG3  sing N N 115 
GLU CD  OE1  doub N N 116 
GLU CD  OE2  sing N N 117 
GLU OE2 HE2  sing N N 118 
GLU OXT HXT  sing N N 119 
GLY N   CA   sing N N 120 
GLY N   H    sing N N 121 
GLY N   H2   sing N N 122 
GLY CA  C    sing N N 123 
GLY CA  HA2  sing N N 124 
GLY CA  HA3  sing N N 125 
GLY C   O    doub N N 126 
GLY C   OXT  sing N N 127 
GLY OXT HXT  sing N N 128 
HIS N   CA   sing N N 129 
HIS N   H    sing N N 130 
HIS N   H2   sing N N 131 
HIS CA  C    sing N N 132 
HIS CA  CB   sing N N 133 
HIS CA  HA   sing N N 134 
HIS C   O    doub N N 135 
HIS C   OXT  sing N N 136 
HIS CB  CG   sing N N 137 
HIS CB  HB2  sing N N 138 
HIS CB  HB3  sing N N 139 
HIS CG  ND1  sing Y N 140 
HIS CG  CD2  doub Y N 141 
HIS ND1 CE1  doub Y N 142 
HIS ND1 HD1  sing N N 143 
HIS CD2 NE2  sing Y N 144 
HIS CD2 HD2  sing N N 145 
HIS CE1 NE2  sing Y N 146 
HIS CE1 HE1  sing N N 147 
HIS NE2 HE2  sing N N 148 
HIS OXT HXT  sing N N 149 
ILE N   CA   sing N N 150 
ILE N   H    sing N N 151 
ILE N   H2   sing N N 152 
ILE CA  C    sing N N 153 
ILE CA  CB   sing N N 154 
ILE CA  HA   sing N N 155 
ILE C   O    doub N N 156 
ILE C   OXT  sing N N 157 
ILE CB  CG1  sing N N 158 
ILE CB  CG2  sing N N 159 
ILE CB  HB   sing N N 160 
ILE CG1 CD1  sing N N 161 
ILE CG1 HG12 sing N N 162 
ILE CG1 HG13 sing N N 163 
ILE CG2 HG21 sing N N 164 
ILE CG2 HG22 sing N N 165 
ILE CG2 HG23 sing N N 166 
ILE CD1 HD11 sing N N 167 
ILE CD1 HD12 sing N N 168 
ILE CD1 HD13 sing N N 169 
ILE OXT HXT  sing N N 170 
LEU N   CA   sing N N 171 
LEU N   H    sing N N 172 
LEU N   H2   sing N N 173 
LEU CA  C    sing N N 174 
LEU CA  CB   sing N N 175 
LEU CA  HA   sing N N 176 
LEU C   O    doub N N 177 
LEU C   OXT  sing N N 178 
LEU CB  CG   sing N N 179 
LEU CB  HB2  sing N N 180 
LEU CB  HB3  sing N N 181 
LEU CG  CD1  sing N N 182 
LEU CG  CD2  sing N N 183 
LEU CG  HG   sing N N 184 
LEU CD1 HD11 sing N N 185 
LEU CD1 HD12 sing N N 186 
LEU CD1 HD13 sing N N 187 
LEU CD2 HD21 sing N N 188 
LEU CD2 HD22 sing N N 189 
LEU CD2 HD23 sing N N 190 
LEU OXT HXT  sing N N 191 
LYS N   CA   sing N N 192 
LYS N   H    sing N N 193 
LYS N   H2   sing N N 194 
LYS CA  C    sing N N 195 
LYS CA  CB   sing N N 196 
LYS CA  HA   sing N N 197 
LYS C   O    doub N N 198 
LYS C   OXT  sing N N 199 
LYS CB  CG   sing N N 200 
LYS CB  HB2  sing N N 201 
LYS CB  HB3  sing N N 202 
LYS CG  CD   sing N N 203 
LYS CG  HG2  sing N N 204 
LYS CG  HG3  sing N N 205 
LYS CD  CE   sing N N 206 
LYS CD  HD2  sing N N 207 
LYS CD  HD3  sing N N 208 
LYS CE  NZ   sing N N 209 
LYS CE  HE2  sing N N 210 
LYS CE  HE3  sing N N 211 
LYS NZ  HZ1  sing N N 212 
LYS NZ  HZ2  sing N N 213 
LYS NZ  HZ3  sing N N 214 
LYS OXT HXT  sing N N 215 
MET N   CA   sing N N 216 
MET N   H    sing N N 217 
MET N   H2   sing N N 218 
MET CA  C    sing N N 219 
MET CA  CB   sing N N 220 
MET CA  HA   sing N N 221 
MET C   O    doub N N 222 
MET C   OXT  sing N N 223 
MET CB  CG   sing N N 224 
MET CB  HB2  sing N N 225 
MET CB  HB3  sing N N 226 
MET CG  SD   sing N N 227 
MET CG  HG2  sing N N 228 
MET CG  HG3  sing N N 229 
MET SD  CE   sing N N 230 
MET CE  HE1  sing N N 231 
MET CE  HE2  sing N N 232 
MET CE  HE3  sing N N 233 
MET OXT HXT  sing N N 234 
PHE N   CA   sing N N 235 
PHE N   H    sing N N 236 
PHE N   H2   sing N N 237 
PHE CA  C    sing N N 238 
PHE CA  CB   sing N N 239 
PHE CA  HA   sing N N 240 
PHE C   O    doub N N 241 
PHE C   OXT  sing N N 242 
PHE CB  CG   sing N N 243 
PHE CB  HB2  sing N N 244 
PHE CB  HB3  sing N N 245 
PHE CG  CD1  doub Y N 246 
PHE CG  CD2  sing Y N 247 
PHE CD1 CE1  sing Y N 248 
PHE CD1 HD1  sing N N 249 
PHE CD2 CE2  doub Y N 250 
PHE CD2 HD2  sing N N 251 
PHE CE1 CZ   doub Y N 252 
PHE CE1 HE1  sing N N 253 
PHE CE2 CZ   sing Y N 254 
PHE CE2 HE2  sing N N 255 
PHE CZ  HZ   sing N N 256 
PHE OXT HXT  sing N N 257 
PRO N   CA   sing N N 258 
PRO N   CD   sing N N 259 
PRO N   H    sing N N 260 
PRO CA  C    sing N N 261 
PRO CA  CB   sing N N 262 
PRO CA  HA   sing N N 263 
PRO C   O    doub N N 264 
PRO C   OXT  sing N N 265 
PRO CB  CG   sing N N 266 
PRO CB  HB2  sing N N 267 
PRO CB  HB3  sing N N 268 
PRO CG  CD   sing N N 269 
PRO CG  HG2  sing N N 270 
PRO CG  HG3  sing N N 271 
PRO CD  HD2  sing N N 272 
PRO CD  HD3  sing N N 273 
PRO OXT HXT  sing N N 274 
SER N   CA   sing N N 275 
SER N   H    sing N N 276 
SER N   H2   sing N N 277 
SER CA  C    sing N N 278 
SER CA  CB   sing N N 279 
SER CA  HA   sing N N 280 
SER C   O    doub N N 281 
SER C   OXT  sing N N 282 
SER CB  OG   sing N N 283 
SER CB  HB2  sing N N 284 
SER CB  HB3  sing N N 285 
SER OG  HG   sing N N 286 
SER OXT HXT  sing N N 287 
THR N   CA   sing N N 288 
THR N   H    sing N N 289 
THR N   H2   sing N N 290 
THR CA  C    sing N N 291 
THR CA  CB   sing N N 292 
THR CA  HA   sing N N 293 
THR C   O    doub N N 294 
THR C   OXT  sing N N 295 
THR CB  OG1  sing N N 296 
THR CB  CG2  sing N N 297 
THR CB  HB   sing N N 298 
THR OG1 HG1  sing N N 299 
THR CG2 HG21 sing N N 300 
THR CG2 HG22 sing N N 301 
THR CG2 HG23 sing N N 302 
THR OXT HXT  sing N N 303 
TRP N   CA   sing N N 304 
TRP N   H    sing N N 305 
TRP N   H2   sing N N 306 
TRP CA  C    sing N N 307 
TRP CA  CB   sing N N 308 
TRP CA  HA   sing N N 309 
TRP C   O    doub N N 310 
TRP C   OXT  sing N N 311 
TRP CB  CG   sing N N 312 
TRP CB  HB2  sing N N 313 
TRP CB  HB3  sing N N 314 
TRP CG  CD1  doub Y N 315 
TRP CG  CD2  sing Y N 316 
TRP CD1 NE1  sing Y N 317 
TRP CD1 HD1  sing N N 318 
TRP CD2 CE2  doub Y N 319 
TRP CD2 CE3  sing Y N 320 
TRP NE1 CE2  sing Y N 321 
TRP NE1 HE1  sing N N 322 
TRP CE2 CZ2  sing Y N 323 
TRP CE3 CZ3  doub Y N 324 
TRP CE3 HE3  sing N N 325 
TRP CZ2 CH2  doub Y N 326 
TRP CZ2 HZ2  sing N N 327 
TRP CZ3 CH2  sing Y N 328 
TRP CZ3 HZ3  sing N N 329 
TRP CH2 HH2  sing N N 330 
TRP OXT HXT  sing N N 331 
TYR N   CA   sing N N 332 
TYR N   H    sing N N 333 
TYR N   H2   sing N N 334 
TYR CA  C    sing N N 335 
TYR CA  CB   sing N N 336 
TYR CA  HA   sing N N 337 
TYR C   O    doub N N 338 
TYR C   OXT  sing N N 339 
TYR CB  CG   sing N N 340 
TYR CB  HB2  sing N N 341 
TYR CB  HB3  sing N N 342 
TYR CG  CD1  doub Y N 343 
TYR CG  CD2  sing Y N 344 
TYR CD1 CE1  sing Y N 345 
TYR CD1 HD1  sing N N 346 
TYR CD2 CE2  doub Y N 347 
TYR CD2 HD2  sing N N 348 
TYR CE1 CZ   doub Y N 349 
TYR CE1 HE1  sing N N 350 
TYR CE2 CZ   sing Y N 351 
TYR CE2 HE2  sing N N 352 
TYR CZ  OH   sing N N 353 
TYR OH  HH   sing N N 354 
TYR OXT HXT  sing N N 355 
VAL N   CA   sing N N 356 
VAL N   H    sing N N 357 
VAL N   H2   sing N N 358 
VAL CA  C    sing N N 359 
VAL CA  CB   sing N N 360 
VAL CA  HA   sing N N 361 
VAL C   O    doub N N 362 
VAL C   OXT  sing N N 363 
VAL CB  CG1  sing N N 364 
VAL CB  CG2  sing N N 365 
VAL CB  HB   sing N N 366 
VAL CG1 HG11 sing N N 367 
VAL CG1 HG12 sing N N 368 
VAL CG1 HG13 sing N N 369 
VAL CG2 HG21 sing N N 370 
VAL CG2 HG22 sing N N 371 
VAL CG2 HG23 sing N N 372 
VAL OXT HXT  sing N N 373 
# 
_pdbx_nmr_spectrometer.spectrometer_id   1 
_pdbx_nmr_spectrometer.model             UNITYPLUS 
_pdbx_nmr_spectrometer.manufacturer      Varian 
_pdbx_nmr_spectrometer.field_strength    600 
# 
_atom_sites.entry_id                    1BFJ 
_atom_sites.fract_transf_matrix[1][1]   1.000000 
_atom_sites.fract_transf_matrix[1][2]   0.000000 
_atom_sites.fract_transf_matrix[1][3]   0.000000 
_atom_sites.fract_transf_matrix[2][1]   0.000000 
_atom_sites.fract_transf_matrix[2][2]   1.000000 
_atom_sites.fract_transf_matrix[2][3]   0.000000 
_atom_sites.fract_transf_matrix[3][1]   0.000000 
_atom_sites.fract_transf_matrix[3][2]   0.000000 
_atom_sites.fract_transf_matrix[3][3]   1.000000 
_atom_sites.fract_transf_vector[1]      0.00000 
_atom_sites.fract_transf_vector[2]      0.00000 
_atom_sites.fract_transf_vector[3]      0.00000 
# 
loop_
_atom_type.symbol 
C 
H 
N 
O 
S 
# 
loop_
_atom_site.group_PDB 
_atom_site.id 
_atom_site.type_symbol 
_atom_site.label_atom_id 
_atom_site.label_alt_id 
_atom_site.label_comp_id 
_atom_site.label_asym_id 
_atom_site.label_entity_id 
_atom_site.label_seq_id 
_atom_site.pdbx_PDB_ins_code 
_atom_site.Cartn_x 
_atom_site.Cartn_y 
_atom_site.Cartn_z 
_atom_site.occupancy 
_atom_site.B_iso_or_equiv 
_atom_site.pdbx_formal_charge 
_atom_site.auth_seq_id 
_atom_site.auth_comp_id 
_atom_site.auth_asym_id 
_atom_site.auth_atom_id 
_atom_site.pdbx_PDB_model_num 
ATOM 1    N N    . GLU A 1 2   ? 8.366   18.840  5.551   1.00 2.71  ? 1   GLU A N    1 
ATOM 2    C CA   . GLU A 1 2   ? 8.727   18.579  4.128   1.00 2.48  ? 1   GLU A CA   1 
ATOM 3    C C    . GLU A 1 2   ? 7.538   17.942  3.403   1.00 2.03  ? 1   GLU A C    1 
ATOM 4    O O    . GLU A 1 2   ? 6.711   17.283  4.003   1.00 2.24  ? 1   GLU A O    1 
ATOM 5    C CB   . GLU A 1 2   ? 9.922   17.626  4.073   1.00 3.01  ? 1   GLU A CB   1 
ATOM 6    C CG   . GLU A 1 2   ? 11.137  18.287  4.725   1.00 3.87  ? 1   GLU A CG   1 
ATOM 7    C CD   . GLU A 1 2   ? 10.999  18.209  6.247   1.00 4.67  ? 1   GLU A CD   1 
ATOM 8    O OE1  . GLU A 1 2   ? 9.991   17.700  6.705   1.00 5.50  ? 1   GLU A OE1  1 
ATOM 9    O OE2  . GLU A 1 2   ? 11.905  18.660  6.927   1.00 4.76  ? 1   GLU A OE2  1 
ATOM 10   H HA   . GLU A 1 2   ? 8.984   19.509  3.645   1.00 3.00  ? 1   GLU A HA   1 
ATOM 11   H HB2  . GLU A 1 2   ? 9.681   16.713  4.599   1.00 3.24  ? 1   GLU A HB2  1 
ATOM 12   H HB3  . GLU A 1 2   ? 10.150  17.399  3.042   1.00 3.24  ? 1   GLU A HB3  1 
ATOM 13   H HG2  . GLU A 1 2   ? 12.036  17.771  4.417   1.00 4.15  ? 1   GLU A HG2  1 
ATOM 14   H HG3  . GLU A 1 2   ? 11.191  19.322  4.422   1.00 4.13  ? 1   GLU A HG3  1 
ATOM 15   N N    . ASP A 1 3   ? 7.449   18.131  2.113   1.00 1.73  ? 2   ASP A N    1 
ATOM 16   C CA   . ASP A 1 3   ? 6.318   17.535  1.347   1.00 1.61  ? 2   ASP A CA   1 
ATOM 17   C C    . ASP A 1 3   ? 6.417   16.011  1.411   1.00 1.34  ? 2   ASP A C    1 
ATOM 18   O O    . ASP A 1 3   ? 7.486   15.444  1.310   1.00 1.32  ? 2   ASP A O    1 
ATOM 19   C CB   . ASP A 1 3   ? 6.387   17.997  -0.114  1.00 1.88  ? 2   ASP A CB   1 
ATOM 20   C CG   . ASP A 1 3   ? 5.167   17.475  -0.877  1.00 2.23  ? 2   ASP A CG   1 
ATOM 21   O OD1  . ASP A 1 3   ? 4.446   16.661  -0.321  1.00 2.61  ? 2   ASP A OD1  1 
ATOM 22   O OD2  . ASP A 1 3   ? 4.974   17.900  -2.005  1.00 2.69  ? 2   ASP A OD2  1 
ATOM 23   H H    . ASP A 1 3   ? 8.128   18.663  1.650   1.00 1.87  ? 2   ASP A H    1 
ATOM 24   H HA   . ASP A 1 3   ? 5.382   17.852  1.780   1.00 1.86  ? 2   ASP A HA   1 
ATOM 25   H HB2  . ASP A 1 3   ? 6.399   19.077  -0.150  1.00 2.30  ? 2   ASP A HB2  1 
ATOM 26   H HB3  . ASP A 1 3   ? 7.287   17.612  -0.571  1.00 2.32  ? 2   ASP A HB3  1 
ATOM 27   N N    . LEU A 1 4   ? 5.310   15.343  1.586   1.00 1.20  ? 3   LEU A N    1 
ATOM 28   C CA   . LEU A 1 4   ? 5.343   13.857  1.663   1.00 0.97  ? 3   LEU A CA   1 
ATOM 29   C C    . LEU A 1 4   ? 4.986   13.262  0.295   1.00 0.79  ? 3   LEU A C    1 
ATOM 30   O O    . LEU A 1 4   ? 3.929   13.533  -0.240  1.00 0.85  ? 3   LEU A O    1 
ATOM 31   C CB   . LEU A 1 4   ? 4.321   13.383  2.701   1.00 1.04  ? 3   LEU A CB   1 
ATOM 32   C CG   . LEU A 1 4   ? 4.735   13.874  4.088   1.00 1.31  ? 3   LEU A CG   1 
ATOM 33   C CD1  . LEU A 1 4   ? 3.665   13.485  5.112   1.00 1.86  ? 3   LEU A CD1  1 
ATOM 34   C CD2  . LEU A 1 4   ? 6.067   13.222  4.469   1.00 1.60  ? 3   LEU A CD2  1 
ATOM 35   H H    . LEU A 1 4   ? 4.458   15.819  1.668   1.00 1.30  ? 3   LEU A H    1 
ATOM 36   H HA   . LEU A 1 4   ? 6.325   13.539  1.964   1.00 0.98  ? 3   LEU A HA   1 
ATOM 37   H HB2  . LEU A 1 4   ? 3.347   13.778  2.453   1.00 1.20  ? 3   LEU A HB2  1 
ATOM 38   H HB3  . LEU A 1 4   ? 4.284   12.303  2.701   1.00 1.22  ? 3   LEU A HB3  1 
ATOM 39   H HG   . LEU A 1 4   ? 4.847   14.948  4.074   1.00 1.93  ? 3   LEU A HG   1 
ATOM 40   H HD11 . LEU A 1 4   ? 2.723   13.936  4.838   1.00 2.30  ? 3   LEU A HD11 1 
ATOM 41   H HD12 . LEU A 1 4   ? 3.556   12.410  5.131   1.00 2.26  ? 3   LEU A HD12 1 
ATOM 42   H HD13 . LEU A 1 4   ? 3.958   13.834  6.092   1.00 2.36  ? 3   LEU A HD13 1 
ATOM 43   H HD21 . LEU A 1 4   ? 6.193   12.306  3.907   1.00 2.02  ? 3   LEU A HD21 1 
ATOM 44   H HD22 . LEU A 1 4   ? 6.877   13.900  4.238   1.00 2.04  ? 3   LEU A HD22 1 
ATOM 45   H HD23 . LEU A 1 4   ? 6.072   12.999  5.525   1.00 2.08  ? 3   LEU A HD23 1 
ATOM 46   N N    . PRO A 1 5   ? 5.841   12.440  -0.269  1.00 0.66  ? 4   PRO A N    1 
ATOM 47   C CA   . PRO A 1 5   ? 5.567   11.799  -1.587  1.00 0.57  ? 4   PRO A CA   1 
ATOM 48   C C    . PRO A 1 5   ? 4.216   11.075  -1.586  1.00 0.51  ? 4   PRO A C    1 
ATOM 49   O O    . PRO A 1 5   ? 3.674   10.743  -2.621  1.00 0.50  ? 4   PRO A O    1 
ATOM 50   C CB   . PRO A 1 5   ? 6.712   10.799  -1.770  1.00 0.59  ? 4   PRO A CB   1 
ATOM 51   C CG   . PRO A 1 5   ? 7.810   11.272  -0.877  1.00 0.76  ? 4   PRO A CG   1 
ATOM 52   C CD   . PRO A 1 5   ? 7.151   12.032  0.273   1.00 0.71  ? 4   PRO A CD   1 
ATOM 53   H HA   . PRO A 1 5   ? 5.598   12.533  -2.375  1.00 0.68  ? 4   PRO A HA   1 
ATOM 54   H HB2  . PRO A 1 5   ? 6.391   9.811   -1.476  1.00 0.76  ? 4   PRO A HB2  1 
ATOM 55   H HB3  . PRO A 1 5   ? 7.048   10.796  -2.796  1.00 0.78  ? 4   PRO A HB3  1 
ATOM 56   H HG2  . PRO A 1 5   ? 8.367   10.425  -0.497  1.00 1.07  ? 4   PRO A HG2  1 
ATOM 57   H HG3  . PRO A 1 5   ? 8.467   11.935  -1.417  1.00 1.05  ? 4   PRO A HG3  1 
ATOM 58   H HD2  . PRO A 1 5   ? 7.027   11.384  1.130   1.00 0.77  ? 4   PRO A HD2  1 
ATOM 59   H HD3  . PRO A 1 5   ? 7.738   12.899  0.527   1.00 0.84  ? 4   PRO A HD3  1 
ATOM 60   N N    . HIS A 1 6   ? 3.677   10.821  -0.423  1.00 0.56  ? 5   HIS A N    1 
ATOM 61   C CA   . HIS A 1 6   ? 2.369   10.112  -0.334  1.00 0.60  ? 5   HIS A CA   1 
ATOM 62   C C    . HIS A 1 6   ? 1.270   10.965  -0.966  1.00 0.64  ? 5   HIS A C    1 
ATOM 63   O O    . HIS A 1 6   ? 0.250   10.463  -1.380  1.00 0.71  ? 5   HIS A O    1 
ATOM 64   C CB   . HIS A 1 6   ? 2.027   9.860   1.135   1.00 0.69  ? 5   HIS A CB   1 
ATOM 65   C CG   . HIS A 1 6   ? 3.059   8.950   1.735   1.00 0.74  ? 5   HIS A CG   1 
ATOM 66   N ND1  . HIS A 1 6   ? 3.327   7.695   1.218   1.00 0.76  ? 5   HIS A ND1  1 
ATOM 67   C CD2  . HIS A 1 6   ? 3.901   9.101   2.809   1.00 1.20  ? 5   HIS A CD2  1 
ATOM 68   C CE1  . HIS A 1 6   ? 4.294   7.145   1.972   1.00 0.77  ? 5   HIS A CE1  1 
ATOM 69   N NE2  . HIS A 1 6   ? 4.680   7.959   2.957   1.00 1.14  ? 5   HIS A NE2  1 
ATOM 70   H H    . HIS A 1 6   ? 4.139   11.096  0.398   1.00 0.63  ? 5   HIS A H    1 
ATOM 71   H HA   . HIS A 1 6   ? 2.435   9.169   -0.854  1.00 0.58  ? 5   HIS A HA   1 
ATOM 72   H HB2  . HIS A 1 6   ? 2.017   10.797  1.670   1.00 0.77  ? 5   HIS A HB2  1 
ATOM 73   H HB3  . HIS A 1 6   ? 1.054   9.395   1.205   1.00 0.74  ? 5   HIS A HB3  1 
ATOM 74   H HD1  . HIS A 1 6   ? 2.893   7.283   0.442   1.00 1.10  ? 5   HIS A HD1  1 
ATOM 75   H HD2  . HIS A 1 6   ? 3.953   9.975   3.441   1.00 1.69  ? 5   HIS A HD2  1 
ATOM 76   H HE1  . HIS A 1 6   ? 4.711   6.167   1.801   1.00 0.85  ? 5   HIS A HE1  1 
ATOM 77   N N    . HIS A 1 7   ? 1.463   12.250  -1.034  1.00 0.68  ? 6   HIS A N    1 
ATOM 78   C CA   . HIS A 1 7   ? 0.419   13.127  -1.634  1.00 0.77  ? 6   HIS A CA   1 
ATOM 79   C C    . HIS A 1 7   ? 0.175   12.740  -3.098  1.00 0.72  ? 6   HIS A C    1 
ATOM 80   O O    . HIS A 1 7   ? -0.929  12.834  -3.595  1.00 0.79  ? 6   HIS A O    1 
ATOM 81   C CB   . HIS A 1 7   ? 0.870   14.586  -1.556  1.00 0.86  ? 6   HIS A CB   1 
ATOM 82   C CG   . HIS A 1 7   ? 0.827   15.040  -0.124  1.00 0.91  ? 6   HIS A CG   1 
ATOM 83   N ND1  . HIS A 1 7   ? -0.369  15.229  0.550   1.00 1.51  ? 6   HIS A ND1  1 
ATOM 84   C CD2  . HIS A 1 7   ? 1.817   15.340  0.777   1.00 1.18  ? 6   HIS A CD2  1 
ATOM 85   C CE1  . HIS A 1 7   ? -0.072  15.622  1.800   1.00 1.73  ? 6   HIS A CE1  1 
ATOM 86   N NE2  . HIS A 1 7   ? 1.247   15.705  1.993   1.00 1.47  ? 6   HIS A NE2  1 
ATOM 87   H H    . HIS A 1 7   ? 2.291   12.640  -0.685  1.00 0.68  ? 6   HIS A H    1 
ATOM 88   H HA   . HIS A 1 7   ? -0.500  13.011  -1.079  1.00 0.86  ? 6   HIS A HA   1 
ATOM 89   H HB2  . HIS A 1 7   ? 1.877   14.675  -1.932  1.00 1.03  ? 6   HIS A HB2  1 
ATOM 90   H HB3  . HIS A 1 7   ? 0.210   15.201  -2.147  1.00 1.12  ? 6   HIS A HB3  1 
ATOM 91   H HD1  . HIS A 1 7   ? -1.268  15.103  0.180   1.00 1.96  ? 6   HIS A HD1  1 
ATOM 92   H HD2  . HIS A 1 7   ? 2.877   15.298  0.574   1.00 1.62  ? 6   HIS A HD2  1 
ATOM 93   H HE1  . HIS A 1 7   ? -0.811  15.844  2.557   1.00 2.33  ? 6   HIS A HE1  1 
ATOM 94   N N    . ASP A 1 8   ? 1.198   12.323  -3.796  1.00 0.66  ? 7   ASP A N    1 
ATOM 95   C CA   . ASP A 1 8   ? 1.025   11.952  -5.231  1.00 0.67  ? 7   ASP A CA   1 
ATOM 96   C C    . ASP A 1 8   ? 0.764   10.447  -5.377  1.00 0.51  ? 7   ASP A C    1 
ATOM 97   O O    . ASP A 1 8   ? 1.485   9.626   -4.852  1.00 0.48  ? 7   ASP A O    1 
ATOM 98   C CB   . ASP A 1 8   ? 2.297   12.315  -5.994  1.00 0.80  ? 7   ASP A CB   1 
ATOM 99   C CG   . ASP A 1 8   ? 2.464   13.835  -6.022  1.00 1.20  ? 7   ASP A CG   1 
ATOM 100  O OD1  . ASP A 1 8   ? 1.467   14.524  -5.877  1.00 1.68  ? 7   ASP A OD1  1 
ATOM 101  O OD2  . ASP A 1 8   ? 3.585   14.284  -6.191  1.00 1.67  ? 7   ASP A OD2  1 
ATOM 102  H H    . ASP A 1 8   ? 2.081   12.266  -3.383  1.00 0.66  ? 7   ASP A H    1 
ATOM 103  H HA   . ASP A 1 8   ? 0.194   12.501  -5.640  1.00 0.79  ? 7   ASP A HA   1 
ATOM 104  H HB2  . ASP A 1 8   ? 3.150   11.865  -5.503  1.00 1.01  ? 7   ASP A HB2  1 
ATOM 105  H HB3  . ASP A 1 8   ? 2.228   11.942  -7.005  1.00 1.07  ? 7   ASP A HB3  1 
ATOM 106  N N    . GLU A 1 9   ? -0.262  10.085  -6.104  1.00 0.53  ? 8   GLU A N    1 
ATOM 107  C CA   . GLU A 1 9   ? -0.585  8.641   -6.309  1.00 0.52  ? 8   GLU A CA   1 
ATOM 108  C C    . GLU A 1 9   ? 0.490   7.976   -7.169  1.00 0.44  ? 8   GLU A C    1 
ATOM 109  O O    . GLU A 1 9   ? 0.744   6.797   -7.059  1.00 0.43  ? 8   GLU A O    1 
ATOM 110  C CB   . GLU A 1 9   ? -1.934  8.525   -7.015  1.00 0.70  ? 8   GLU A CB   1 
ATOM 111  C CG   . GLU A 1 9   ? -3.029  9.085   -6.110  1.00 0.86  ? 8   GLU A CG   1 
ATOM 112  C CD   . GLU A 1 9   ? -4.347  9.149   -6.884  1.00 1.30  ? 8   GLU A CD   1 
ATOM 113  O OE1  . GLU A 1 9   ? -4.314  8.952   -8.088  1.00 1.53  ? 8   GLU A OE1  1 
ATOM 114  O OE2  . GLU A 1 9   ? -5.365  9.396   -6.259  1.00 2.04  ? 8   GLU A OE2  1 
ATOM 115  H H    . GLU A 1 9   ? -0.822  10.771  -6.525  1.00 0.62  ? 8   GLU A H    1 
ATOM 116  H HA   . GLU A 1 9   ? -0.638  8.143   -5.355  1.00 0.55  ? 8   GLU A HA   1 
ATOM 117  H HB2  . GLU A 1 9   ? -1.905  9.085   -7.939  1.00 1.29  ? 8   GLU A HB2  1 
ATOM 118  H HB3  . GLU A 1 9   ? -2.141  7.486   -7.228  1.00 1.40  ? 8   GLU A HB3  1 
ATOM 119  H HG2  . GLU A 1 9   ? -3.146  8.442   -5.250  1.00 1.51  ? 8   GLU A HG2  1 
ATOM 120  H HG3  . GLU A 1 9   ? -2.756  10.078  -5.784  1.00 1.26  ? 8   GLU A HG3  1 
ATOM 121  N N    . LYS A 1 10  ? 1.111   8.717   -8.034  1.00 0.48  ? 9   LYS A N    1 
ATOM 122  C CA   . LYS A 1 10  ? 2.152   8.117   -8.912  1.00 0.51  ? 9   LYS A CA   1 
ATOM 123  C C    . LYS A 1 10  ? 3.275   7.532   -8.062  1.00 0.43  ? 9   LYS A C    1 
ATOM 124  O O    . LYS A 1 10  ? 3.872   6.528   -8.402  1.00 0.46  ? 9   LYS A O    1 
ATOM 125  C CB   . LYS A 1 10  ? 2.730   9.217   -9.799  1.00 0.67  ? 9   LYS A CB   1 
ATOM 126  C CG   . LYS A 1 10  ? 3.647   10.096  -8.942  1.00 1.17  ? 9   LYS A CG   1 
ATOM 127  C CD   . LYS A 1 10  ? 3.823   11.470  -9.593  1.00 1.51  ? 9   LYS A CD   1 
ATOM 128  C CE   . LYS A 1 10  ? 4.327   12.466  -8.544  1.00 2.06  ? 9   LYS A CE   1 
ATOM 129  N NZ   . LYS A 1 10  ? 5.471   13.242  -9.104  1.00 2.86  ? 9   LYS A NZ   1 
ATOM 130  H H    . LYS A 1 10  ? 0.885   9.667   -8.120  1.00 0.55  ? 9   LYS A H    1 
ATOM 131  H HA   . LYS A 1 10  ? 1.717   7.344   -9.518  1.00 0.55  ? 9   LYS A HA   1 
ATOM 132  H HB2  . LYS A 1 10  ? 3.293   8.773   -10.607 1.00 1.16  ? 9   LYS A HB2  1 
ATOM 133  H HB3  . LYS A 1 10  ? 1.928   9.817   -10.199 1.00 1.20  ? 9   LYS A HB3  1 
ATOM 134  H HG2  . LYS A 1 10  ? 3.212   10.218  -7.961  1.00 1.85  ? 9   LYS A HG2  1 
ATOM 135  H HG3  . LYS A 1 10  ? 4.613   9.620   -8.846  1.00 1.74  ? 9   LYS A HG3  1 
ATOM 136  H HD2  . LYS A 1 10  ? 4.542   11.397  -10.397 1.00 1.87  ? 9   LYS A HD2  1 
ATOM 137  H HD3  . LYS A 1 10  ? 2.875   11.809  -9.983  1.00 1.85  ? 9   LYS A HD3  1 
ATOM 138  H HE2  . LYS A 1 10  ? 3.531   13.144  -8.279  1.00 2.26  ? 9   LYS A HE2  1 
ATOM 139  H HE3  . LYS A 1 10  ? 4.652   11.931  -7.660  1.00 2.17  ? 9   LYS A HE3  1 
ATOM 140  H HZ1  . LYS A 1 10  ? 5.867   12.732  -9.921  1.00 3.13  ? 9   LYS A HZ1  1 
ATOM 141  H HZ2  . LYS A 1 10  ? 5.138   14.178  -9.408  1.00 3.21  ? 9   LYS A HZ2  1 
ATOM 142  H HZ3  . LYS A 1 10  ? 6.204   13.358  -8.377  1.00 3.31  ? 9   LYS A HZ3  1 
ATOM 143  N N    . THR A 1 11  ? 3.570   8.153   -6.963  1.00 0.38  ? 10  THR A N    1 
ATOM 144  C CA   . THR A 1 11  ? 4.654   7.649   -6.087  1.00 0.35  ? 10  THR A CA   1 
ATOM 145  C C    . THR A 1 11  ? 4.321   6.237   -5.588  1.00 0.32  ? 10  THR A C    1 
ATOM 146  O O    . THR A 1 11  ? 5.190   5.398   -5.455  1.00 0.37  ? 10  THR A O    1 
ATOM 147  C CB   . THR A 1 11  ? 4.820   8.615   -4.910  1.00 0.37  ? 10  THR A CB   1 
ATOM 148  O OG1  . THR A 1 11  ? 3.538   8.957   -4.406  1.00 0.44  ? 10  THR A OG1  1 
ATOM 149  C CG2  . THR A 1 11  ? 5.534   9.885   -5.382  1.00 0.53  ? 10  THR A CG2  1 
ATOM 150  H H    . THR A 1 11  ? 3.075   8.961   -6.711  1.00 0.41  ? 10  THR A H    1 
ATOM 151  H HA   . THR A 1 11  ? 5.573   7.612   -6.647  1.00 0.39  ? 10  THR A HA   1 
ATOM 152  H HB   . THR A 1 11  ? 5.402   8.146   -4.133  1.00 0.41  ? 10  THR A HB   1 
ATOM 153  H HG1  . THR A 1 11  ? 2.896   8.810   -5.105  1.00 0.99  ? 10  THR A HG1  1 
ATOM 154  H HG21 . THR A 1 11  ? 5.061   10.254  -6.279  1.00 1.25  ? 10  THR A HG21 1 
ATOM 155  H HG22 . THR A 1 11  ? 5.476   10.637  -4.609  1.00 1.20  ? 10  THR A HG22 1 
ATOM 156  H HG23 . THR A 1 11  ? 6.571   9.661   -5.588  1.00 1.04  ? 10  THR A HG23 1 
ATOM 157  N N    . TRP A 1 12  ? 3.077   5.962   -5.311  1.00 0.27  ? 11  TRP A N    1 
ATOM 158  C CA   . TRP A 1 12  ? 2.717   4.598   -4.820  1.00 0.27  ? 11  TRP A CA   1 
ATOM 159  C C    . TRP A 1 12  ? 1.746   3.912   -5.791  1.00 0.27  ? 11  TRP A C    1 
ATOM 160  O O    . TRP A 1 12  ? 1.758   2.708   -5.940  1.00 0.39  ? 11  TRP A O    1 
ATOM 161  C CB   . TRP A 1 12  ? 2.067   4.712   -3.443  1.00 0.27  ? 11  TRP A CB   1 
ATOM 162  C CG   . TRP A 1 12  ? 1.527   6.089   -3.279  1.00 0.28  ? 11  TRP A CG   1 
ATOM 163  C CD1  . TRP A 1 12  ? 2.280   7.201   -3.164  1.00 0.33  ? 11  TRP A CD1  1 
ATOM 164  C CD2  . TRP A 1 12  ? 0.143   6.517   -3.214  1.00 0.30  ? 11  TRP A CD2  1 
ATOM 165  N NE1  . TRP A 1 12  ? 1.444   8.296   -3.043  1.00 0.37  ? 11  TRP A NE1  1 
ATOM 166  C CE2  . TRP A 1 12  ? 0.111   7.923   -3.062  1.00 0.35  ? 11  TRP A CE2  1 
ATOM 167  C CE3  . TRP A 1 12  ? -1.078  5.827   -3.272  1.00 0.32  ? 11  TRP A CE3  1 
ATOM 168  C CZ2  . TRP A 1 12  ? -1.099  8.617   -2.973  1.00 0.40  ? 11  TRP A CZ2  1 
ATOM 169  C CZ3  . TRP A 1 12  ? -2.293  6.520   -3.181  1.00 0.36  ? 11  TRP A CZ3  1 
ATOM 170  C CH2  . TRP A 1 12  ? -2.303  7.913   -3.030  1.00 0.40  ? 11  TRP A CH2  1 
ATOM 171  H H    . TRP A 1 12  ? 2.385   6.647   -5.427  1.00 0.27  ? 11  TRP A H    1 
ATOM 172  H HA   . TRP A 1 12  ? 3.614   4.006   -4.738  1.00 0.30  ? 11  TRP A HA   1 
ATOM 173  H HB2  . TRP A 1 12  ? 1.265   3.995   -3.361  1.00 0.27  ? 11  TRP A HB2  1 
ATOM 174  H HB3  . TRP A 1 12  ? 2.803   4.519   -2.678  1.00 0.30  ? 11  TRP A HB3  1 
ATOM 175  H HD1  . TRP A 1 12  ? 3.359   7.227   -3.173  1.00 0.35  ? 11  TRP A HD1  1 
ATOM 176  H HE1  . TRP A 1 12  ? 1.741   9.227   -2.953  1.00 0.42  ? 11  TRP A HE1  1 
ATOM 177  H HE3  . TRP A 1 12  ? -1.079  4.755   -3.389  1.00 0.32  ? 11  TRP A HE3  1 
ATOM 178  H HZ2  . TRP A 1 12  ? -1.106  9.690   -2.860  1.00 0.45  ? 11  TRP A HZ2  1 
ATOM 179  H HZ3  . TRP A 1 12  ? -3.225  5.978   -3.226  1.00 0.40  ? 11  TRP A HZ3  1 
ATOM 180  H HH2  . TRP A 1 12  ? -3.241  8.442   -2.961  1.00 0.45  ? 11  TRP A HH2  1 
ATOM 181  N N    . ASN A 1 13  ? 0.903   4.665   -6.444  1.00 0.28  ? 12  ASN A N    1 
ATOM 182  C CA   . ASN A 1 13  ? -0.072  4.049   -7.394  1.00 0.30  ? 12  ASN A CA   1 
ATOM 183  C C    . ASN A 1 13  ? 0.609   3.776   -8.737  1.00 0.31  ? 12  ASN A C    1 
ATOM 184  O O    . ASN A 1 13  ? 1.248   4.636   -9.305  1.00 0.42  ? 12  ASN A O    1 
ATOM 185  C CB   . ASN A 1 13  ? -1.244  5.009   -7.603  1.00 0.39  ? 12  ASN A CB   1 
ATOM 186  C CG   . ASN A 1 13  ? -2.352  4.291   -8.370  1.00 0.99  ? 12  ASN A CG   1 
ATOM 187  O OD1  . ASN A 1 13  ? -2.083  3.453   -9.207  1.00 1.72  ? 12  ASN A OD1  1 
ATOM 188  N ND2  . ASN A 1 13  ? -3.596  4.583   -8.113  1.00 1.35  ? 12  ASN A ND2  1 
ATOM 189  H H    . ASN A 1 13  ? 0.905   5.635   -6.307  1.00 0.36  ? 12  ASN A H    1 
ATOM 190  H HA   . ASN A 1 13  ? -0.436  3.121   -6.985  1.00 0.34  ? 12  ASN A HA   1 
ATOM 191  H HB2  . ASN A 1 13  ? -1.619  5.334   -6.644  1.00 0.76  ? 12  ASN A HB2  1 
ATOM 192  H HB3  . ASN A 1 13  ? -0.912  5.864   -8.170  1.00 0.85  ? 12  ASN A HB3  1 
ATOM 193  H HD21 . ASN A 1 13  ? -3.811  5.255   -7.434  1.00 1.50  ? 12  ASN A HD21 1 
ATOM 194  H HD22 . ASN A 1 13  ? -4.315  4.129   -8.599  1.00 1.84  ? 12  ASN A HD22 1 
ATOM 195  N N    . VAL A 1 14  ? 0.478   2.582   -9.254  1.00 0.36  ? 13  VAL A N    1 
ATOM 196  C CA   . VAL A 1 14  ? 1.127   2.276   -10.558 1.00 0.47  ? 13  VAL A CA   1 
ATOM 197  C C    . VAL A 1 14  ? 0.051   2.062   -11.626 1.00 0.75  ? 13  VAL A C    1 
ATOM 198  O O    . VAL A 1 14  ? 0.347   1.909   -12.793 1.00 1.21  ? 13  VAL A O    1 
ATOM 199  C CB   . VAL A 1 14  ? 1.986   1.014   -10.422 1.00 0.61  ? 13  VAL A CB   1 
ATOM 200  C CG1  . VAL A 1 14  ? 2.604   0.657   -11.776 1.00 1.42  ? 13  VAL A CG1  1 
ATOM 201  C CG2  . VAL A 1 14  ? 3.105   1.271   -9.408  1.00 1.65  ? 13  VAL A CG2  1 
ATOM 202  H H    . VAL A 1 14  ? -0.041  1.893   -8.787  1.00 0.41  ? 13  VAL A H    1 
ATOM 203  H HA   . VAL A 1 14  ? 1.754   3.106   -10.847 1.00 0.63  ? 13  VAL A HA   1 
ATOM 204  H HB   . VAL A 1 14  ? 1.370   0.195   -10.080 1.00 1.33  ? 13  VAL A HB   1 
ATOM 205  H HG11 . VAL A 1 14  ? 2.955   1.557   -12.261 1.00 2.07  ? 13  VAL A HG11 1 
ATOM 206  H HG12 . VAL A 1 14  ? 3.434   -0.018  -11.624 1.00 1.94  ? 13  VAL A HG12 1 
ATOM 207  H HG13 . VAL A 1 14  ? 1.862   0.179   -12.396 1.00 2.00  ? 13  VAL A HG13 1 
ATOM 208  H HG21 . VAL A 1 14  ? 3.628   2.176   -9.673  1.00 2.23  ? 13  VAL A HG21 1 
ATOM 209  H HG22 . VAL A 1 14  ? 2.679   1.376   -8.424  1.00 2.19  ? 13  VAL A HG22 1 
ATOM 210  H HG23 . VAL A 1 14  ? 3.795   0.439   -9.415  1.00 2.20  ? 13  VAL A HG23 1 
ATOM 211  N N    . GLY A 1 15  ? -1.197  2.060   -11.242 1.00 0.62  ? 14  GLY A N    1 
ATOM 212  C CA   . GLY A 1 15  ? -2.277  1.863   -12.249 1.00 1.02  ? 14  GLY A CA   1 
ATOM 213  C C    . GLY A 1 15  ? -2.783  0.422   -12.190 1.00 0.63  ? 14  GLY A C    1 
ATOM 214  O O    . GLY A 1 15  ? -2.665  -0.248  -11.184 1.00 1.11  ? 14  GLY A O    1 
ATOM 215  H H    . GLY A 1 15  ? -1.424  2.189   -10.296 1.00 0.40  ? 14  GLY A H    1 
ATOM 216  H HA2  . GLY A 1 15  ? -3.091  2.543   -12.040 1.00 1.66  ? 14  GLY A HA2  1 
ATOM 217  H HA3  . GLY A 1 15  ? -1.886  2.063   -13.235 1.00 1.40  ? 14  GLY A HA3  1 
ATOM 218  N N    . SER A 1 16  ? -3.347  -0.059  -13.264 1.00 1.08  ? 15  SER A N    1 
ATOM 219  C CA   . SER A 1 16  ? -3.861  -1.456  -13.275 1.00 1.55  ? 15  SER A CA   1 
ATOM 220  C C    . SER A 1 16  ? -2.775  -2.389  -13.802 1.00 1.21  ? 15  SER A C    1 
ATOM 221  O O    . SER A 1 16  ? -3.025  -3.252  -14.620 1.00 1.14  ? 15  SER A O    1 
ATOM 222  C CB   . SER A 1 16  ? -5.090  -1.543  -14.178 1.00 2.41  ? 15  SER A CB   1 
ATOM 223  O OG   . SER A 1 16  ? -4.685  -1.404  -15.534 1.00 3.10  ? 15  SER A OG   1 
ATOM 224  H H    . SER A 1 16  ? -3.429  0.498   -14.066 1.00 1.56  ? 15  SER A H    1 
ATOM 225  H HA   . SER A 1 16  ? -4.132  -1.749  -12.271 1.00 1.85  ? 15  SER A HA   1 
ATOM 226  H HB2  . SER A 1 16  ? -5.571  -2.498  -14.047 1.00 2.74  ? 15  SER A HB2  1 
ATOM 227  H HB3  . SER A 1 16  ? -5.783  -0.755  -13.916 1.00 2.80  ? 15  SER A HB3  1 
ATOM 228  H HG   . SER A 1 16  ? -3.814  -1.797  -15.626 1.00 3.22  ? 15  SER A HG   1 
ATOM 229  N N    . SER A 1 17  ? -1.568  -2.223  -13.344 1.00 1.45  ? 16  SER A N    1 
ATOM 230  C CA   . SER A 1 17  ? -0.466  -3.101  -13.820 1.00 1.20  ? 16  SER A CA   1 
ATOM 231  C C    . SER A 1 17  ? -0.772  -4.552  -13.451 1.00 1.08  ? 16  SER A C    1 
ATOM 232  O O    . SER A 1 17  ? -1.437  -4.826  -12.473 1.00 1.22  ? 16  SER A O    1 
ATOM 233  C CB   . SER A 1 17  ? 0.845   -2.676  -13.162 1.00 1.15  ? 16  SER A CB   1 
ATOM 234  O OG   . SER A 1 17  ? 1.858   -3.618  -13.492 1.00 1.89  ? 16  SER A OG   1 
ATOM 235  H H    . SER A 1 17  ? -1.387  -1.521  -12.684 1.00 1.97  ? 16  SER A H    1 
ATOM 236  H HA   . SER A 1 17  ? -0.376  -3.012  -14.892 1.00 1.27  ? 16  SER A HA   1 
ATOM 237  H HB2  . SER A 1 17  ? 1.133   -1.704  -13.523 1.00 1.33  ? 16  SER A HB2  1 
ATOM 238  H HB3  . SER A 1 17  ? 0.714   -2.633  -12.090 1.00 1.50  ? 16  SER A HB3  1 
ATOM 239  H HG   . SER A 1 17  ? 2.701   -3.259  -13.212 1.00 2.31  ? 16  SER A HG   1 
ATOM 240  N N    . ASN A 1 18  ? -0.298  -5.485  -14.227 1.00 0.98  ? 17  ASN A N    1 
ATOM 241  C CA   . ASN A 1 18  ? -0.569  -6.914  -13.913 1.00 0.99  ? 17  ASN A CA   1 
ATOM 242  C C    . ASN A 1 18  ? 0.130   -7.283  -12.605 1.00 0.89  ? 17  ASN A C    1 
ATOM 243  O O    . ASN A 1 18  ? 1.161   -6.736  -12.266 1.00 1.27  ? 17  ASN A O    1 
ATOM 244  C CB   . ASN A 1 18  ? -0.049  -7.799  -15.049 1.00 1.00  ? 17  ASN A CB   1 
ATOM 245  C CG   . ASN A 1 18  ? -0.845  -7.489  -16.316 1.00 1.65  ? 17  ASN A CG   1 
ATOM 246  O OD1  . ASN A 1 18  ? -0.394  -7.743  -17.416 1.00 2.46  ? 17  ASN A OD1  1 
ATOM 247  N ND2  . ASN A 1 18  ? -2.023  -6.943  -16.199 1.00 2.08  ? 17  ASN A ND2  1 
ATOM 248  H H    . ASN A 1 18  ? 0.232   -5.247  -15.016 1.00 1.02  ? 17  ASN A H    1 
ATOM 249  H HA   . ASN A 1 18  ? -1.633  -7.060  -13.802 1.00 1.15  ? 17  ASN A HA   1 
ATOM 250  H HB2  . ASN A 1 18  ? 0.999   -7.600  -15.217 1.00 1.36  ? 17  ASN A HB2  1 
ATOM 251  H HB3  . ASN A 1 18  ? -0.182  -8.839  -14.790 1.00 1.45  ? 17  ASN A HB3  1 
ATOM 252  H HD21 . ASN A 1 18  ? -2.382  -6.739  -15.310 1.00 2.04  ? 17  ASN A HD21 1 
ATOM 253  H HD22 . ASN A 1 18  ? -2.550  -6.741  -16.997 1.00 2.82  ? 17  ASN A HD22 1 
ATOM 254  N N    . ARG A 1 19  ? -0.432  -8.203  -11.868 1.00 0.75  ? 18  ARG A N    1 
ATOM 255  C CA   . ARG A 1 19  ? 0.182   -8.613  -10.571 1.00 0.73  ? 18  ARG A CA   1 
ATOM 256  C C    . ARG A 1 19  ? 1.593   -9.163  -10.812 1.00 0.68  ? 18  ARG A C    1 
ATOM 257  O O    . ARG A 1 19  ? 2.495   -8.930  -10.032 1.00 0.64  ? 18  ARG A O    1 
ATOM 258  C CB   . ARG A 1 19  ? -0.685  -9.690  -9.908  1.00 0.83  ? 18  ARG A CB   1 
ATOM 259  C CG   . ARG A 1 19  ? -1.969  -9.059  -9.348  1.00 0.96  ? 18  ARG A CG   1 
ATOM 260  C CD   . ARG A 1 19  ? -2.778  -10.122 -8.596  1.00 1.61  ? 18  ARG A CD   1 
ATOM 261  N NE   . ARG A 1 19  ? -3.962  -9.481  -7.944  1.00 2.37  ? 18  ARG A NE   1 
ATOM 262  C CZ   . ARG A 1 19  ? -4.922  -10.223 -7.461  1.00 3.11  ? 18  ARG A CZ   1 
ATOM 263  N NH1  . ARG A 1 19  ? -4.842  -11.520 -7.541  1.00 3.31  ? 18  ARG A NH1  1 
ATOM 264  N NH2  . ARG A 1 19  ? -5.968  -9.664  -6.901  1.00 4.13  ? 18  ARG A NH2  1 
ATOM 265  H H    . ARG A 1 19  ? -1.263  -8.622  -12.167 1.00 1.00  ? 18  ARG A H    1 
ATOM 266  H HA   . ARG A 1 19  ? 0.245   -7.756  -9.919  1.00 0.75  ? 18  ARG A HA   1 
ATOM 267  H HB2  . ARG A 1 19  ? -0.939  -10.440 -10.644 1.00 0.95  ? 18  ARG A HB2  1 
ATOM 268  H HB3  . ARG A 1 19  ? -0.132  -10.149 -9.104  1.00 1.01  ? 18  ARG A HB3  1 
ATOM 269  H HG2  . ARG A 1 19  ? -1.712  -8.259  -8.669  1.00 1.26  ? 18  ARG A HG2  1 
ATOM 270  H HG3  . ARG A 1 19  ? -2.564  -8.666  -10.155 1.00 1.22  ? 18  ARG A HG3  1 
ATOM 271  H HD2  . ARG A 1 19  ? -3.118  -10.874 -9.288  1.00 2.04  ? 18  ARG A HD2  1 
ATOM 272  H HD3  . ARG A 1 19  ? -2.149  -10.584 -7.847  1.00 2.11  ? 18  ARG A HD3  1 
ATOM 273  H HE   . ARG A 1 19  ? -4.021  -8.505  -7.884  1.00 2.80  ? 18  ARG A HE   1 
ATOM 274  H HH11 . ARG A 1 19  ? -4.046  -11.947 -7.968  1.00 2.97  ? 18  ARG A HH11 1 
ATOM 275  H HH12 . ARG A 1 19  ? -5.577  -12.088 -7.182  1.00 4.14  ? 18  ARG A HH12 1 
ATOM 276  H HH21 . ARG A 1 19  ? -6.036  -8.665  -6.851  1.00 4.42  ? 18  ARG A HH21 1 
ATOM 277  H HH22 . ARG A 1 19  ? -6.690  -10.237 -6.508  1.00 4.81  ? 18  ARG A HH22 1 
ATOM 278  N N    . ASN A 1 20  ? 1.797   -9.882  -11.880 1.00 0.76  ? 19  ASN A N    1 
ATOM 279  C CA   . ASN A 1 20  ? 3.157   -10.429 -12.147 1.00 0.76  ? 19  ASN A CA   1 
ATOM 280  C C    . ASN A 1 20  ? 4.142   -9.270  -12.268 1.00 0.66  ? 19  ASN A C    1 
ATOM 281  O O    . ASN A 1 20  ? 5.239   -9.307  -11.743 1.00 0.63  ? 19  ASN A O    1 
ATOM 282  C CB   . ASN A 1 20  ? 3.144   -11.206 -13.463 1.00 0.89  ? 19  ASN A CB   1 
ATOM 283  C CG   . ASN A 1 20  ? 2.355   -12.497 -13.280 1.00 1.74  ? 19  ASN A CG   1 
ATOM 284  O OD1  . ASN A 1 20  ? 1.867   -13.070 -14.236 1.00 2.47  ? 19  ASN A OD1  1 
ATOM 285  N ND2  . ASN A 1 20  ? 2.210   -12.983 -12.082 1.00 2.50  ? 19  ASN A ND2  1 
ATOM 286  H H    . ASN A 1 20  ? 1.061   -10.063 -12.503 1.00 0.87  ? 19  ASN A H    1 
ATOM 287  H HA   . ASN A 1 20  ? 3.456   -11.081 -11.338 1.00 0.78  ? 19  ASN A HA   1 
ATOM 288  H HB2  . ASN A 1 20  ? 2.679   -10.603 -14.231 1.00 1.35  ? 19  ASN A HB2  1 
ATOM 289  H HB3  . ASN A 1 20  ? 4.157   -11.443 -13.756 1.00 1.35  ? 19  ASN A HB3  1 
ATOM 290  H HD21 . ASN A 1 20  ? 2.609   -12.518 -11.315 1.00 2.66  ? 19  ASN A HD21 1 
ATOM 291  H HD22 . ASN A 1 20  ? 1.709   -13.811 -11.947 1.00 3.26  ? 19  ASN A HD22 1 
ATOM 292  N N    . LYS A 1 21  ? 3.749   -8.233  -12.951 1.00 0.67  ? 20  LYS A N    1 
ATOM 293  C CA   . LYS A 1 21  ? 4.651   -7.065  -13.102 1.00 0.66  ? 20  LYS A CA   1 
ATOM 294  C C    . LYS A 1 21  ? 4.889   -6.454  -11.723 1.00 0.54  ? 20  LYS A C    1 
ATOM 295  O O    . LYS A 1 21  ? 5.963   -5.973  -11.418 1.00 0.53  ? 20  LYS A O    1 
ATOM 296  C CB   . LYS A 1 21  ? 4.004   -6.037  -14.035 1.00 0.78  ? 20  LYS A CB   1 
ATOM 297  C CG   . LYS A 1 21  ? 4.998   -4.916  -14.319 1.00 0.86  ? 20  LYS A CG   1 
ATOM 298  C CD   . LYS A 1 21  ? 4.434   -3.982  -15.392 1.00 1.25  ? 20  LYS A CD   1 
ATOM 299  C CE   . LYS A 1 21  ? 5.484   -2.928  -15.723 1.00 1.73  ? 20  LYS A CE   1 
ATOM 300  N NZ   . LYS A 1 21  ? 5.798   -2.168  -14.484 1.00 2.15  ? 20  LYS A NZ   1 
ATOM 301  H H    . LYS A 1 21  ? 2.858   -8.220  -13.356 1.00 0.73  ? 20  LYS A H    1 
ATOM 302  H HA   . LYS A 1 21  ? 5.593   -7.391  -13.519 1.00 0.69  ? 20  LYS A HA   1 
ATOM 303  H HB2  . LYS A 1 21  ? 3.728   -6.515  -14.961 1.00 1.26  ? 20  LYS A HB2  1 
ATOM 304  H HB3  . LYS A 1 21  ? 3.123   -5.626  -13.563 1.00 1.13  ? 20  LYS A HB3  1 
ATOM 305  H HG2  . LYS A 1 21  ? 5.175   -4.355  -13.413 1.00 1.31  ? 20  LYS A HG2  1 
ATOM 306  H HG3  . LYS A 1 21  ? 5.928   -5.339  -14.667 1.00 1.36  ? 20  LYS A HG3  1 
ATOM 307  H HD2  . LYS A 1 21  ? 4.194   -4.551  -16.281 1.00 1.84  ? 20  LYS A HD2  1 
ATOM 308  H HD3  . LYS A 1 21  ? 3.545   -3.496  -15.019 1.00 1.68  ? 20  LYS A HD3  1 
ATOM 309  H HE2  . LYS A 1 21  ? 6.379   -3.412  -16.087 1.00 2.30  ? 20  LYS A HE2  1 
ATOM 310  H HE3  . LYS A 1 21  ? 5.104   -2.255  -16.478 1.00 2.13  ? 20  LYS A HE3  1 
ATOM 311  H HZ1  . LYS A 1 21  ? 5.259   -2.570  -13.689 1.00 2.28  ? 20  LYS A HZ1  1 
ATOM 312  H HZ2  . LYS A 1 21  ? 6.814   -2.237  -14.279 1.00 2.63  ? 20  LYS A HZ2  1 
ATOM 313  H HZ3  . LYS A 1 21  ? 5.536   -1.171  -14.614 1.00 2.62  ? 20  LYS A HZ3  1 
ATOM 314  N N    . ALA A 1 22  ? 3.890   -6.488  -10.883 1.00 0.49  ? 21  ALA A N    1 
ATOM 315  C CA   . ALA A 1 22  ? 4.039   -5.930  -9.511  1.00 0.42  ? 21  ALA A CA   1 
ATOM 316  C C    . ALA A 1 22  ? 5.131   -6.707  -8.777  1.00 0.38  ? 21  ALA A C    1 
ATOM 317  O O    . ALA A 1 22  ? 5.866   -6.161  -7.978  1.00 0.37  ? 21  ALA A O    1 
ATOM 318  C CB   . ALA A 1 22  ? 2.715   -6.064  -8.753  1.00 0.45  ? 21  ALA A CB   1 
ATOM 319  H H    . ALA A 1 22  ? 3.041   -6.894  -11.155 1.00 0.54  ? 21  ALA A H    1 
ATOM 320  H HA   . ALA A 1 22  ? 4.315   -4.890  -9.572  1.00 0.44  ? 21  ALA A HA   1 
ATOM 321  H HB1  . ALA A 1 22  ? 1.916   -5.642  -9.346  1.00 1.13  ? 21  ALA A HB1  1 
ATOM 322  H HB2  . ALA A 1 22  ? 2.513   -7.107  -8.566  1.00 1.05  ? 21  ALA A HB2  1 
ATOM 323  H HB3  . ALA A 1 22  ? 2.784   -5.537  -7.813  1.00 1.09  ? 21  ALA A HB3  1 
ATOM 324  N N    . GLU A 1 23  ? 5.248   -7.980  -9.052  1.00 0.41  ? 22  GLU A N    1 
ATOM 325  C CA   . GLU A 1 23  ? 6.301   -8.791  -8.381  1.00 0.42  ? 22  GLU A CA   1 
ATOM 326  C C    . GLU A 1 23  ? 7.654   -8.174  -8.722  1.00 0.43  ? 22  GLU A C    1 
ATOM 327  O O    . GLU A 1 23  ? 8.495   -7.992  -7.870  1.00 0.46  ? 22  GLU A O    1 
ATOM 328  C CB   . GLU A 1 23  ? 6.245   -10.231 -8.899  1.00 0.50  ? 22  GLU A CB   1 
ATOM 329  C CG   . GLU A 1 23  ? 4.980   -10.919 -8.378  1.00 1.06  ? 22  GLU A CG   1 
ATOM 330  C CD   . GLU A 1 23  ? 4.869   -12.316 -8.993  1.00 1.38  ? 22  GLU A CD   1 
ATOM 331  O OE1  . GLU A 1 23  ? 5.696   -12.642 -9.831  1.00 1.53  ? 22  GLU A OE1  1 
ATOM 332  O OE2  . GLU A 1 23  ? 3.960   -13.037 -8.618  1.00 2.18  ? 22  GLU A OE2  1 
ATOM 333  H H    . GLU A 1 23  ? 4.650   -8.397  -9.705  1.00 0.45  ? 22  GLU A H    1 
ATOM 334  H HA   . GLU A 1 23  ? 6.149   -8.778  -7.310  1.00 0.41  ? 22  GLU A HA   1 
ATOM 335  H HB2  . GLU A 1 23  ? 6.233   -10.223 -9.979  1.00 1.08  ? 22  GLU A HB2  1 
ATOM 336  H HB3  . GLU A 1 23  ? 7.112   -10.770 -8.551  1.00 0.98  ? 22  GLU A HB3  1 
ATOM 337  H HG2  . GLU A 1 23  ? 5.031   -11.003 -7.301  1.00 1.72  ? 22  GLU A HG2  1 
ATOM 338  H HG3  . GLU A 1 23  ? 4.112   -10.338 -8.653  1.00 1.69  ? 22  GLU A HG3  1 
ATOM 339  N N    . ASN A 1 24  ? 7.856   -7.819  -9.961  1.00 0.47  ? 23  ASN A N    1 
ATOM 340  C CA   . ASN A 1 24  ? 9.137   -7.177  -10.350 1.00 0.53  ? 23  ASN A CA   1 
ATOM 341  C C    . ASN A 1 24  ? 9.272   -5.889  -9.544  1.00 0.51  ? 23  ASN A C    1 
ATOM 342  O O    . ASN A 1 24  ? 10.324  -5.568  -9.027  1.00 0.57  ? 23  ASN A O    1 
ATOM 343  C CB   . ASN A 1 24  ? 9.109   -6.842  -11.842 1.00 0.60  ? 23  ASN A CB   1 
ATOM 344  C CG   . ASN A 1 24  ? 9.186   -8.137  -12.650 1.00 1.12  ? 23  ASN A CG   1 
ATOM 345  O OD1  . ASN A 1 24  ? 8.824   -8.167  -13.809 1.00 1.84  ? 23  ASN A OD1  1 
ATOM 346  N ND2  . ASN A 1 24  ? 9.643   -9.217  -12.079 1.00 1.81  ? 23  ASN A ND2  1 
ATOM 347  H H    . ASN A 1 24  ? 7.157   -7.957  -10.626 1.00 0.48  ? 23  ASN A H    1 
ATOM 348  H HA   . ASN A 1 24  ? 9.963   -7.835  -10.139 1.00 0.57  ? 23  ASN A HA   1 
ATOM 349  H HB2  . ASN A 1 24  ? 8.190   -6.323  -12.077 1.00 0.95  ? 23  ASN A HB2  1 
ATOM 350  H HB3  . ASN A 1 24  ? 9.953   -6.214  -12.090 1.00 1.04  ? 23  ASN A HB3  1 
ATOM 351  H HD21 . ASN A 1 24  ? 9.932   -9.191  -11.144 1.00 2.21  ? 23  ASN A HD21 1 
ATOM 352  H HD22 . ASN A 1 24  ? 9.701   -10.053 -12.585 1.00 2.33  ? 23  ASN A HD22 1 
ATOM 353  N N    . LEU A 1 25  ? 8.193   -5.164  -9.414  1.00 0.46  ? 24  LEU A N    1 
ATOM 354  C CA   . LEU A 1 25  ? 8.229   -3.907  -8.620  1.00 0.48  ? 24  LEU A CA   1 
ATOM 355  C C    . LEU A 1 25  ? 8.433   -4.264  -7.146  1.00 0.46  ? 24  LEU A C    1 
ATOM 356  O O    . LEU A 1 25  ? 9.101   -3.562  -6.414  1.00 0.54  ? 24  LEU A O    1 
ATOM 357  C CB   . LEU A 1 25  ? 6.909   -3.145  -8.781  1.00 0.45  ? 24  LEU A CB   1 
ATOM 358  C CG   . LEU A 1 25  ? 6.796   -2.578  -10.200 1.00 0.51  ? 24  LEU A CG   1 
ATOM 359  C CD1  . LEU A 1 25  ? 5.432   -1.906  -10.369 1.00 0.77  ? 24  LEU A CD1  1 
ATOM 360  C CD2  . LEU A 1 25  ? 7.900   -1.544  -10.432 1.00 0.86  ? 24  LEU A CD2  1 
ATOM 361  H H    . LEU A 1 25  ? 7.353   -5.458  -9.826  1.00 0.43  ? 24  LEU A H    1 
ATOM 362  H HA   . LEU A 1 25  ? 9.050   -3.289  -8.959  1.00 0.54  ? 24  LEU A HA   1 
ATOM 363  H HB2  . LEU A 1 25  ? 6.083   -3.822  -8.599  1.00 0.41  ? 24  LEU A HB2  1 
ATOM 364  H HB3  . LEU A 1 25  ? 6.873   -2.335  -8.069  1.00 0.48  ? 24  LEU A HB3  1 
ATOM 365  H HG   . LEU A 1 25  ? 6.892   -3.380  -10.919 1.00 0.66  ? 24  LEU A HG   1 
ATOM 366  H HD11 . LEU A 1 25  ? 5.276   -1.203  -9.563  1.00 1.42  ? 24  LEU A HD11 1 
ATOM 367  H HD12 . LEU A 1 25  ? 5.404   -1.381  -11.312 1.00 1.31  ? 24  LEU A HD12 1 
ATOM 368  H HD13 . LEU A 1 25  ? 4.654   -2.654  -10.349 1.00 1.26  ? 24  LEU A HD13 1 
ATOM 369  H HD21 . LEU A 1 25  ? 8.180   -1.097  -9.491  1.00 1.38  ? 24  LEU A HD21 1 
ATOM 370  H HD22 . LEU A 1 25  ? 8.759   -2.027  -10.873 1.00 1.27  ? 24  LEU A HD22 1 
ATOM 371  H HD23 . LEU A 1 25  ? 7.536   -0.778  -11.099 1.00 1.47  ? 24  LEU A HD23 1 
ATOM 372  N N    . LEU A 1 26  ? 7.863   -5.356  -6.705  1.00 0.41  ? 25  LEU A N    1 
ATOM 373  C CA   . LEU A 1 26  ? 8.034   -5.750  -5.276  1.00 0.43  ? 25  LEU A CA   1 
ATOM 374  C C    . LEU A 1 26  ? 9.318   -6.567  -5.138  1.00 0.49  ? 25  LEU A C    1 
ATOM 375  O O    . LEU A 1 26  ? 9.791   -6.825  -4.049  1.00 0.59  ? 25  LEU A O    1 
ATOM 376  C CB   . LEU A 1 26  ? 6.850   -6.608  -4.829  1.00 0.40  ? 25  LEU A CB   1 
ATOM 377  C CG   . LEU A 1 26  ? 5.576   -5.760  -4.794  1.00 0.39  ? 25  LEU A CG   1 
ATOM 378  C CD1  . LEU A 1 26  ? 4.357   -6.658  -5.027  1.00 0.37  ? 25  LEU A CD1  1 
ATOM 379  C CD2  . LEU A 1 26  ? 5.459   -5.084  -3.423  1.00 0.46  ? 25  LEU A CD2  1 
ATOM 380  H H    . LEU A 1 26  ? 7.327   -5.915  -7.311  1.00 0.40  ? 25  LEU A H    1 
ATOM 381  H HA   . LEU A 1 26  ? 8.097   -4.866  -4.660  1.00 0.46  ? 25  LEU A HA   1 
ATOM 382  H HB2  . LEU A 1 26  ? 6.721   -7.432  -5.517  1.00 0.40  ? 25  LEU A HB2  1 
ATOM 383  H HB3  . LEU A 1 26  ? 7.046   -6.992  -3.840  1.00 0.44  ? 25  LEU A HB3  1 
ATOM 384  H HG   . LEU A 1 26  ? 5.621   -5.007  -5.568  1.00 0.46  ? 25  LEU A HG   1 
ATOM 385  H HD11 . LEU A 1 26  ? 4.579   -7.376  -5.803  1.00 1.08  ? 25  LEU A HD11 1 
ATOM 386  H HD12 . LEU A 1 26  ? 4.114   -7.180  -4.113  1.00 1.09  ? 25  LEU A HD12 1 
ATOM 387  H HD13 . LEU A 1 26  ? 3.518   -6.051  -5.331  1.00 1.04  ? 25  LEU A HD13 1 
ATOM 388  H HD21 . LEU A 1 26  ? 5.434   -5.838  -2.649  1.00 1.18  ? 25  LEU A HD21 1 
ATOM 389  H HD22 . LEU A 1 26  ? 6.311   -4.438  -3.267  1.00 1.07  ? 25  LEU A HD22 1 
ATOM 390  H HD23 . LEU A 1 26  ? 4.552   -4.501  -3.384  1.00 1.12  ? 25  LEU A HD23 1 
ATOM 391  N N    . ARG A 1 27  ? 9.891   -6.959  -6.239  1.00 0.49  ? 26  ARG A N    1 
ATOM 392  C CA   . ARG A 1 27  ? 11.153  -7.744  -6.189  1.00 0.56  ? 26  ARG A CA   1 
ATOM 393  C C    . ARG A 1 27  ? 12.340  -6.789  -6.306  1.00 0.57  ? 26  ARG A C    1 
ATOM 394  O O    . ARG A 1 27  ? 12.446  -6.026  -7.247  1.00 1.00  ? 26  ARG A O    1 
ATOM 395  C CB   . ARG A 1 27  ? 11.174  -8.765  -7.331  1.00 0.63  ? 26  ARG A CB   1 
ATOM 396  C CG   . ARG A 1 27  ? 10.476  -10.051 -6.880  1.00 1.63  ? 26  ARG A CG   1 
ATOM 397  C CD   . ARG A 1 27  ? 10.561  -11.099 -7.989  1.00 2.03  ? 26  ARG A CD   1 
ATOM 398  N NE   . ARG A 1 27  ? 9.222   -11.738 -8.174  1.00 2.75  ? 26  ARG A NE   1 
ATOM 399  C CZ   . ARG A 1 27  ? 8.533   -12.154 -7.147  1.00 3.21  ? 26  ARG A CZ   1 
ATOM 400  N NH1  . ARG A 1 27  ? 9.046   -12.106 -5.947  1.00 3.20  ? 26  ARG A NH1  1 
ATOM 401  N NH2  . ARG A 1 27  ? 7.335   -12.642 -7.321  1.00 4.11  ? 26  ARG A NH2  1 
ATOM 402  H H    . ARG A 1 27  ? 9.494   -6.728  -7.105  1.00 0.49  ? 26  ARG A H    1 
ATOM 403  H HA   . ARG A 1 27  ? 11.211  -8.263  -5.242  1.00 0.62  ? 26  ARG A HA   1 
ATOM 404  H HB2  . ARG A 1 27  ? 10.651  -8.356  -8.186  1.00 1.03  ? 26  ARG A HB2  1 
ATOM 405  H HB3  . ARG A 1 27  ? 12.194  -8.985  -7.602  1.00 1.05  ? 26  ARG A HB3  1 
ATOM 406  H HG2  . ARG A 1 27  ? 10.959  -10.424 -5.990  1.00 2.26  ? 26  ARG A HG2  1 
ATOM 407  H HG3  . ARG A 1 27  ? 9.441   -9.841  -6.665  1.00 2.21  ? 26  ARG A HG3  1 
ATOM 408  H HD2  . ARG A 1 27  ? 10.840  -10.622 -8.913  1.00 2.24  ? 26  ARG A HD2  1 
ATOM 409  H HD3  . ARG A 1 27  ? 11.311  -11.839 -7.728  1.00 2.47  ? 26  ARG A HD3  1 
ATOM 410  H HE   . ARG A 1 27  ? 8.844   -11.817 -9.077  1.00 3.24  ? 26  ARG A HE   1 
ATOM 411  H HH11 . ARG A 1 27  ? 9.968   -11.751 -5.811  1.00 2.93  ? 26  ARG A HH11 1 
ATOM 412  H HH12 . ARG A 1 27  ? 8.512   -12.426 -5.163  1.00 3.81  ? 26  ARG A HH12 1 
ATOM 413  H HH21 . ARG A 1 27  ? 6.945   -12.692 -8.241  1.00 4.54  ? 26  ARG A HH21 1 
ATOM 414  H HH22 . ARG A 1 27  ? 6.806   -12.964 -6.537  1.00 4.57  ? 26  ARG A HH22 1 
ATOM 415  N N    . GLY A 1 28  ? 13.225  -6.817  -5.350  1.00 1.09  ? 27  GLY A N    1 
ATOM 416  C CA   . GLY A 1 28  ? 14.400  -5.902  -5.392  1.00 1.19  ? 27  GLY A CA   1 
ATOM 417  C C    . GLY A 1 28  ? 14.103  -4.667  -4.539  1.00 1.01  ? 27  GLY A C    1 
ATOM 418  O O    . GLY A 1 28  ? 14.902  -3.755  -4.448  1.00 1.10  ? 27  GLY A O    1 
ATOM 419  H H    . GLY A 1 28  ? 13.112  -7.433  -4.597  1.00 1.66  ? 27  GLY A H    1 
ATOM 420  H HA2  . GLY A 1 28  ? 15.267  -6.413  -4.999  1.00 1.30  ? 27  GLY A HA2  1 
ATOM 421  H HA3  . GLY A 1 28  ? 14.587  -5.597  -6.412  1.00 1.33  ? 27  GLY A HA3  1 
ATOM 422  N N    . LYS A 1 29  ? 12.957  -4.632  -3.908  1.00 0.82  ? 28  LYS A N    1 
ATOM 423  C CA   . LYS A 1 29  ? 12.608  -3.463  -3.056  1.00 0.73  ? 28  LYS A CA   1 
ATOM 424  C C    . LYS A 1 29  ? 12.752  -3.846  -1.582  1.00 0.62  ? 28  LYS A C    1 
ATOM 425  O O    . LYS A 1 29  ? 12.290  -4.882  -1.147  1.00 0.64  ? 28  LYS A O    1 
ATOM 426  C CB   . LYS A 1 29  ? 11.163  -3.029  -3.319  1.00 0.81  ? 28  LYS A CB   1 
ATOM 427  C CG   . LYS A 1 29  ? 11.035  -2.459  -4.733  1.00 1.00  ? 28  LYS A CG   1 
ATOM 428  C CD   . LYS A 1 29  ? 11.901  -1.204  -4.853  1.00 1.21  ? 28  LYS A CD   1 
ATOM 429  C CE   . LYS A 1 29  ? 11.293  -0.253  -5.884  1.00 1.49  ? 28  LYS A CE   1 
ATOM 430  N NZ   . LYS A 1 29  ? 11.344  -0.883  -7.234  1.00 1.84  ? 28  LYS A NZ   1 
ATOM 431  H H    . LYS A 1 29  ? 12.331  -5.378  -3.990  1.00 0.79  ? 28  LYS A H    1 
ATOM 432  H HA   . LYS A 1 29  ? 13.275  -2.642  -3.281  1.00 0.82  ? 28  LYS A HA   1 
ATOM 433  H HB2  . LYS A 1 29  ? 10.506  -3.878  -3.211  1.00 1.22  ? 28  LYS A HB2  1 
ATOM 434  H HB3  . LYS A 1 29  ? 10.889  -2.269  -2.606  1.00 1.40  ? 28  LYS A HB3  1 
ATOM 435  H HG2  . LYS A 1 29  ? 11.362  -3.196  -5.451  1.00 1.59  ? 28  LYS A HG2  1 
ATOM 436  H HG3  . LYS A 1 29  ? 10.004  -2.201  -4.924  1.00 1.61  ? 28  LYS A HG3  1 
ATOM 437  H HD2  . LYS A 1 29  ? 11.950  -0.710  -3.891  1.00 1.78  ? 28  LYS A HD2  1 
ATOM 438  H HD3  . LYS A 1 29  ? 12.896  -1.484  -5.165  1.00 1.83  ? 28  LYS A HD3  1 
ATOM 439  H HE2  . LYS A 1 29  ? 10.266  -0.045  -5.622  1.00 1.96  ? 28  LYS A HE2  1 
ATOM 440  H HE3  . LYS A 1 29  ? 11.854  0.669   -5.897  1.00 2.04  ? 28  LYS A HE3  1 
ATOM 441  H HZ1  . LYS A 1 29  ? 11.058  -1.880  -7.161  1.00 2.19  ? 28  LYS A HZ1  1 
ATOM 442  H HZ2  . LYS A 1 29  ? 10.700  -0.379  -7.877  1.00 2.28  ? 28  LYS A HZ2  1 
ATOM 443  H HZ3  . LYS A 1 29  ? 12.315  -0.827  -7.606  1.00 2.16  ? 28  LYS A HZ3  1 
ATOM 444  N N    . ARG A 1 30  ? 13.387  -3.013  -0.812  1.00 0.60  ? 29  ARG A N    1 
ATOM 445  C CA   . ARG A 1 30  ? 13.562  -3.312  0.636   1.00 0.59  ? 29  ARG A CA   1 
ATOM 446  C C    . ARG A 1 30  ? 12.212  -3.205  1.347   1.00 0.47  ? 29  ARG A C    1 
ATOM 447  O O    . ARG A 1 30  ? 11.278  -2.612  0.845   1.00 0.43  ? 29  ARG A O    1 
ATOM 448  C CB   . ARG A 1 30  ? 14.552  -2.318  1.245   1.00 0.68  ? 29  ARG A CB   1 
ATOM 449  C CG   . ARG A 1 30  ? 15.933  -2.537  0.625   1.00 1.51  ? 29  ARG A CG   1 
ATOM 450  C CD   . ARG A 1 30  ? 16.958  -1.640  1.323   1.00 1.72  ? 29  ARG A CD   1 
ATOM 451  N NE   . ARG A 1 30  ? 18.309  -1.904  0.754   1.00 2.26  ? 29  ARG A NE   1 
ATOM 452  C CZ   . ARG A 1 30  ? 19.295  -1.078  0.990   1.00 2.83  ? 29  ARG A CZ   1 
ATOM 453  N NH1  . ARG A 1 30  ? 19.102  -0.026  1.739   1.00 3.12  ? 29  ARG A NH1  1 
ATOM 454  N NH2  . ARG A 1 30  ? 20.476  -1.309  0.484   1.00 3.56  ? 29  ARG A NH2  1 
ATOM 455  H H    . ARG A 1 30  ? 13.750  -2.187  -1.189  1.00 0.65  ? 29  ARG A H    1 
ATOM 456  H HA   . ARG A 1 30  ? 13.947  -4.315  0.751   1.00 0.68  ? 29  ARG A HA   1 
ATOM 457  H HB2  . ARG A 1 30  ? 14.220  -1.311  1.042   1.00 1.16  ? 29  ARG A HB2  1 
ATOM 458  H HB3  . ARG A 1 30  ? 14.609  -2.472  2.312   1.00 0.99  ? 29  ARG A HB3  1 
ATOM 459  H HG2  . ARG A 1 30  ? 16.219  -3.572  0.743   1.00 2.07  ? 29  ARG A HG2  1 
ATOM 460  H HG3  . ARG A 1 30  ? 15.901  -2.291  -0.425  1.00 2.11  ? 29  ARG A HG3  1 
ATOM 461  H HD2  . ARG A 1 30  ? 16.697  -0.604  1.166   1.00 1.81  ? 29  ARG A HD2  1 
ATOM 462  H HD3  . ARG A 1 30  ? 16.960  -1.856  2.380   1.00 2.19  ? 29  ARG A HD3  1 
ATOM 463  H HE   . ARG A 1 30  ? 18.460  -2.696  0.198   1.00 2.60  ? 29  ARG A HE   1 
ATOM 464  H HH11 . ARG A 1 30  ? 18.201  0.147   2.136   1.00 2.96  ? 29  ARG A HH11 1 
ATOM 465  H HH12 . ARG A 1 30  ? 19.858  0.606   1.914   1.00 3.80  ? 29  ARG A HH12 1 
ATOM 466  H HH21 . ARG A 1 30  ? 20.628  -2.119  -0.082  1.00 3.80  ? 29  ARG A HH21 1 
ATOM 467  H HH22 . ARG A 1 30  ? 21.229  -0.678  0.666   1.00 4.08  ? 29  ARG A HH22 1 
ATOM 468  N N    . ASP A 1 31  ? 12.102  -3.788  2.509   1.00 0.47  ? 30  ASP A N    1 
ATOM 469  C CA   . ASP A 1 31  ? 10.815  -3.739  3.264   1.00 0.42  ? 30  ASP A CA   1 
ATOM 470  C C    . ASP A 1 31  ? 10.396  -2.286  3.510   1.00 0.39  ? 30  ASP A C    1 
ATOM 471  O O    . ASP A 1 31  ? 11.211  -1.436  3.806   1.00 0.51  ? 30  ASP A O    1 
ATOM 472  C CB   . ASP A 1 31  ? 10.990  -4.449  4.609   1.00 0.52  ? 30  ASP A CB   1 
ATOM 473  C CG   . ASP A 1 31  ? 9.649   -4.495  5.345   1.00 1.45  ? 30  ASP A CG   1 
ATOM 474  O OD1  . ASP A 1 31  ? 8.718   -3.858  4.879   1.00 1.78  ? 30  ASP A OD1  1 
ATOM 475  O OD2  . ASP A 1 31  ? 9.577   -5.161  6.365   1.00 2.29  ? 30  ASP A OD2  1 
ATOM 476  H H    . ASP A 1 31  ? 12.870  -4.265  2.887   1.00 0.55  ? 30  ASP A H    1 
ATOM 477  H HA   . ASP A 1 31  ? 10.049  -4.240  2.692   1.00 0.40  ? 30  ASP A HA   1 
ATOM 478  H HB2  . ASP A 1 31  ? 11.345  -5.456  4.442   1.00 1.24  ? 30  ASP A HB2  1 
ATOM 479  H HB3  . ASP A 1 31  ? 11.707  -3.910  5.209   1.00 1.13  ? 30  ASP A HB3  1 
ATOM 480  N N    . GLY A 1 32  ? 9.126   -1.998  3.391   1.00 0.31  ? 31  GLY A N    1 
ATOM 481  C CA   . GLY A 1 32  ? 8.648   -0.602  3.620   1.00 0.31  ? 31  GLY A CA   1 
ATOM 482  C C    . GLY A 1 32  ? 8.204   0.015   2.292   1.00 0.29  ? 31  GLY A C    1 
ATOM 483  O O    . GLY A 1 32  ? 7.365   0.891   2.252   1.00 0.36  ? 31  GLY A O    1 
ATOM 484  H H    . GLY A 1 32  ? 8.484   -2.701  3.153   1.00 0.33  ? 31  GLY A H    1 
ATOM 485  H HA2  . GLY A 1 32  ? 7.813   -0.615  4.307   1.00 0.34  ? 31  GLY A HA2  1 
ATOM 486  H HA3  . GLY A 1 32  ? 9.448   -0.011  4.037   1.00 0.34  ? 31  GLY A HA3  1 
ATOM 487  N N    . THR A 1 33  ? 8.758   -0.442  1.207   1.00 0.26  ? 32  THR A N    1 
ATOM 488  C CA   . THR A 1 33  ? 8.371   0.108   -0.121  1.00 0.28  ? 32  THR A CA   1 
ATOM 489  C C    . THR A 1 33  ? 7.111   -0.595  -0.616  1.00 0.24  ? 32  THR A C    1 
ATOM 490  O O    . THR A 1 33  ? 7.071   -1.805  -0.725  1.00 0.27  ? 32  THR A O    1 
ATOM 491  C CB   . THR A 1 33  ? 9.505   -0.147  -1.105  1.00 0.35  ? 32  THR A CB   1 
ATOM 492  O OG1  . THR A 1 33  ? 10.694  0.460   -0.620  1.00 0.42  ? 32  THR A OG1  1 
ATOM 493  C CG2  . THR A 1 33  ? 9.147   0.440   -2.468  1.00 0.42  ? 32  THR A CG2  1 
ATOM 494  H H    . THR A 1 33  ? 9.433   -1.151  1.262   1.00 0.26  ? 32  THR A H    1 
ATOM 495  H HA   . THR A 1 33  ? 8.188   1.167   -0.045  1.00 0.34  ? 32  THR A HA   1 
ATOM 496  H HB   . THR A 1 33  ? 9.656   -1.211  -1.200  1.00 0.34  ? 32  THR A HB   1 
ATOM 497  H HG1  . THR A 1 33  ? 11.330  -0.237  -0.446  1.00 0.44  ? 32  THR A HG1  1 
ATOM 498  H HG21 . THR A 1 33  ? 8.470   1.270   -2.335  1.00 1.10  ? 32  THR A HG21 1 
ATOM 499  H HG22 . THR A 1 33  ? 10.044  0.783   -2.959  1.00 1.11  ? 32  THR A HG22 1 
ATOM 500  H HG23 . THR A 1 33  ? 8.672   -0.319  -3.072  1.00 1.05  ? 32  THR A HG23 1 
ATOM 501  N N    . PHE A 1 34  ? 6.078   0.143   -0.923  1.00 0.23  ? 33  PHE A N    1 
ATOM 502  C CA   . PHE A 1 34  ? 4.839   -0.521  -1.409  1.00 0.25  ? 33  PHE A CA   1 
ATOM 503  C C    . PHE A 1 34  ? 4.233   0.262   -2.571  1.00 0.26  ? 33  PHE A C    1 
ATOM 504  O O    . PHE A 1 34  ? 4.650   1.357   -2.889  1.00 0.30  ? 33  PHE A O    1 
ATOM 505  C CB   . PHE A 1 34  ? 3.815   -0.613  -0.276  1.00 0.32  ? 33  PHE A CB   1 
ATOM 506  C CG   . PHE A 1 34  ? 2.900   0.584   -0.302  1.00 0.24  ? 33  PHE A CG   1 
ATOM 507  C CD1  . PHE A 1 34  ? 3.352   1.840   0.113   1.00 0.26  ? 33  PHE A CD1  1 
ATOM 508  C CD2  . PHE A 1 34  ? 1.587   0.423   -0.737  1.00 0.35  ? 33  PHE A CD2  1 
ATOM 509  C CE1  . PHE A 1 34  ? 2.478   2.933   0.086   1.00 0.25  ? 33  PHE A CE1  1 
ATOM 510  C CE2  . PHE A 1 34  ? 0.721   1.517   -0.762  1.00 0.34  ? 33  PHE A CE2  1 
ATOM 511  C CZ   . PHE A 1 34  ? 1.163   2.765   -0.353  1.00 0.21  ? 33  PHE A CZ   1 
ATOM 512  H H    . PHE A 1 34  ? 6.118   1.119   -0.834  1.00 0.27  ? 33  PHE A H    1 
ATOM 513  H HA   . PHE A 1 34  ? 5.085   -1.512  -1.747  1.00 0.28  ? 33  PHE A HA   1 
ATOM 514  H HB2  . PHE A 1 34  ? 3.223   -1.503  -0.406  1.00 0.41  ? 33  PHE A HB2  1 
ATOM 515  H HB3  . PHE A 1 34  ? 4.326   -0.654  0.675   1.00 0.39  ? 33  PHE A HB3  1 
ATOM 516  H HD1  . PHE A 1 34  ? 4.371   1.968   0.451   1.00 0.41  ? 33  PHE A HD1  1 
ATOM 517  H HD2  . PHE A 1 34  ? 1.244   -0.549  -1.056  1.00 0.51  ? 33  PHE A HD2  1 
ATOM 518  H HE1  . PHE A 1 34  ? 2.815   3.900   0.404   1.00 0.40  ? 33  PHE A HE1  1 
ATOM 519  H HE2  . PHE A 1 34  ? -0.290  1.398   -1.093  1.00 0.49  ? 33  PHE A HE2  1 
ATOM 520  H HZ   . PHE A 1 34  ? 0.487   3.604   -0.377  1.00 0.25  ? 33  PHE A HZ   1 
ATOM 521  N N    . LEU A 1 35  ? 3.238   -0.305  -3.197  1.00 0.30  ? 34  LEU A N    1 
ATOM 522  C CA   . LEU A 1 35  ? 2.574   0.387   -4.340  1.00 0.35  ? 34  LEU A CA   1 
ATOM 523  C C    . LEU A 1 35  ? 1.063   0.146   -4.273  1.00 0.25  ? 34  LEU A C    1 
ATOM 524  O O    . LEU A 1 35  ? 0.600   -0.769  -3.621  1.00 0.27  ? 34  LEU A O    1 
ATOM 525  C CB   . LEU A 1 35  ? 3.128   -0.153  -5.663  1.00 0.52  ? 34  LEU A CB   1 
ATOM 526  C CG   . LEU A 1 35  ? 2.775   -1.636  -5.812  1.00 0.67  ? 34  LEU A CG   1 
ATOM 527  C CD1  . LEU A 1 35  ? 2.097   -1.867  -7.165  1.00 1.18  ? 34  LEU A CD1  1 
ATOM 528  C CD2  . LEU A 1 35  ? 4.055   -2.473  -5.732  1.00 0.93  ? 34  LEU A CD2  1 
ATOM 529  H H    . LEU A 1 35  ? 2.924   -1.191  -2.909  1.00 0.33  ? 34  LEU A H    1 
ATOM 530  H HA   . LEU A 1 35  ? 2.768   1.446   -4.274  1.00 0.42  ? 34  LEU A HA   1 
ATOM 531  H HB2  . LEU A 1 35  ? 2.696   0.401   -6.481  1.00 0.97  ? 34  LEU A HB2  1 
ATOM 532  H HB3  . LEU A 1 35  ? 4.200   -0.038  -5.679  1.00 0.90  ? 34  LEU A HB3  1 
ATOM 533  H HG   . LEU A 1 35  ? 2.102   -1.928  -5.019  1.00 1.19  ? 34  LEU A HG   1 
ATOM 534  H HD11 . LEU A 1 35  ? 1.281   -1.170  -7.283  1.00 1.69  ? 34  LEU A HD11 1 
ATOM 535  H HD12 . LEU A 1 35  ? 2.816   -1.719  -7.959  1.00 1.75  ? 34  LEU A HD12 1 
ATOM 536  H HD13 . LEU A 1 35  ? 1.716   -2.875  -7.210  1.00 1.58  ? 34  LEU A HD13 1 
ATOM 537  H HD21 . LEU A 1 35  ? 4.784   -2.086  -6.428  1.00 1.44  ? 34  LEU A HD21 1 
ATOM 538  H HD22 . LEU A 1 35  ? 4.454   -2.425  -4.730  1.00 1.56  ? 34  LEU A HD22 1 
ATOM 539  H HD23 . LEU A 1 35  ? 3.831   -3.501  -5.981  1.00 1.40  ? 34  LEU A HD23 1 
ATOM 540  N N    . VAL A 1 36  ? 0.287   0.958   -4.947  1.00 0.30  ? 35  VAL A N    1 
ATOM 541  C CA   . VAL A 1 36  ? -1.193  0.766   -4.922  1.00 0.26  ? 35  VAL A CA   1 
ATOM 542  C C    . VAL A 1 36  ? -1.670  0.331   -6.306  1.00 0.27  ? 35  VAL A C    1 
ATOM 543  O O    . VAL A 1 36  ? -1.342  0.936   -7.306  1.00 0.35  ? 35  VAL A O    1 
ATOM 544  C CB   . VAL A 1 36  ? -1.887  2.079   -4.531  1.00 0.29  ? 35  VAL A CB   1 
ATOM 545  C CG1  . VAL A 1 36  ? -3.389  1.965   -4.797  1.00 0.35  ? 35  VAL A CG1  1 
ATOM 546  C CG2  . VAL A 1 36  ? -1.674  2.344   -3.043  1.00 0.34  ? 35  VAL A CG2  1 
ATOM 547  H H    . VAL A 1 36  ? 0.678   1.687   -5.471  1.00 0.43  ? 35  VAL A H    1 
ATOM 548  H HA   . VAL A 1 36  ? -1.441  0.002   -4.205  1.00 0.29  ? 35  VAL A HA   1 
ATOM 549  H HB   . VAL A 1 36  ? -1.478  2.895   -5.106  1.00 0.32  ? 35  VAL A HB   1 
ATOM 550  H HG11 . VAL A 1 36  ? -3.659  0.927   -4.913  1.00 0.91  ? 35  VAL A HG11 1 
ATOM 551  H HG12 . VAL A 1 36  ? -3.935  2.386   -3.964  1.00 1.07  ? 35  VAL A HG12 1 
ATOM 552  H HG13 . VAL A 1 36  ? -3.635  2.504   -5.699  1.00 1.07  ? 35  VAL A HG13 1 
ATOM 553  H HG21 . VAL A 1 36  ? -1.881  1.443   -2.494  1.00 1.01  ? 35  VAL A HG21 1 
ATOM 554  H HG22 . VAL A 1 36  ? -0.653  2.646   -2.870  1.00 1.08  ? 35  VAL A HG22 1 
ATOM 555  H HG23 . VAL A 1 36  ? -2.344  3.125   -2.716  1.00 1.05  ? 35  VAL A HG23 1 
ATOM 556  N N    . ARG A 1 37  ? -2.438  -0.719  -6.372  1.00 0.29  ? 36  ARG A N    1 
ATOM 557  C CA   . ARG A 1 37  ? -2.935  -1.200  -7.686  1.00 0.36  ? 36  ARG A CA   1 
ATOM 558  C C    . ARG A 1 37  ? -4.311  -1.822  -7.499  1.00 0.37  ? 36  ARG A C    1 
ATOM 559  O O    . ARG A 1 37  ? -4.904  -1.725  -6.443  1.00 0.43  ? 36  ARG A O    1 
ATOM 560  C CB   . ARG A 1 37  ? -1.963  -2.229  -8.266  1.00 0.52  ? 36  ARG A CB   1 
ATOM 561  C CG   . ARG A 1 37  ? -1.823  -3.419  -7.310  1.00 1.16  ? 36  ARG A CG   1 
ATOM 562  C CD   . ARG A 1 37  ? -1.535  -4.682  -8.119  1.00 1.46  ? 36  ARG A CD   1 
ATOM 563  N NE   . ARG A 1 37  ? -2.753  -5.066  -8.880  1.00 2.12  ? 36  ARG A NE   1 
ATOM 564  C CZ   . ARG A 1 37  ? -2.657  -5.888  -9.886  1.00 2.59  ? 36  ARG A CZ   1 
ATOM 565  N NH1  . ARG A 1 37  ? -1.489  -6.350  -10.234 1.00 2.69  ? 36  ARG A NH1  1 
ATOM 566  N NH2  . ARG A 1 37  ? -3.725  -6.238  -10.546 1.00 3.51  ? 36  ARG A NH2  1 
ATOM 567  H H    . ARG A 1 37  ? -2.692  -1.195  -5.548  1.00 0.33  ? 36  ARG A H    1 
ATOM 568  H HA   . ARG A 1 37  ? -3.014  -0.360  -8.364  1.00 0.39  ? 36  ARG A HA   1 
ATOM 569  H HB2  . ARG A 1 37  ? -2.338  -2.576  -9.218  1.00 1.04  ? 36  ARG A HB2  1 
ATOM 570  H HB3  . ARG A 1 37  ? -0.997  -1.768  -8.408  1.00 1.30  ? 36  ARG A HB3  1 
ATOM 571  H HG2  . ARG A 1 37  ? -1.008  -3.234  -6.627  1.00 1.83  ? 36  ARG A HG2  1 
ATOM 572  H HG3  . ARG A 1 37  ? -2.738  -3.549  -6.754  1.00 1.75  ? 36  ARG A HG3  1 
ATOM 573  H HD2  . ARG A 1 37  ? -0.722  -4.488  -8.809  1.00 1.82  ? 36  ARG A HD2  1 
ATOM 574  H HD3  . ARG A 1 37  ? -1.262  -5.484  -7.455  1.00 1.88  ? 36  ARG A HD3  1 
ATOM 575  H HE   . ARG A 1 37  ? -3.627  -4.710  -8.621  1.00 2.67  ? 36  ARG A HE   1 
ATOM 576  H HH11 . ARG A 1 37  ? -0.671  -6.071  -9.732  1.00 2.51  ? 36  ARG A HH11 1 
ATOM 577  H HH12 . ARG A 1 37  ? -1.412  -6.982  -11.005 1.00 3.34  ? 36  ARG A HH12 1 
ATOM 578  H HH21 . ARG A 1 37  ? -4.618  -5.875  -10.281 1.00 3.94  ? 36  ARG A HH21 1 
ATOM 579  H HH22 . ARG A 1 37  ? -3.650  -6.867  -11.318 1.00 3.97  ? 36  ARG A HH22 1 
ATOM 580  N N    . GLU A 1 38  ? -4.838  -2.457  -8.506  1.00 0.51  ? 37  GLU A N    1 
ATOM 581  C CA   . GLU A 1 38  ? -6.177  -3.060  -8.353  1.00 0.59  ? 37  GLU A CA   1 
ATOM 582  C C    . GLU A 1 38  ? -6.020  -4.563  -8.169  1.00 0.75  ? 37  GLU A C    1 
ATOM 583  O O    . GLU A 1 38  ? -4.931  -5.097  -8.268  1.00 0.88  ? 37  GLU A O    1 
ATOM 584  C CB   . GLU A 1 38  ? -7.001  -2.769  -9.613  1.00 0.74  ? 37  GLU A CB   1 
ATOM 585  C CG   . GLU A 1 38  ? -6.623  -1.383  -10.158 1.00 1.38  ? 37  GLU A CG   1 
ATOM 586  C CD   . GLU A 1 38  ? -7.762  -0.827  -11.024 1.00 1.86  ? 37  GLU A CD   1 
ATOM 587  O OE1  . GLU A 1 38  ? -8.724  -1.545  -11.240 1.00 2.55  ? 37  GLU A OE1  1 
ATOM 588  O OE2  . GLU A 1 38  ? -7.650  0.311   -11.453 1.00 2.09  ? 37  GLU A OE2  1 
ATOM 589  H H    . GLU A 1 38  ? -4.359  -2.539  -9.362  1.00 0.64  ? 37  GLU A H    1 
ATOM 590  H HA   . GLU A 1 38  ? -6.666  -2.639  -7.496  1.00 0.61  ? 37  GLU A HA   1 
ATOM 591  H HB2  . GLU A 1 38  ? -6.794  -3.524  -10.359 1.00 1.34  ? 37  GLU A HB2  1 
ATOM 592  H HB3  . GLU A 1 38  ? -8.050  -2.782  -9.366  1.00 1.34  ? 37  GLU A HB3  1 
ATOM 593  H HG2  . GLU A 1 38  ? -6.438  -0.710  -9.334  1.00 2.02  ? 37  GLU A HG2  1 
ATOM 594  H HG3  . GLU A 1 38  ? -5.729  -1.470  -10.760 1.00 1.95  ? 37  GLU A HG3  1 
ATOM 595  N N    . SER A 1 39  ? -7.087  -5.259  -7.928  1.00 0.87  ? 38  SER A N    1 
ATOM 596  C CA   . SER A 1 39  ? -6.963  -6.727  -7.778  1.00 1.13  ? 38  SER A CA   1 
ATOM 597  C C    . SER A 1 39  ? -6.810  -7.272  -9.187  1.00 1.26  ? 38  SER A C    1 
ATOM 598  O O    . SER A 1 39  ? -6.762  -8.463  -9.410  1.00 1.51  ? 38  SER A O    1 
ATOM 599  C CB   . SER A 1 39  ? -8.216  -7.302  -7.118  1.00 1.26  ? 38  SER A CB   1 
ATOM 600  O OG   . SER A 1 39  ? -8.262  -6.882  -5.761  1.00 1.60  ? 38  SER A OG   1 
ATOM 601  H H    . SER A 1 39  ? -7.963  -4.822  -7.865  1.00 0.84  ? 38  SER A H    1 
ATOM 602  H HA   . SER A 1 39  ? -6.084  -6.969  -7.192  1.00 1.23  ? 38  SER A HA   1 
ATOM 603  H HB2  . SER A 1 39  ? -9.093  -6.942  -7.631  1.00 1.64  ? 38  SER A HB2  1 
ATOM 604  H HB3  . SER A 1 39  ? -8.187  -8.384  -7.172  1.00 1.62  ? 38  SER A HB3  1 
ATOM 605  H HG   . SER A 1 39  ? -7.396  -6.539  -5.528  1.00 1.86  ? 38  SER A HG   1 
ATOM 606  N N    . SER A 1 40  ? -6.711  -6.353  -10.126 1.00 1.16  ? 39  SER A N    1 
ATOM 607  C CA   . SER A 1 40  ? -6.527  -6.684  -11.567 1.00 1.39  ? 39  SER A CA   1 
ATOM 608  C C    . SER A 1 40  ? -7.715  -6.162  -12.389 1.00 1.43  ? 39  SER A C    1 
ATOM 609  O O    . SER A 1 40  ? -7.805  -4.985  -12.677 1.00 1.60  ? 39  SER A O    1 
ATOM 610  C CB   . SER A 1 40  ? -6.397  -8.190  -11.784 1.00 1.67  ? 39  SER A CB   1 
ATOM 611  O OG   . SER A 1 40  ? -6.141  -8.432  -13.160 1.00 2.25  ? 39  SER A OG   1 
ATOM 612  H H    . SER A 1 40  ? -6.741  -5.409  -9.863  1.00 1.00  ? 39  SER A H    1 
ATOM 613  H HA   . SER A 1 40  ? -5.622  -6.189  -11.910 1.00 1.46  ? 39  SER A HA   1 
ATOM 614  H HB2  . SER A 1 40  ? -5.577  -8.575  -11.199 1.00 2.02  ? 39  SER A HB2  1 
ATOM 615  H HB3  . SER A 1 40  ? -7.319  -8.677  -11.489 1.00 1.97  ? 39  SER A HB3  1 
ATOM 616  H HG   . SER A 1 40  ? -6.163  -7.587  -13.617 1.00 2.63  ? 39  SER A HG   1 
ATOM 617  N N    . LYS A 1 41  ? -8.615  -7.026  -12.791 1.00 1.94  ? 40  LYS A N    1 
ATOM 618  C CA   . LYS A 1 41  ? -9.773  -6.557  -13.616 1.00 2.16  ? 40  LYS A CA   1 
ATOM 619  C C    . LYS A 1 41  ? -10.959 -6.185  -12.710 1.00 2.31  ? 40  LYS A C    1 
ATOM 620  O O    . LYS A 1 41  ? -11.963 -5.679  -13.169 1.00 2.79  ? 40  LYS A O    1 
ATOM 621  C CB   . LYS A 1 41  ? -10.201 -7.666  -14.584 1.00 2.62  ? 40  LYS A CB   1 
ATOM 622  C CG   . LYS A 1 41  ? -9.062  -7.950  -15.571 1.00 3.15  ? 40  LYS A CG   1 
ATOM 623  C CD   . LYS A 1 41  ? -9.424  -9.170  -16.444 1.00 3.79  ? 40  LYS A CD   1 
ATOM 624  C CE   . LYS A 1 41  ? -10.195 -8.657  -17.664 1.00 4.54  ? 40  LYS A CE   1 
ATOM 625  N NZ   . LYS A 1 41  ? -10.709 -9.788  -18.514 1.00 5.28  ? 40  LYS A NZ   1 
ATOM 626  H H    . LYS A 1 41  ? -8.523  -7.979  -12.569 1.00 2.42  ? 40  LYS A H    1 
ATOM 627  H HA   . LYS A 1 41  ? -9.472  -5.688  -14.183 1.00 2.18  ? 40  LYS A HA   1 
ATOM 628  H HB2  . LYS A 1 41  ? -10.437 -8.564  -14.031 1.00 2.66  ? 40  LYS A HB2  1 
ATOM 629  H HB3  . LYS A 1 41  ? -11.075 -7.344  -15.129 1.00 3.11  ? 40  LYS A HB3  1 
ATOM 630  H HG2  . LYS A 1 41  ? -8.930  -7.081  -16.212 1.00 3.51  ? 40  LYS A HG2  1 
ATOM 631  H HG3  . LYS A 1 41  ? -8.147  -8.145  -15.021 1.00 3.25  ? 40  LYS A HG3  1 
ATOM 632  H HD2  . LYS A 1 41  ? -8.527  -9.677  -16.764 1.00 3.87  ? 40  LYS A HD2  1 
ATOM 633  H HD3  . LYS A 1 41  ? -10.041 -9.856  -15.882 1.00 4.08  ? 40  LYS A HD3  1 
ATOM 634  H HE2  . LYS A 1 41  ? -11.025 -8.074  -17.318 1.00 4.88  ? 40  LYS A HE2  1 
ATOM 635  H HE3  . LYS A 1 41  ? -9.556  -8.025  -18.256 1.00 4.66  ? 40  LYS A HE3  1 
ATOM 636  H HZ1  . LYS A 1 41  ? -9.964  -10.474 -18.710 1.00 5.68  ? 40  LYS A HZ1  1 
ATOM 637  H HZ2  . LYS A 1 41  ? -11.493 -10.261 -18.018 1.00 5.49  ? 40  LYS A HZ2  1 
ATOM 638  H HZ3  . LYS A 1 41  ? -11.047 -9.402  -19.416 1.00 5.53  ? 40  LYS A HZ3  1 
ATOM 639  N N    . GLN A 1 42  ? -10.851 -6.432  -11.434 1.00 2.53  ? 41  GLN A N    1 
ATOM 640  C CA   . GLN A 1 42  ? -11.971 -6.098  -10.505 1.00 3.00  ? 41  GLN A CA   1 
ATOM 641  C C    . GLN A 1 42  ? -11.881 -4.630  -10.099 1.00 2.16  ? 41  GLN A C    1 
ATOM 642  O O    . GLN A 1 42  ? -10.835 -4.015  -10.171 1.00 2.47  ? 41  GLN A O    1 
ATOM 643  C CB   . GLN A 1 42  ? -11.871 -6.970  -9.258  1.00 4.06  ? 41  GLN A CB   1 
ATOM 644  C CG   . GLN A 1 42  ? -12.030 -8.437  -9.650  1.00 5.02  ? 41  GLN A CG   1 
ATOM 645  C CD   . GLN A 1 42  ? -13.391 -8.644  -10.318 1.00 6.02  ? 41  GLN A CD   1 
ATOM 646  O OE1  . GLN A 1 42  ? -14.309 -7.882  -10.101 1.00 6.51  ? 41  GLN A OE1  1 
ATOM 647  N NE2  . GLN A 1 42  ? -13.558 -9.650  -11.136 1.00 6.64  ? 41  GLN A NE2  1 
ATOM 648  H H    . GLN A 1 42  ? -10.034 -6.839  -11.085 1.00 2.79  ? 41  GLN A H    1 
ATOM 649  H HA   . GLN A 1 42  ? -12.918 -6.275  -10.994 1.00 3.56  ? 41  GLN A HA   1 
ATOM 650  H HB2  . GLN A 1 42  ? -10.909 -6.825  -8.794  1.00 4.45  ? 41  GLN A HB2  1 
ATOM 651  H HB3  . GLN A 1 42  ? -12.651 -6.701  -8.565  1.00 4.18  ? 41  GLN A HB3  1 
ATOM 652  H HG2  . GLN A 1 42  ? -11.242 -8.710  -10.335 1.00 5.19  ? 41  GLN A HG2  1 
ATOM 653  H HG3  . GLN A 1 42  ? -11.966 -9.051  -8.765  1.00 5.21  ? 41  GLN A HG3  1 
ATOM 654  H HE21 . GLN A 1 42  ? -12.815 -10.261 -11.320 1.00 6.51  ? 41  GLN A HE21 1 
ATOM 655  H HE22 . GLN A 1 42  ? -14.432 -9.798  -11.556 1.00 7.38  ? 41  GLN A HE22 1 
ATOM 656  N N    . GLY A 1 43  ? -12.976 -4.062  -9.681  1.00 1.83  ? 42  GLY A N    1 
ATOM 657  C CA   . GLY A 1 43  ? -12.970 -2.631  -9.277  1.00 1.54  ? 42  GLY A CA   1 
ATOM 658  C C    . GLY A 1 43  ? -12.455 -2.490  -7.840  1.00 1.16  ? 42  GLY A C    1 
ATOM 659  O O    . GLY A 1 43  ? -12.518 -1.431  -7.253  1.00 1.32  ? 42  GLY A O    1 
ATOM 660  H H    . GLY A 1 43  ? -13.808 -4.581  -9.639  1.00 2.38  ? 42  GLY A H    1 
ATOM 661  H HA2  . GLY A 1 43  ? -12.331 -2.073  -9.945  1.00 2.00  ? 42  GLY A HA2  1 
ATOM 662  H HA3  . GLY A 1 43  ? -13.975 -2.239  -9.332  1.00 1.76  ? 42  GLY A HA3  1 
ATOM 663  N N    . CYS A 1 44  ? -11.947 -3.548  -7.268  1.00 1.11  ? 43  CYS A N    1 
ATOM 664  C CA   . CYS A 1 44  ? -11.424 -3.466  -5.873  1.00 0.93  ? 43  CYS A CA   1 
ATOM 665  C C    . CYS A 1 44  ? -10.002 -2.902  -5.907  1.00 0.76  ? 43  CYS A C    1 
ATOM 666  O O    . CYS A 1 44  ? -9.342  -2.933  -6.927  1.00 0.96  ? 43  CYS A O    1 
ATOM 667  C CB   . CYS A 1 44  ? -11.394 -4.865  -5.251  1.00 1.32  ? 43  CYS A CB   1 
ATOM 668  S SG   . CYS A 1 44  ? -13.080 -5.516  -5.132  1.00 1.91  ? 43  CYS A SG   1 
ATOM 669  H H    . CYS A 1 44  ? -11.904 -4.395  -7.756  1.00 1.47  ? 43  CYS A H    1 
ATOM 670  H HA   . CYS A 1 44  ? -12.057 -2.819  -5.284  1.00 0.88  ? 43  CYS A HA   1 
ATOM 671  H HB2  . CYS A 1 44  ? -10.799 -5.520  -5.870  1.00 1.54  ? 43  CYS A HB2  1 
ATOM 672  H HB3  . CYS A 1 44  ? -10.959 -4.809  -4.264  1.00 1.79  ? 43  CYS A HB3  1 
ATOM 673  H HG   . CYS A 1 44  ? -13.562 -4.978  -4.500  1.00 1.94  ? 43  CYS A HG   1 
ATOM 674  N N    . TYR A 1 45  ? -9.514  -2.394  -4.808  1.00 0.56  ? 44  TYR A N    1 
ATOM 675  C CA   . TYR A 1 45  ? -8.131  -1.845  -4.805  1.00 0.43  ? 44  TYR A CA   1 
ATOM 676  C C    . TYR A 1 45  ? -7.277  -2.609  -3.796  1.00 0.36  ? 44  TYR A C    1 
ATOM 677  O O    . TYR A 1 45  ? -7.771  -3.117  -2.811  1.00 0.42  ? 44  TYR A O    1 
ATOM 678  C CB   . TYR A 1 45  ? -8.157  -0.360  -4.440  1.00 0.52  ? 44  TYR A CB   1 
ATOM 679  C CG   . TYR A 1 45  ? -8.812  0.418   -5.555  1.00 0.61  ? 44  TYR A CG   1 
ATOM 680  C CD1  . TYR A 1 45  ? -8.041  0.882   -6.629  1.00 0.69  ? 44  TYR A CD1  1 
ATOM 681  C CD2  . TYR A 1 45  ? -10.187 0.678   -5.519  1.00 0.77  ? 44  TYR A CD2  1 
ATOM 682  C CE1  . TYR A 1 45  ? -8.645  1.601   -7.666  1.00 0.79  ? 44  TYR A CE1  1 
ATOM 683  C CE2  . TYR A 1 45  ? -10.789 1.400   -6.557  1.00 0.86  ? 44  TYR A CE2  1 
ATOM 684  C CZ   . TYR A 1 45  ? -10.019 1.861   -7.629  1.00 0.81  ? 44  TYR A CZ   1 
ATOM 685  O OH   . TYR A 1 45  ? -10.615 2.573   -8.649  1.00 0.92  ? 44  TYR A OH   1 
ATOM 686  H H    . TYR A 1 45  ? -10.052 -2.383  -3.986  1.00 0.65  ? 44  TYR A H    1 
ATOM 687  H HA   . TYR A 1 45  ? -7.709  -1.962  -5.787  1.00 0.45  ? 44  TYR A HA   1 
ATOM 688  H HB2  . TYR A 1 45  ? -8.716  -0.223  -3.524  1.00 0.60  ? 44  TYR A HB2  1 
ATOM 689  H HB3  . TYR A 1 45  ? -7.145  -0.006  -4.300  1.00 0.55  ? 44  TYR A HB3  1 
ATOM 690  H HD1  . TYR A 1 45  ? -6.980  0.681   -6.660  1.00 0.80  ? 44  TYR A HD1  1 
ATOM 691  H HD2  . TYR A 1 45  ? -10.782 0.323   -4.691  1.00 0.92  ? 44  TYR A HD2  1 
ATOM 692  H HE1  . TYR A 1 45  ? -8.051  1.957   -8.496  1.00 0.94  ? 44  TYR A HE1  1 
ATOM 693  H HE2  . TYR A 1 45  ? -11.848 1.600   -6.531  1.00 1.05  ? 44  TYR A HE2  1 
ATOM 694  H HH   . TYR A 1 45  ? -10.511 2.073   -9.461  1.00 1.31  ? 44  TYR A HH   1 
ATOM 695  N N    . ALA A 1 46  ? -5.991  -2.703  -4.037  1.00 0.34  ? 45  ALA A N    1 
ATOM 696  C CA   . ALA A 1 46  ? -5.112  -3.441  -3.087  1.00 0.31  ? 45  ALA A CA   1 
ATOM 697  C C    . ALA A 1 46  ? -3.731  -2.779  -3.031  1.00 0.34  ? 45  ALA A C    1 
ATOM 698  O O    . ALA A 1 46  ? -3.162  -2.415  -4.042  1.00 0.43  ? 45  ALA A O    1 
ATOM 699  C CB   . ALA A 1 46  ? -4.961  -4.893  -3.559  1.00 0.39  ? 45  ALA A CB   1 
ATOM 700  H H    . ALA A 1 46  ? -5.609  -2.289  -4.840  1.00 0.40  ? 45  ALA A H    1 
ATOM 701  H HA   . ALA A 1 46  ? -5.557  -3.428  -2.106  1.00 0.28  ? 45  ALA A HA   1 
ATOM 702  H HB1  . ALA A 1 46  ? -4.525  -4.910  -4.546  1.00 1.12  ? 45  ALA A HB1  1 
ATOM 703  H HB2  . ALA A 1 46  ? -4.323  -5.430  -2.873  1.00 1.13  ? 45  ALA A HB2  1 
ATOM 704  H HB3  . ALA A 1 46  ? -5.934  -5.364  -3.589  1.00 1.04  ? 45  ALA A HB3  1 
ATOM 705  N N    . CYS A 1 47  ? -3.179  -2.640  -1.852  1.00 0.31  ? 46  CYS A N    1 
ATOM 706  C CA   . CYS A 1 47  ? -1.828  -2.024  -1.726  1.00 0.39  ? 46  CYS A CA   1 
ATOM 707  C C    . CYS A 1 47  ? -0.814  -3.157  -1.550  1.00 0.34  ? 46  CYS A C    1 
ATOM 708  O O    . CYS A 1 47  ? -0.892  -3.924  -0.616  1.00 0.42  ? 46  CYS A O    1 
ATOM 709  C CB   . CYS A 1 47  ? -1.788  -1.092  -0.503  1.00 0.46  ? 46  CYS A CB   1 
ATOM 710  S SG   . CYS A 1 47  ? -3.060  0.185   -0.673  1.00 1.33  ? 46  CYS A SG   1 
ATOM 711  H H    . CYS A 1 47  ? -3.647  -2.958  -1.053  1.00 0.30  ? 46  CYS A H    1 
ATOM 712  H HA   . CYS A 1 47  ? -1.597  -1.467  -2.619  1.00 0.48  ? 46  CYS A HA   1 
ATOM 713  H HB2  . CYS A 1 47  ? -1.973  -1.661  0.395   1.00 1.03  ? 46  CYS A HB2  1 
ATOM 714  H HB3  . CYS A 1 47  ? -0.817  -0.619  -0.434  1.00 1.03  ? 46  CYS A HB3  1 
ATOM 715  H HG   . CYS A 1 47  ? -2.910  0.649   -1.497  1.00 1.96  ? 46  CYS A HG   1 
ATOM 716  N N    . SER A 1 48  ? 0.125   -3.286  -2.445  1.00 0.31  ? 47  SER A N    1 
ATOM 717  C CA   . SER A 1 48  ? 1.117   -4.390  -2.312  1.00 0.34  ? 47  SER A CA   1 
ATOM 718  C C    . SER A 1 48  ? 2.396   -3.849  -1.680  1.00 0.28  ? 47  SER A C    1 
ATOM 719  O O    . SER A 1 48  ? 2.927   -2.842  -2.099  1.00 0.28  ? 47  SER A O    1 
ATOM 720  C CB   . SER A 1 48  ? 1.433   -4.977  -3.689  1.00 0.48  ? 47  SER A CB   1 
ATOM 721  O OG   . SER A 1 48  ? 0.293   -5.674  -4.180  1.00 1.36  ? 47  SER A OG   1 
ATOM 722  H H    . SER A 1 48  ? 0.171   -2.667  -3.202  1.00 0.33  ? 47  SER A H    1 
ATOM 723  H HA   . SER A 1 48  ? 0.707   -5.164  -1.679  1.00 0.39  ? 47  SER A HA   1 
ATOM 724  H HB2  . SER A 1 48  ? 1.688   -4.188  -4.374  1.00 1.18  ? 47  SER A HB2  1 
ATOM 725  H HB3  . SER A 1 48  ? 2.270   -5.656  -3.601  1.00 1.14  ? 47  SER A HB3  1 
ATOM 726  H HG   . SER A 1 48  ? -0.425  -5.545  -3.557  1.00 1.88  ? 47  SER A HG   1 
ATOM 727  N N    . VAL A 1 49  ? 2.891   -4.509  -0.668  1.00 0.30  ? 48  VAL A N    1 
ATOM 728  C CA   . VAL A 1 49  ? 4.129   -4.018  -0.006  1.00 0.31  ? 48  VAL A CA   1 
ATOM 729  C C    . VAL A 1 49  ? 5.163   -5.136  0.103   1.00 0.27  ? 48  VAL A C    1 
ATOM 730  O O    . VAL A 1 49  ? 4.853   -6.307  0.015   1.00 0.31  ? 48  VAL A O    1 
ATOM 731  C CB   . VAL A 1 49  ? 3.795   -3.526  1.403   1.00 0.40  ? 48  VAL A CB   1 
ATOM 732  C CG1  . VAL A 1 49  ? 3.155   -4.661  2.205   1.00 1.19  ? 48  VAL A CG1  1 
ATOM 733  C CG2  . VAL A 1 49  ? 5.081   -3.073  2.098   1.00 1.33  ? 48  VAL A CG2  1 
ATOM 734  H H    . VAL A 1 49  ? 2.446   -5.317  -0.342  1.00 0.35  ? 48  VAL A H    1 
ATOM 735  H HA   . VAL A 1 49  ? 4.540   -3.205  -0.580  1.00 0.34  ? 48  VAL A HA   1 
ATOM 736  H HB   . VAL A 1 49  ? 3.112   -2.702  1.343   1.00 1.12  ? 48  VAL A HB   1 
ATOM 737  H HG11 . VAL A 1 49  ? 2.404   -5.148  1.601   1.00 1.88  ? 48  VAL A HG11 1 
ATOM 738  H HG12 . VAL A 1 49  ? 3.915   -5.378  2.483   1.00 1.81  ? 48  VAL A HG12 1 
ATOM 739  H HG13 . VAL A 1 49  ? 2.696   -4.260  3.096   1.00 1.62  ? 48  VAL A HG13 1 
ATOM 740  H HG21 . VAL A 1 49  ? 5.664   -2.470  1.418   1.00 1.92  ? 48  VAL A HG21 1 
ATOM 741  H HG22 . VAL A 1 49  ? 4.833   -2.493  2.974   1.00 1.93  ? 48  VAL A HG22 1 
ATOM 742  H HG23 . VAL A 1 49  ? 5.655   -3.941  2.393   1.00 1.83  ? 48  VAL A HG23 1 
ATOM 743  N N    . VAL A 1 50  ? 6.390   -4.764  0.325   1.00 0.30  ? 49  VAL A N    1 
ATOM 744  C CA   . VAL A 1 50  ? 7.473   -5.774  0.481   1.00 0.30  ? 49  VAL A CA   1 
ATOM 745  C C    . VAL A 1 50  ? 7.802   -5.881  1.967   1.00 0.30  ? 49  VAL A C    1 
ATOM 746  O O    . VAL A 1 50  ? 7.962   -4.884  2.639   1.00 0.33  ? 49  VAL A O    1 
ATOM 747  C CB   . VAL A 1 50  ? 8.723   -5.329  -0.279  1.00 0.30  ? 49  VAL A CB   1 
ATOM 748  C CG1  . VAL A 1 50  ? 9.844   -6.351  -0.067  1.00 0.36  ? 49  VAL A CG1  1 
ATOM 749  C CG2  . VAL A 1 50  ? 8.411   -5.219  -1.772  1.00 0.44  ? 49  VAL A CG2  1 
ATOM 750  H H    . VAL A 1 50  ? 6.593   -3.809  0.415   1.00 0.37  ? 49  VAL A H    1 
ATOM 751  H HA   . VAL A 1 50  ? 7.137   -6.730  0.111   1.00 0.35  ? 49  VAL A HA   1 
ATOM 752  H HB   . VAL A 1 50  ? 9.039   -4.373  0.096   1.00 0.30  ? 49  VAL A HB   1 
ATOM 753  H HG11 . VAL A 1 50  ? 9.415   -7.305  0.200   1.00 1.12  ? 49  VAL A HG11 1 
ATOM 754  H HG12 . VAL A 1 50  ? 10.413  -6.456  -0.979  1.00 1.12  ? 49  VAL A HG12 1 
ATOM 755  H HG13 . VAL A 1 50  ? 10.495  -6.014  0.725   1.00 1.00  ? 49  VAL A HG13 1 
ATOM 756  H HG21 . VAL A 1 50  ? 7.567   -5.848  -2.012  1.00 1.18  ? 49  VAL A HG21 1 
ATOM 757  H HG22 . VAL A 1 50  ? 8.178   -4.194  -2.016  1.00 0.99  ? 49  VAL A HG22 1 
ATOM 758  H HG23 . VAL A 1 50  ? 9.271   -5.537  -2.344  1.00 1.06  ? 49  VAL A HG23 1 
ATOM 759  N N    . VAL A 1 51  ? 7.901   -7.066  2.496   1.00 0.35  ? 50  VAL A N    1 
ATOM 760  C CA   . VAL A 1 51  ? 8.214   -7.186  3.944   1.00 0.41  ? 50  VAL A CA   1 
ATOM 761  C C    . VAL A 1 51  ? 9.608   -7.780  4.118   1.00 0.57  ? 50  VAL A C    1 
ATOM 762  O O    . VAL A 1 51  ? 10.047  -8.603  3.338   1.00 0.71  ? 50  VAL A O    1 
ATOM 763  C CB   . VAL A 1 51  ? 7.177   -8.087  4.619   1.00 0.61  ? 50  VAL A CB   1 
ATOM 764  C CG1  . VAL A 1 51  ? 7.623   -8.416  6.047   1.00 1.10  ? 50  VAL A CG1  1 
ATOM 765  C CG2  . VAL A 1 51  ? 5.836   -7.355  4.667   1.00 1.14  ? 50  VAL A CG2  1 
ATOM 766  H H    . VAL A 1 51  ? 7.767   -7.870  1.949   1.00 0.39  ? 50  VAL A H    1 
ATOM 767  H HA   . VAL A 1 51  ? 8.185   -6.204  4.394   1.00 0.48  ? 50  VAL A HA   1 
ATOM 768  H HB   . VAL A 1 51  ? 7.071   -9.000  4.052   1.00 1.20  ? 50  VAL A HB   1 
ATOM 769  H HG11 . VAL A 1 51  ? 8.325   -7.670  6.388   1.00 1.62  ? 50  VAL A HG11 1 
ATOM 770  H HG12 . VAL A 1 51  ? 6.761   -8.420  6.699   1.00 1.80  ? 50  VAL A HG12 1 
ATOM 771  H HG13 . VAL A 1 51  ? 8.092   -9.389  6.065   1.00 1.51  ? 50  VAL A HG13 1 
ATOM 772  H HG21 . VAL A 1 51  ? 6.006   -6.318  4.909   1.00 1.58  ? 50  VAL A HG21 1 
ATOM 773  H HG22 . VAL A 1 51  ? 5.351   -7.426  3.706   1.00 1.73  ? 50  VAL A HG22 1 
ATOM 774  H HG23 . VAL A 1 51  ? 5.208   -7.800  5.422   1.00 1.73  ? 50  VAL A HG23 1 
ATOM 775  N N    . ASP A 1 52  ? 10.303  -7.367  5.141   1.00 0.68  ? 51  ASP A N    1 
ATOM 776  C CA   . ASP A 1 52  ? 11.673  -7.896  5.389   1.00 0.97  ? 51  ASP A CA   1 
ATOM 777  C C    . ASP A 1 52  ? 11.636  -9.412  5.333   1.00 0.71  ? 51  ASP A C    1 
ATOM 778  O O    . ASP A 1 52  ? 12.651  -10.079 5.320   1.00 1.07  ? 51  ASP A O    1 
ATOM 779  C CB   . ASP A 1 52  ? 12.145  -7.458  6.776   1.00 1.52  ? 51  ASP A CB   1 
ATOM 780  C CG   . ASP A 1 52  ? 13.595  -7.899  6.993   1.00 2.19  ? 51  ASP A CG   1 
ATOM 781  O OD1  . ASP A 1 52  ? 14.481  -7.215  6.507   1.00 2.58  ? 51  ASP A OD1  1 
ATOM 782  O OD2  . ASP A 1 52  ? 13.794  -8.911  7.646   1.00 2.74  ? 51  ASP A OD2  1 
ATOM 783  H H    . ASP A 1 52  ? 9.919   -6.707  5.754   1.00 0.63  ? 51  ASP A H    1 
ATOM 784  H HA   . ASP A 1 52  ? 12.344  -7.527  4.638   1.00 1.19  ? 51  ASP A HA   1 
ATOM 785  H HB2  . ASP A 1 52  ? 12.077  -6.382  6.856   1.00 1.84  ? 51  ASP A HB2  1 
ATOM 786  H HB3  . ASP A 1 52  ? 11.514  -7.914  7.527   1.00 1.94  ? 51  ASP A HB3  1 
ATOM 787  N N    . GLY A 1 53  ? 10.465  -9.955  5.312   1.00 0.79  ? 52  GLY A N    1 
ATOM 788  C CA   . GLY A 1 53  ? 10.337  -11.429 5.267   1.00 1.07  ? 52  GLY A CA   1 
ATOM 789  C C    . GLY A 1 53  ? 9.916   -11.874 3.870   1.00 0.81  ? 52  GLY A C    1 
ATOM 790  O O    . GLY A 1 53  ? 10.524  -12.749 3.287   1.00 0.90  ? 52  GLY A O    1 
ATOM 791  H H    . GLY A 1 53  ? 9.669   -9.388  5.327   1.00 1.10  ? 52  GLY A H    1 
ATOM 792  H HA2  . GLY A 1 53  ? 11.289  -11.878 5.516   1.00 1.39  ? 52  GLY A HA2  1 
ATOM 793  H HA3  . GLY A 1 53  ? 9.594   -11.746 5.983   1.00 1.33  ? 52  GLY A HA3  1 
ATOM 794  N N    . GLU A 1 54  ? 8.880   -11.294 3.319   1.00 0.60  ? 53  GLU A N    1 
ATOM 795  C CA   . GLU A 1 54  ? 8.442   -11.721 1.958   1.00 0.51  ? 53  GLU A CA   1 
ATOM 796  C C    . GLU A 1 54  ? 7.563   -10.653 1.315   1.00 0.44  ? 53  GLU A C    1 
ATOM 797  O O    . GLU A 1 54  ? 7.082   -9.749  1.967   1.00 0.44  ? 53  GLU A O    1 
ATOM 798  C CB   . GLU A 1 54  ? 7.639   -13.022 2.059   1.00 0.64  ? 53  GLU A CB   1 
ATOM 799  C CG   . GLU A 1 54  ? 8.538   -14.149 2.563   1.00 1.36  ? 53  GLU A CG   1 
ATOM 800  C CD   . GLU A 1 54  ? 7.820   -15.487 2.393   1.00 2.03  ? 53  GLU A CD   1 
ATOM 801  O OE1  . GLU A 1 54  ? 6.794   -15.671 3.028   1.00 2.90  ? 53  GLU A OE1  1 
ATOM 802  O OE2  . GLU A 1 54  ? 8.308   -16.307 1.635   1.00 2.29  ? 53  GLU A OE2  1 
ATOM 803  H H    . GLU A 1 54  ? 8.396   -10.580 3.796   1.00 0.61  ? 53  GLU A H    1 
ATOM 804  H HA   . GLU A 1 54  ? 9.311   -11.889 1.340   1.00 0.62  ? 53  GLU A HA   1 
ATOM 805  H HB2  . GLU A 1 54  ? 6.816   -12.883 2.746   1.00 1.19  ? 53  GLU A HB2  1 
ATOM 806  H HB3  . GLU A 1 54  ? 7.252   -13.281 1.085   1.00 1.35  ? 53  GLU A HB3  1 
ATOM 807  H HG2  . GLU A 1 54  ? 9.458   -14.157 1.996   1.00 1.99  ? 53  GLU A HG2  1 
ATOM 808  H HG3  . GLU A 1 54  ? 8.759   -13.995 3.607   1.00 1.92  ? 53  GLU A HG3  1 
ATOM 809  N N    . VAL A 1 55  ? 7.332   -10.770 0.037   1.00 0.45  ? 54  VAL A N    1 
ATOM 810  C CA   . VAL A 1 55  ? 6.462   -9.787  -0.663  1.00 0.39  ? 54  VAL A CA   1 
ATOM 811  C C    . VAL A 1 55  ? 5.000   -10.191 -0.456  1.00 0.34  ? 54  VAL A C    1 
ATOM 812  O O    . VAL A 1 55  ? 4.633   -11.334 -0.648  1.00 0.39  ? 54  VAL A O    1 
ATOM 813  C CB   . VAL A 1 55  ? 6.788   -9.789  -2.156  1.00 0.46  ? 54  VAL A CB   1 
ATOM 814  C CG1  . VAL A 1 55  ? 5.732   -8.978  -2.901  1.00 1.21  ? 54  VAL A CG1  1 
ATOM 815  C CG2  . VAL A 1 55  ? 8.165   -9.159  -2.379  1.00 1.32  ? 54  VAL A CG2  1 
ATOM 816  H H    . VAL A 1 55  ? 7.718   -11.521 -0.461  1.00 0.53  ? 54  VAL A H    1 
ATOM 817  H HA   . VAL A 1 55  ? 6.627   -8.804  -0.255  1.00 0.43  ? 54  VAL A HA   1 
ATOM 818  H HB   . VAL A 1 55  ? 6.789   -10.805 -2.525  1.00 1.10  ? 54  VAL A HB   1 
ATOM 819  H HG11 . VAL A 1 55  ? 5.658   -7.997  -2.460  1.00 1.79  ? 54  VAL A HG11 1 
ATOM 820  H HG12 . VAL A 1 55  ? 6.014   -8.887  -3.938  1.00 1.83  ? 54  VAL A HG12 1 
ATOM 821  H HG13 . VAL A 1 55  ? 4.778   -9.478  -2.832  1.00 1.76  ? 54  VAL A HG13 1 
ATOM 822  H HG21 . VAL A 1 55  ? 8.913   -9.727  -1.844  1.00 1.86  ? 54  VAL A HG21 1 
ATOM 823  H HG22 . VAL A 1 55  ? 8.395   -9.162  -3.435  1.00 1.85  ? 54  VAL A HG22 1 
ATOM 824  H HG23 . VAL A 1 55  ? 8.158   -8.141  -2.015  1.00 1.93  ? 54  VAL A HG23 1 
ATOM 825  N N    . LYS A 1 56  ? 4.163   -9.275  -0.048  1.00 0.38  ? 55  LYS A N    1 
ATOM 826  C CA   . LYS A 1 56  ? 2.733   -9.637  0.187   1.00 0.44  ? 55  LYS A CA   1 
ATOM 827  C C    . LYS A 1 56  ? 1.801   -8.658  -0.533  1.00 0.33  ? 55  LYS A C    1 
ATOM 828  O O    . LYS A 1 56  ? 2.160   -7.533  -0.816  1.00 0.39  ? 55  LYS A O    1 
ATOM 829  C CB   . LYS A 1 56  ? 2.438   -9.576  1.686   1.00 0.68  ? 55  LYS A CB   1 
ATOM 830  C CG   . LYS A 1 56  ? 3.336   -10.562 2.432   1.00 0.86  ? 55  LYS A CG   1 
ATOM 831  C CD   . LYS A 1 56  ? 4.377   -9.788  3.237   1.00 0.69  ? 55  LYS A CD   1 
ATOM 832  C CE   . LYS A 1 56  ? 5.208   -10.770 4.066   1.00 1.18  ? 55  LYS A CE   1 
ATOM 833  N NZ   . LYS A 1 56  ? 5.487   -10.185 5.408   1.00 2.09  ? 55  LYS A NZ   1 
ATOM 834  H H    . LYS A 1 56  ? 4.478   -8.359  0.118   1.00 0.44  ? 55  LYS A H    1 
ATOM 835  H HA   . LYS A 1 56  ? 2.550   -10.638 -0.172  1.00 0.49  ? 55  LYS A HA   1 
ATOM 836  H HB2  . LYS A 1 56  ? 2.625   -8.575  2.046   1.00 0.78  ? 55  LYS A HB2  1 
ATOM 837  H HB3  . LYS A 1 56  ? 1.404   -9.832  1.860   1.00 0.79  ? 55  LYS A HB3  1 
ATOM 838  H HG2  . LYS A 1 56  ? 2.736   -11.161 3.102   1.00 1.43  ? 55  LYS A HG2  1 
ATOM 839  H HG3  . LYS A 1 56  ? 3.835   -11.204 1.722   1.00 1.43  ? 55  LYS A HG3  1 
ATOM 840  H HD2  . LYS A 1 56  ? 5.023   -9.248  2.557   1.00 1.26  ? 55  LYS A HD2  1 
ATOM 841  H HD3  . LYS A 1 56  ? 3.880   -9.090  3.895   1.00 1.23  ? 55  LYS A HD3  1 
ATOM 842  H HE2  . LYS A 1 56  ? 4.660   -11.692 4.185   1.00 1.66  ? 55  LYS A HE2  1 
ATOM 843  H HE3  . LYS A 1 56  ? 6.140   -10.969 3.559   1.00 1.62  ? 55  LYS A HE3  1 
ATOM 844  H HZ1  . LYS A 1 56  ? 4.823   -9.408  5.594   1.00 2.51  ? 55  LYS A HZ1  1 
ATOM 845  H HZ2  . LYS A 1 56  ? 5.375   -10.920 6.137   1.00 2.61  ? 55  LYS A HZ2  1 
ATOM 846  H HZ3  . LYS A 1 56  ? 6.460   -9.820  5.431   1.00 2.57  ? 55  LYS A HZ3  1 
ATOM 847  N N    . HIS A 1 57  ? 0.596   -9.080  -0.814  1.00 0.35  ? 56  HIS A N    1 
ATOM 848  C CA   . HIS A 1 57  ? -0.376  -8.179  -1.493  1.00 0.31  ? 56  HIS A CA   1 
ATOM 849  C C    . HIS A 1 57  ? -1.506  -7.846  -0.520  1.00 0.34  ? 56  HIS A C    1 
ATOM 850  O O    . HIS A 1 57  ? -2.331  -8.682  -0.207  1.00 0.54  ? 56  HIS A O    1 
ATOM 851  C CB   . HIS A 1 57  ? -0.959  -8.882  -2.723  1.00 0.39  ? 56  HIS A CB   1 
ATOM 852  C CG   . HIS A 1 57  ? 0.150   -9.228  -3.679  1.00 0.50  ? 56  HIS A CG   1 
ATOM 853  N ND1  . HIS A 1 57  ? 1.006   -8.270  -4.197  1.00 1.06  ? 56  HIS A ND1  1 
ATOM 854  C CD2  . HIS A 1 57  ? 0.557   -10.423 -4.214  1.00 1.48  ? 56  HIS A CD2  1 
ATOM 855  C CE1  . HIS A 1 57  ? 1.878   -8.901  -5.003  1.00 1.10  ? 56  HIS A CE1  1 
ATOM 856  N NE2  . HIS A 1 57  ? 1.649   -10.214 -5.050  1.00 1.44  ? 56  HIS A NE2  1 
ATOM 857  H H    . HIS A 1 57  ? 0.326   -9.989  -0.563  1.00 0.47  ? 56  HIS A H    1 
ATOM 858  H HA   . HIS A 1 57  ? 0.123   -7.271  -1.795  1.00 0.31  ? 56  HIS A HA   1 
ATOM 859  H HB2  . HIS A 1 57  ? -1.462  -9.787  -2.415  1.00 0.61  ? 56  HIS A HB2  1 
ATOM 860  H HB3  . HIS A 1 57  ? -1.664  -8.228  -3.212  1.00 0.69  ? 56  HIS A HB3  1 
ATOM 861  H HD1  . HIS A 1 57  ? 0.978   -7.308  -4.015  1.00 1.84  ? 56  HIS A HD1  1 
ATOM 862  H HD2  . HIS A 1 57  ? 0.093   -11.378 -4.027  1.00 2.38  ? 56  HIS A HD2  1 
ATOM 863  H HE1  . HIS A 1 57  ? 2.667   -8.405  -5.549  1.00 1.62  ? 56  HIS A HE1  1 
ATOM 864  N N    . CYS A 1 58  ? -1.559  -6.633  -0.041  1.00 0.31  ? 57  CYS A N    1 
ATOM 865  C CA   . CYS A 1 58  ? -2.648  -6.261  0.904   1.00 0.34  ? 57  CYS A CA   1 
ATOM 866  C C    . CYS A 1 58  ? -3.829  -5.727  0.098   1.00 0.29  ? 57  CYS A C    1 
ATOM 867  O O    . CYS A 1 58  ? -3.668  -4.935  -0.810  1.00 0.33  ? 57  CYS A O    1 
ATOM 868  C CB   . CYS A 1 58  ? -2.151  -5.197  1.883   1.00 0.42  ? 57  CYS A CB   1 
ATOM 869  S SG   . CYS A 1 58  ? -0.823  -5.887  2.899   1.00 1.46  ? 57  CYS A SG   1 
ATOM 870  H H    . CYS A 1 58  ? -0.889  -5.970  -0.307  1.00 0.42  ? 57  CYS A H    1 
ATOM 871  H HA   . CYS A 1 58  ? -2.962  -7.140  1.451   1.00 0.41  ? 57  CYS A HA   1 
ATOM 872  H HB2  . CYS A 1 58  ? -1.779  -4.347  1.335   1.00 0.81  ? 57  CYS A HB2  1 
ATOM 873  H HB3  . CYS A 1 58  ? -2.967  -4.886  2.519   1.00 1.00  ? 57  CYS A HB3  1 
ATOM 874  H HG   . CYS A 1 58  ? -1.163  -6.666  3.345   1.00 1.76  ? 57  CYS A HG   1 
ATOM 875  N N    . VAL A 1 59  ? -5.011  -6.177  0.403   1.00 0.33  ? 58  VAL A N    1 
ATOM 876  C CA   . VAL A 1 59  ? -6.204  -5.726  -0.364  1.00 0.33  ? 58  VAL A CA   1 
ATOM 877  C C    . VAL A 1 59  ? -6.874  -4.525  0.310   1.00 0.36  ? 58  VAL A C    1 
ATOM 878  O O    . VAL A 1 59  ? -7.012  -4.465  1.516   1.00 0.48  ? 58  VAL A O    1 
ATOM 879  C CB   . VAL A 1 59  ? -7.201  -6.880  -0.444  1.00 0.45  ? 58  VAL A CB   1 
ATOM 880  C CG1  . VAL A 1 59  ? -7.992  -6.962  0.862   1.00 0.97  ? 58  VAL A CG1  1 
ATOM 881  C CG2  . VAL A 1 59  ? -8.164  -6.647  -1.612  1.00 1.07  ? 58  VAL A CG2  1 
ATOM 882  H H    . VAL A 1 59  ? -5.114  -6.834  1.124   1.00 0.43  ? 58  VAL A H    1 
ATOM 883  H HA   . VAL A 1 59  ? -5.901  -5.450  -1.361  1.00 0.31  ? 58  VAL A HA   1 
ATOM 884  H HB   . VAL A 1 59  ? -6.662  -7.805  -0.596  1.00 0.86  ? 58  VAL A HB   1 
ATOM 885  H HG11 . VAL A 1 59  ? -7.354  -6.684  1.689   1.00 1.68  ? 58  VAL A HG11 1 
ATOM 886  H HG12 . VAL A 1 59  ? -8.834  -6.285  0.815   1.00 1.34  ? 58  VAL A HG12 1 
ATOM 887  H HG13 . VAL A 1 59  ? -8.350  -7.972  1.004   1.00 1.58  ? 58  VAL A HG13 1 
ATOM 888  H HG21 . VAL A 1 59  ? -8.416  -5.598  -1.668  1.00 1.63  ? 58  VAL A HG21 1 
ATOM 889  H HG22 . VAL A 1 59  ? -7.693  -6.956  -2.534  1.00 1.44  ? 58  VAL A HG22 1 
ATOM 890  H HG23 . VAL A 1 59  ? -9.063  -7.225  -1.455  1.00 1.73  ? 58  VAL A HG23 1 
ATOM 891  N N    . ILE A 1 60  ? -7.319  -3.583  -0.478  1.00 0.31  ? 59  ILE A N    1 
ATOM 892  C CA   . ILE A 1 60  ? -8.013  -2.388  0.075   1.00 0.39  ? 59  ILE A CA   1 
ATOM 893  C C    . ILE A 1 60  ? -9.493  -2.479  -0.299  1.00 0.42  ? 59  ILE A C    1 
ATOM 894  O O    . ILE A 1 60  ? -9.839  -2.808  -1.419  1.00 0.46  ? 59  ILE A O    1 
ATOM 895  C CB   . ILE A 1 60  ? -7.419  -1.119  -0.535  1.00 0.50  ? 59  ILE A CB   1 
ATOM 896  C CG1  . ILE A 1 60  ? -5.937  -1.014  -0.176  1.00 0.67  ? 59  ILE A CG1  1 
ATOM 897  C CG2  . ILE A 1 60  ? -8.159  0.108   0.000   1.00 0.71  ? 59  ILE A CG2  1 
ATOM 898  C CD1  . ILE A 1 60  ? -5.768  -1.027  1.344   1.00 0.96  ? 59  ILE A CD1  1 
ATOM 899  H H    . ILE A 1 60  ? -7.211  -3.671  -1.446  1.00 0.30  ? 59  ILE A H    1 
ATOM 900  H HA   . ILE A 1 60  ? -7.906  -2.368  1.147   1.00 0.52  ? 59  ILE A HA   1 
ATOM 901  H HB   . ILE A 1 60  ? -7.526  -1.157  -1.609  1.00 0.62  ? 59  ILE A HB   1 
ATOM 902  H HG12 . ILE A 1 60  ? -5.404  -1.849  -0.603  1.00 1.37  ? 59  ILE A HG12 1 
ATOM 903  H HG13 . ILE A 1 60  ? -5.540  -0.093  -0.571  1.00 1.32  ? 59  ILE A HG13 1 
ATOM 904  H HG21 . ILE A 1 60  ? -8.103  0.123   1.078   1.00 1.36  ? 59  ILE A HG21 1 
ATOM 905  H HG22 . ILE A 1 60  ? -7.702  1.004   -0.396  1.00 1.31  ? 59  ILE A HG22 1 
ATOM 906  H HG23 . ILE A 1 60  ? -9.194  0.067   -0.307  1.00 1.14  ? 59  ILE A HG23 1 
ATOM 907  H HD11 . ILE A 1 60  ? -6.620  -0.549  1.805   1.00 1.50  ? 59  ILE A HD11 1 
ATOM 908  H HD12 . ILE A 1 60  ? -5.695  -2.047  1.690   1.00 1.62  ? 59  ILE A HD12 1 
ATOM 909  H HD13 . ILE A 1 60  ? -4.867  -0.490  1.607   1.00 1.58  ? 59  ILE A HD13 1 
ATOM 910  N N    . ASN A 1 61  ? -10.369 -2.196  0.622   1.00 0.58  ? 60  ASN A N    1 
ATOM 911  C CA   . ASN A 1 61  ? -11.822 -2.281  0.306   1.00 0.73  ? 60  ASN A CA   1 
ATOM 912  C C    . ASN A 1 61  ? -12.331 -0.907  -0.128  1.00 0.79  ? 60  ASN A C    1 
ATOM 913  O O    . ASN A 1 61  ? -11.694 0.098   0.104   1.00 0.97  ? 60  ASN A O    1 
ATOM 914  C CB   . ASN A 1 61  ? -12.582 -2.737  1.552   1.00 0.99  ? 60  ASN A CB   1 
ATOM 915  C CG   . ASN A 1 61  ? -12.111 -4.140  1.946   1.00 1.48  ? 60  ASN A CG   1 
ATOM 916  O OD1  . ASN A 1 61  ? -11.644 -4.891  1.114   1.00 2.34  ? 60  ASN A OD1  1 
ATOM 917  N ND2  . ASN A 1 61  ? -12.211 -4.525  3.191   1.00 1.82  ? 60  ASN A ND2  1 
ATOM 918  H H    . ASN A 1 61  ? -10.073 -1.932  1.520   1.00 0.67  ? 60  ASN A H    1 
ATOM 919  H HA   . ASN A 1 61  ? -11.979 -2.991  -0.491  1.00 0.75  ? 60  ASN A HA   1 
ATOM 920  H HB2  . ASN A 1 61  ? -12.388 -2.047  2.361   1.00 1.37  ? 60  ASN A HB2  1 
ATOM 921  H HB3  . ASN A 1 61  ? -13.639 -2.760  1.340   1.00 1.20  ? 60  ASN A HB3  1 
ATOM 922  H HD21 . ASN A 1 61  ? -12.584 -3.920  3.864   1.00 2.05  ? 60  ASN A HD21 1 
ATOM 923  H HD22 . ASN A 1 61  ? -11.912 -5.422  3.449   1.00 2.35  ? 60  ASN A HD22 1 
ATOM 924  N N    . LYS A 1 62  ? -13.470 -0.847  -0.759  1.00 0.88  ? 61  LYS A N    1 
ATOM 925  C CA   . LYS A 1 62  ? -13.994 0.478   -1.194  1.00 1.02  ? 61  LYS A CA   1 
ATOM 926  C C    . LYS A 1 62  ? -15.463 0.614   -0.784  1.00 1.11  ? 61  LYS A C    1 
ATOM 927  O O    . LYS A 1 62  ? -16.335 0.799   -1.610  1.00 1.35  ? 61  LYS A O    1 
ATOM 928  C CB   . LYS A 1 62  ? -13.877 0.600   -2.712  1.00 1.13  ? 61  LYS A CB   1 
ATOM 929  C CG   . LYS A 1 62  ? -14.229 2.025   -3.133  1.00 1.71  ? 61  LYS A CG   1 
ATOM 930  C CD   . LYS A 1 62  ? -14.421 2.063   -4.645  1.00 1.83  ? 61  LYS A CD   1 
ATOM 931  C CE   . LYS A 1 62  ? -14.794 3.477   -5.084  1.00 2.40  ? 61  LYS A CE   1 
ATOM 932  N NZ   . LYS A 1 62  ? -15.060 3.475   -6.549  1.00 2.71  ? 61  LYS A NZ   1 
ATOM 933  H H    . LYS A 1 62  ? -13.977 -1.664  -0.946  1.00 0.99  ? 61  LYS A H    1 
ATOM 934  H HA   . LYS A 1 62  ? -13.414 1.261   -0.723  1.00 1.09  ? 61  LYS A HA   1 
ATOM 935  H HB2  . LYS A 1 62  ? -12.865 0.373   -3.015  1.00 1.59  ? 61  LYS A HB2  1 
ATOM 936  H HB3  . LYS A 1 62  ? -14.558 -0.091  -3.183  1.00 1.46  ? 61  LYS A HB3  1 
ATOM 937  H HG2  . LYS A 1 62  ? -15.142 2.333   -2.642  1.00 2.19  ? 61  LYS A HG2  1 
ATOM 938  H HG3  . LYS A 1 62  ? -13.427 2.692   -2.855  1.00 2.25  ? 61  LYS A HG3  1 
ATOM 939  H HD2  . LYS A 1 62  ? -13.504 1.765   -5.129  1.00 1.92  ? 61  LYS A HD2  1 
ATOM 940  H HD3  . LYS A 1 62  ? -15.211 1.382   -4.924  1.00 1.97  ? 61  LYS A HD3  1 
ATOM 941  H HE2  . LYS A 1 62  ? -15.681 3.798   -4.555  1.00 2.74  ? 61  LYS A HE2  1 
ATOM 942  H HE3  . LYS A 1 62  ? -13.978 4.151   -4.865  1.00 2.94  ? 61  LYS A HE3  1 
ATOM 943  H HZ1  . LYS A 1 62  ? -14.605 2.645   -6.982  1.00 3.06  ? 61  LYS A HZ1  1 
ATOM 944  H HZ2  . LYS A 1 62  ? -16.084 3.432   -6.715  1.00 2.71  ? 61  LYS A HZ2  1 
ATOM 945  H HZ3  . LYS A 1 62  ? -14.674 4.344   -6.971  1.00 3.24  ? 61  LYS A HZ3  1 
ATOM 946  N N    . THR A 1 63  ? -15.738 0.535   0.488   1.00 1.30  ? 62  THR A N    1 
ATOM 947  C CA   . THR A 1 63  ? -17.146 0.669   0.960   1.00 1.45  ? 62  THR A CA   1 
ATOM 948  C C    . THR A 1 63  ? -17.206 1.663   2.124   1.00 1.72  ? 62  THR A C    1 
ATOM 949  O O    . THR A 1 63  ? -16.232 1.882   2.815   1.00 1.91  ? 62  THR A O    1 
ATOM 950  C CB   . THR A 1 63  ? -17.663 -0.688  1.434   1.00 1.60  ? 62  THR A CB   1 
ATOM 951  O OG1  . THR A 1 63  ? -17.620 -1.614  0.358   1.00 2.10  ? 62  THR A OG1  1 
ATOM 952  C CG2  . THR A 1 63  ? -19.101 -0.535  1.928   1.00 2.25  ? 62  THR A CG2  1 
ATOM 953  H H    . THR A 1 63  ? -15.018 0.392   1.135   1.00 1.54  ? 62  THR A H    1 
ATOM 954  H HA   . THR A 1 63  ? -17.765 1.026   0.150   1.00 1.48  ? 62  THR A HA   1 
ATOM 955  H HB   . THR A 1 63  ? -17.047 -1.046  2.243   1.00 1.81  ? 62  THR A HB   1 
ATOM 956  H HG1  . THR A 1 63  ? -17.342 -2.463  0.709   1.00 2.49  ? 62  THR A HG1  1 
ATOM 957  H HG21 . THR A 1 63  ? -19.691 -0.040  1.170   1.00 2.74  ? 62  THR A HG21 1 
ATOM 958  H HG22 . THR A 1 63  ? -19.520 -1.508  2.130   1.00 2.62  ? 62  THR A HG22 1 
ATOM 959  H HG23 . THR A 1 63  ? -19.110 0.056   2.833   1.00 2.67  ? 62  THR A HG23 1 
ATOM 960  N N    . ALA A 1 64  ? -18.344 2.261   2.349   1.00 2.06  ? 63  ALA A N    1 
ATOM 961  C CA   . ALA A 1 64  ? -18.467 3.235   3.472   1.00 2.47  ? 63  ALA A CA   1 
ATOM 962  C C    . ALA A 1 64  ? -17.760 2.677   4.712   1.00 2.56  ? 63  ALA A C    1 
ATOM 963  O O    . ALA A 1 64  ? -17.068 3.386   5.418   1.00 2.96  ? 63  ALA A O    1 
ATOM 964  C CB   . ALA A 1 64  ? -19.948 3.447   3.789   1.00 2.73  ? 63  ALA A CB   1 
ATOM 965  H H    . ALA A 1 64  ? -19.119 2.068   1.782   1.00 2.21  ? 63  ALA A H    1 
ATOM 966  H HA   . ALA A 1 64  ? -18.018 4.176   3.189   1.00 2.66  ? 63  ALA A HA   1 
ATOM 967  H HB1  . ALA A 1 64  ? -20.511 3.491   2.869   1.00 2.84  ? 63  ALA A HB1  1 
ATOM 968  H HB2  . ALA A 1 64  ? -20.306 2.625   4.391   1.00 2.91  ? 63  ALA A HB2  1 
ATOM 969  H HB3  . ALA A 1 64  ? -20.072 4.371   4.333   1.00 3.14  ? 63  ALA A HB3  1 
ATOM 970  N N    . THR A 1 65  ? -17.929 1.411   4.980   1.00 2.40  ? 64  THR A N    1 
ATOM 971  C CA   . THR A 1 65  ? -17.271 0.792   6.167   1.00 2.70  ? 64  THR A CA   1 
ATOM 972  C C    . THR A 1 65  ? -16.150 -0.138  5.695   1.00 2.22  ? 64  THR A C    1 
ATOM 973  O O    . THR A 1 65  ? -15.606 -0.908  6.461   1.00 2.42  ? 64  THR A O    1 
ATOM 974  C CB   . THR A 1 65  ? -18.305 -0.019  6.958   1.00 3.35  ? 64  THR A CB   1 
ATOM 975  O OG1  . THR A 1 65  ? -19.392 0.822   7.314   1.00 3.81  ? 64  THR A OG1  1 
ATOM 976  C CG2  . THR A 1 65  ? -17.664 -0.587  8.226   1.00 4.07  ? 64  THR A CG2  1 
ATOM 977  H H    . THR A 1 65  ? -18.490 0.862   4.395   1.00 2.23  ? 64  THR A H    1 
ATOM 978  H HA   . THR A 1 65  ? -16.859 1.567   6.798   1.00 3.07  ? 64  THR A HA   1 
ATOM 979  H HB   . THR A 1 65  ? -18.666 -0.833  6.348   1.00 3.46  ? 64  THR A HB   1 
ATOM 980  H HG1  . THR A 1 65  ? -19.331 1.622   6.790   1.00 3.86  ? 64  THR A HG1  1 
ATOM 981  H HG21 . THR A 1 65  ? -16.866 0.061   8.550   1.00 4.69  ? 64  THR A HG21 1 
ATOM 982  H HG22 . THR A 1 65  ? -18.409 -0.655  9.004   1.00 4.19  ? 64  THR A HG22 1 
ATOM 983  H HG23 . THR A 1 65  ? -17.269 -1.570  8.022   1.00 4.31  ? 64  THR A HG23 1 
ATOM 984  N N    . GLY A 1 66  ? -15.809 -0.084  4.434   1.00 1.84  ? 65  GLY A N    1 
ATOM 985  C CA   . GLY A 1 66  ? -14.736 -0.979  3.911   1.00 1.78  ? 65  GLY A CA   1 
ATOM 986  C C    . GLY A 1 66  ? -13.375 -0.281  3.990   1.00 1.73  ? 65  GLY A C    1 
ATOM 987  O O    . GLY A 1 66  ? -12.777 -0.192  5.043   1.00 2.65  ? 65  GLY A O    1 
ATOM 988  H H    . GLY A 1 66  ? -16.266 0.537   3.828   1.00 1.86  ? 65  GLY A H    1 
ATOM 989  H HA2  . GLY A 1 66  ? -14.708 -1.882  4.505   1.00 2.23  ? 65  GLY A HA2  1 
ATOM 990  H HA3  . GLY A 1 66  ? -14.947 -1.231  2.882   1.00 1.92  ? 65  GLY A HA3  1 
ATOM 991  N N    . TYR A 1 67  ? -12.877 0.195   2.876   1.00 1.10  ? 66  TYR A N    1 
ATOM 992  C CA   . TYR A 1 67  ? -11.547 0.874   2.864   1.00 1.17  ? 66  TYR A CA   1 
ATOM 993  C C    . TYR A 1 67  ? -10.457 -0.128  3.249   1.00 1.13  ? 66  TYR A C    1 
ATOM 994  O O    . TYR A 1 67  ? -9.287  0.084   3.005   1.00 1.58  ? 66  TYR A O    1 
ATOM 995  C CB   . TYR A 1 67  ? -11.547 2.056   3.842   1.00 1.50  ? 66  TYR A CB   1 
ATOM 996  C CG   . TYR A 1 67  ? -12.533 3.095   3.362   1.00 1.58  ? 66  TYR A CG   1 
ATOM 997  C CD1  . TYR A 1 67  ? -12.126 4.083   2.456   1.00 1.76  ? 66  TYR A CD1  1 
ATOM 998  C CD2  . TYR A 1 67  ? -13.856 3.066   3.817   1.00 2.18  ? 66  TYR A CD2  1 
ATOM 999  C CE1  . TYR A 1 67  ? -13.043 5.040   2.005   1.00 2.32  ? 66  TYR A CE1  1 
ATOM 1000 C CE2  . TYR A 1 67  ? -14.772 4.024   3.367   1.00 2.68  ? 66  TYR A CE2  1 
ATOM 1001 C CZ   . TYR A 1 67  ? -14.366 5.010   2.460   1.00 2.69  ? 66  TYR A CZ   1 
ATOM 1002 O OH   . TYR A 1 67  ? -15.269 5.953   2.016   1.00 3.40  ? 66  TYR A OH   1 
ATOM 1003 H H    . TYR A 1 67  ? -13.376 0.094   2.037   1.00 1.25  ? 66  TYR A H    1 
ATOM 1004 H HA   . TYR A 1 67  ? -11.351 1.240   1.870   1.00 1.31  ? 66  TYR A HA   1 
ATOM 1005 H HB2  . TYR A 1 67  ? -11.830 1.718   4.827   1.00 2.00  ? 66  TYR A HB2  1 
ATOM 1006 H HB3  . TYR A 1 67  ? -10.560 2.491   3.883   1.00 1.71  ? 66  TYR A HB3  1 
ATOM 1007 H HD1  . TYR A 1 67  ? -11.105 4.106   2.104   1.00 1.89  ? 66  TYR A HD1  1 
ATOM 1008 H HD2  . TYR A 1 67  ? -14.170 2.306   4.517   1.00 2.53  ? 66  TYR A HD2  1 
ATOM 1009 H HE1  . TYR A 1 67  ? -12.729 5.801   1.306   1.00 2.74  ? 66  TYR A HE1  1 
ATOM 1010 H HE2  . TYR A 1 67  ? -15.793 4.003   3.720   1.00 3.29  ? 66  TYR A HE2  1 
ATOM 1011 H HH   . TYR A 1 67  ? -14.926 6.333   1.204   1.00 3.64  ? 66  TYR A HH   1 
ATOM 1012 N N    . GLY A 1 68  ? -10.835 -1.227  3.838   1.00 1.40  ? 67  GLY A N    1 
ATOM 1013 C CA   . GLY A 1 68  ? -9.824  -2.249  4.235   1.00 1.53  ? 67  GLY A CA   1 
ATOM 1014 C C    . GLY A 1 68  ? -9.996  -2.588  5.718   1.00 1.17  ? 67  GLY A C    1 
ATOM 1015 O O    . GLY A 1 68  ? -10.623 -3.566  6.071   1.00 1.51  ? 67  GLY A O    1 
ATOM 1016 H H    . GLY A 1 68  ? -11.784 -1.383  4.014   1.00 1.91  ? 67  GLY A H    1 
ATOM 1017 H HA2  . GLY A 1 68  ? -9.962  -3.144  3.641   1.00 1.82  ? 67  GLY A HA2  1 
ATOM 1018 H HA3  . GLY A 1 68  ? -8.832  -1.857  4.070   1.00 1.84  ? 67  GLY A HA3  1 
ATOM 1019 N N    . PHE A 1 69  ? -9.446  -1.787  6.594   1.00 1.19  ? 68  PHE A N    1 
ATOM 1020 C CA   . PHE A 1 69  ? -9.586  -2.075  8.054   1.00 1.28  ? 68  PHE A CA   1 
ATOM 1021 C C    . PHE A 1 69  ? -10.847 -1.389  8.594   1.00 1.27  ? 68  PHE A C    1 
ATOM 1022 O O    . PHE A 1 69  ? -10.999 -0.187  8.503   1.00 1.83  ? 68  PHE A O    1 
ATOM 1023 C CB   . PHE A 1 69  ? -8.358  -1.540  8.808   1.00 1.78  ? 68  PHE A CB   1 
ATOM 1024 C CG   . PHE A 1 69  ? -7.127  -2.379  8.505   1.00 1.32  ? 68  PHE A CG   1 
ATOM 1025 C CD1  . PHE A 1 69  ? -7.122  -3.303  7.447   1.00 1.29  ? 68  PHE A CD1  1 
ATOM 1026 C CD2  . PHE A 1 69  ? -5.976  -2.220  9.293   1.00 1.85  ? 68  PHE A CD2  1 
ATOM 1027 C CE1  . PHE A 1 69  ? -5.976  -4.060  7.183   1.00 1.16  ? 68  PHE A CE1  1 
ATOM 1028 C CE2  . PHE A 1 69  ? -4.831  -2.980  9.023   1.00 1.95  ? 68  PHE A CE2  1 
ATOM 1029 C CZ   . PHE A 1 69  ? -4.830  -3.898  7.970   1.00 1.34  ? 68  PHE A CZ   1 
ATOM 1030 H H    . PHE A 1 69  ? -8.943  -1.001  6.294   1.00 1.61  ? 68  PHE A H    1 
ATOM 1031 H HA   . PHE A 1 69  ? -9.666  -3.140  8.204   1.00 1.39  ? 68  PHE A HA   1 
ATOM 1032 H HB2  . PHE A 1 69  ? -8.174  -0.520  8.509   1.00 2.33  ? 68  PHE A HB2  1 
ATOM 1033 H HB3  . PHE A 1 69  ? -8.554  -1.567  9.869   1.00 2.32  ? 68  PHE A HB3  1 
ATOM 1034 H HD1  . PHE A 1 69  ? -7.999  -3.437  6.837   1.00 1.95  ? 68  PHE A HD1  1 
ATOM 1035 H HD2  . PHE A 1 69  ? -5.975  -1.512  10.108  1.00 2.54  ? 68  PHE A HD2  1 
ATOM 1036 H HE1  . PHE A 1 69  ? -5.974  -4.770  6.369   1.00 1.68  ? 68  PHE A HE1  1 
ATOM 1037 H HE2  . PHE A 1 69  ? -3.947  -2.856  9.632   1.00 2.75  ? 68  PHE A HE2  1 
ATOM 1038 H HZ   . PHE A 1 69  ? -3.945  -4.481  7.762   1.00 1.66  ? 68  PHE A HZ   1 
ATOM 1039 N N    . ALA A 1 70  ? -11.753 -2.145  9.156   1.00 1.38  ? 69  ALA A N    1 
ATOM 1040 C CA   . ALA A 1 70  ? -13.002 -1.532  9.701   1.00 1.55  ? 69  ALA A CA   1 
ATOM 1041 C C    . ALA A 1 70  ? -13.147 -1.896  11.179  1.00 1.63  ? 69  ALA A C    1 
ATOM 1042 O O    . ALA A 1 70  ? -14.003 -1.380  11.872  1.00 1.99  ? 69  ALA A O    1 
ATOM 1043 C CB   . ALA A 1 70  ? -14.212 -2.062  8.932   1.00 2.00  ? 69  ALA A CB   1 
ATOM 1044 H H    . ALA A 1 70  ? -11.613 -3.112  9.221   1.00 1.79  ? 69  ALA A H    1 
ATOM 1045 H HA   . ALA A 1 70  ? -12.949 -0.456  9.596   1.00 1.63  ? 69  ALA A HA   1 
ATOM 1046 H HB1  . ALA A 1 70  ? -13.887 -2.485  7.994   1.00 2.23  ? 69  ALA A HB1  1 
ATOM 1047 H HB2  . ALA A 1 70  ? -14.706 -2.823  9.519   1.00 2.32  ? 69  ALA A HB2  1 
ATOM 1048 H HB3  . ALA A 1 70  ? -14.900 -1.252  8.743   1.00 2.53  ? 69  ALA A HB3  1 
ATOM 1049 N N    . GLU A 1 71  ? -12.323 -2.783  11.666  1.00 1.89  ? 70  GLU A N    1 
ATOM 1050 C CA   . GLU A 1 71  ? -12.420 -3.179  13.100  1.00 2.25  ? 70  GLU A CA   1 
ATOM 1051 C C    . GLU A 1 71  ? -11.971 -2.026  14.007  1.00 2.38  ? 70  GLU A C    1 
ATOM 1052 O O    . GLU A 1 71  ? -12.499 -1.851  15.087  1.00 2.80  ? 70  GLU A O    1 
ATOM 1053 C CB   . GLU A 1 71  ? -11.559 -4.419  13.370  1.00 2.80  ? 70  GLU A CB   1 
ATOM 1054 C CG   . GLU A 1 71  ? -12.212 -5.656  12.743  1.00 3.24  ? 70  GLU A CG   1 
ATOM 1055 C CD   . GLU A 1 71  ? -11.264 -6.850  12.875  1.00 3.80  ? 70  GLU A CD   1 
ATOM 1056 O OE1  . GLU A 1 71  ? -10.146 -6.646  13.321  1.00 4.13  ? 70  GLU A OE1  1 
ATOM 1057 O OE2  . GLU A 1 71  ? -11.672 -7.946  12.533  1.00 4.34  ? 70  GLU A OE2  1 
ATOM 1058 H H    . GLU A 1 71  ? -11.643 -3.190  11.089  1.00 2.16  ? 70  GLU A H    1 
ATOM 1059 H HA   . GLU A 1 71  ? -13.450 -3.415  13.324  1.00 2.48  ? 70  GLU A HA   1 
ATOM 1060 H HB2  . GLU A 1 71  ? -10.578 -4.278  12.942  1.00 3.16  ? 70  GLU A HB2  1 
ATOM 1061 H HB3  . GLU A 1 71  ? -11.468 -4.566  14.437  1.00 3.06  ? 70  GLU A HB3  1 
ATOM 1062 H HG2  . GLU A 1 71  ? -13.137 -5.872  13.258  1.00 3.54  ? 70  GLU A HG2  1 
ATOM 1063 H HG3  . GLU A 1 71  ? -12.413 -5.472  11.700  1.00 3.51  ? 70  GLU A HG3  1 
ATOM 1064 N N    . PRO A 1 72  ? -11.000 -1.248  13.588  1.00 2.70  ? 71  PRO A N    1 
ATOM 1065 C CA   . PRO A 1 72  ? -10.486 -0.110  14.394  1.00 3.31  ? 71  PRO A CA   1 
ATOM 1066 C C    . PRO A 1 72  ? -11.334 1.154   14.222  1.00 3.03  ? 71  PRO A C    1 
ATOM 1067 O O    . PRO A 1 72  ? -11.066 2.180   14.814  1.00 3.57  ? 71  PRO A O    1 
ATOM 1068 C CB   . PRO A 1 72  ? -9.071  0.105   13.862  1.00 4.13  ? 71  PRO A CB   1 
ATOM 1069 C CG   . PRO A 1 72  ? -9.064  -0.436  12.464  1.00 4.21  ? 71  PRO A CG   1 
ATOM 1070 C CD   . PRO A 1 72  ? -10.289 -1.353  12.305  1.00 3.19  ? 71  PRO A CD   1 
ATOM 1071 H HA   . PRO A 1 72  ? -10.438 -0.386  15.434  1.00 3.78  ? 71  PRO A HA   1 
ATOM 1072 H HB2  . PRO A 1 72  ? -8.835  1.161   13.856  1.00 4.21  ? 71  PRO A HB2  1 
ATOM 1073 H HB3  . PRO A 1 72  ? -8.358  -0.434  14.468  1.00 4.83  ? 71  PRO A HB3  1 
ATOM 1074 H HG2  . PRO A 1 72  ? -9.117  0.380   11.757  1.00 4.55  ? 71  PRO A HG2  1 
ATOM 1075 H HG3  . PRO A 1 72  ? -8.164  -1.008  12.300  1.00 4.89  ? 71  PRO A HG3  1 
ATOM 1076 H HD2  . PRO A 1 72  ? -10.911 -1.000  11.494  1.00 3.08  ? 71  PRO A HD2  1 
ATOM 1077 H HD3  . PRO A 1 72  ? -9.978  -2.368  12.129  1.00 3.39  ? 71  PRO A HD3  1 
ATOM 1078 N N    . TYR A 1 73  ? -12.354 1.086   13.411  1.00 2.62  ? 72  TYR A N    1 
ATOM 1079 C CA   . TYR A 1 73  ? -13.221 2.280   13.192  1.00 2.84  ? 72  TYR A CA   1 
ATOM 1080 C C    . TYR A 1 73  ? -12.377 3.436   12.641  1.00 2.59  ? 72  TYR A C    1 
ATOM 1081 O O    . TYR A 1 73  ? -12.582 4.583   12.989  1.00 3.06  ? 72  TYR A O    1 
ATOM 1082 C CB   . TYR A 1 73  ? -13.856 2.711   14.521  1.00 3.52  ? 72  TYR A CB   1 
ATOM 1083 C CG   . TYR A 1 73  ? -14.685 1.580   15.087  1.00 3.93  ? 72  TYR A CG   1 
ATOM 1084 C CD1  . TYR A 1 73  ? -15.978 1.344   14.603  1.00 4.50  ? 72  TYR A CD1  1 
ATOM 1085 C CD2  . TYR A 1 73  ? -14.158 0.764   16.095  1.00 4.30  ? 72  TYR A CD2  1 
ATOM 1086 C CE1  . TYR A 1 73  ? -16.743 0.293   15.128  1.00 5.24  ? 72  TYR A CE1  1 
ATOM 1087 C CE2  . TYR A 1 73  ? -14.921 -0.288  16.619  1.00 5.05  ? 72  TYR A CE2  1 
ATOM 1088 C CZ   . TYR A 1 73  ? -16.213 -0.523  16.136  1.00 5.45  ? 72  TYR A CZ   1 
ATOM 1089 O OH   . TYR A 1 73  ? -16.967 -1.562  16.652  1.00 6.39  ? 72  TYR A OH   1 
ATOM 1090 H H    . TYR A 1 73  ? -12.549 0.247   12.940  1.00 2.58  ? 72  TYR A H    1 
ATOM 1091 H HA   . TYR A 1 73  ? -13.999 2.035   12.485  1.00 3.19  ? 72  TYR A HA   1 
ATOM 1092 H HB2  . TYR A 1 73  ? -13.080 2.974   15.223  1.00 3.84  ? 72  TYR A HB2  1 
ATOM 1093 H HB3  . TYR A 1 73  ? -14.492 3.570   14.352  1.00 3.93  ? 72  TYR A HB3  1 
ATOM 1094 H HD1  . TYR A 1 73  ? -16.387 1.974   13.826  1.00 4.68  ? 72  TYR A HD1  1 
ATOM 1095 H HD2  . TYR A 1 73  ? -13.161 0.946   16.469  1.00 4.36  ? 72  TYR A HD2  1 
ATOM 1096 H HE1  . TYR A 1 73  ? -17.740 0.111   14.755  1.00 5.90  ? 72  TYR A HE1  1 
ATOM 1097 H HE2  . TYR A 1 73  ? -14.512 -0.915  17.397  1.00 5.59  ? 72  TYR A HE2  1 
ATOM 1098 H HH   . TYR A 1 73  ? -16.727 -1.675  17.575  1.00 6.59  ? 72  TYR A HH   1 
ATOM 1099 N N    . ASN A 1 74  ? -11.429 3.149   11.788  1.00 2.40  ? 73  ASN A N    1 
ATOM 1100 C CA   . ASN A 1 74  ? -10.582 4.243   11.228  1.00 2.73  ? 73  ASN A CA   1 
ATOM 1101 C C    . ASN A 1 74  ? -11.461 5.236   10.468  1.00 2.21  ? 73  ASN A C    1 
ATOM 1102 O O    . ASN A 1 74  ? -11.258 6.432   10.532  1.00 2.92  ? 73  ASN A O    1 
ATOM 1103 C CB   . ASN A 1 74  ? -9.544  3.652   10.277  1.00 3.72  ? 73  ASN A CB   1 
ATOM 1104 C CG   . ASN A 1 74  ? -8.531  2.834   11.076  1.00 4.39  ? 73  ASN A CG   1 
ATOM 1105 O OD1  . ASN A 1 74  ? -8.291  3.109   12.235  1.00 4.90  ? 73  ASN A OD1  1 
ATOM 1106 N ND2  . ASN A 1 74  ? -7.927  1.833   10.503  1.00 4.88  ? 73  ASN A ND2  1 
ATOM 1107 H H    . ASN A 1 74  ? -11.272 2.219   11.519  1.00 2.48  ? 73  ASN A H    1 
ATOM 1108 H HA   . ASN A 1 74  ? -10.078 4.755   12.035  1.00 3.23  ? 73  ASN A HA   1 
ATOM 1109 H HB2  . ASN A 1 74  ? -10.037 3.016   9.557   1.00 4.03  ? 73  ASN A HB2  1 
ATOM 1110 H HB3  . ASN A 1 74  ? -9.033  4.451   9.761   1.00 4.16  ? 73  ASN A HB3  1 
ATOM 1111 H HD21 . ASN A 1 74  ? -8.123  1.614   9.569   1.00 4.84  ? 73  ASN A HD21 1 
ATOM 1112 H HD22 . ASN A 1 74  ? -7.277  1.299   11.006  1.00 5.54  ? 73  ASN A HD22 1 
ATOM 1113 N N    . LEU A 1 75  ? -12.440 4.752   9.752   1.00 1.60  ? 74  LEU A N    1 
ATOM 1114 C CA   . LEU A 1 75  ? -13.332 5.678   8.999   1.00 1.72  ? 74  LEU A CA   1 
ATOM 1115 C C    . LEU A 1 75  ? -12.494 6.575   8.086   1.00 1.34  ? 74  LEU A C    1 
ATOM 1116 O O    . LEU A 1 75  ? -12.691 7.773   8.028   1.00 1.68  ? 74  LEU A O    1 
ATOM 1117 C CB   . LEU A 1 75  ? -14.105 6.547   9.991   1.00 2.42  ? 74  LEU A CB   1 
ATOM 1118 C CG   . LEU A 1 75  ? -15.006 5.664   10.854  1.00 3.10  ? 74  LEU A CG   1 
ATOM 1119 C CD1  . LEU A 1 75  ? -15.631 6.505   11.969  1.00 3.81  ? 74  LEU A CD1  1 
ATOM 1120 C CD2  . LEU A 1 75  ? -16.118 5.069   9.986   1.00 3.76  ? 74  LEU A CD2  1 
ATOM 1121 H H    . LEU A 1 75  ? -12.593 3.783   9.716   1.00 1.77  ? 74  LEU A H    1 
ATOM 1122 H HA   . LEU A 1 75  ? -14.026 5.106   8.402   1.00 2.26  ? 74  LEU A HA   1 
ATOM 1123 H HB2  . LEU A 1 75  ? -13.406 7.077   10.621  1.00 2.60  ? 74  LEU A HB2  1 
ATOM 1124 H HB3  . LEU A 1 75  ? -14.710 7.258   9.450   1.00 2.90  ? 74  LEU A HB3  1 
ATOM 1125 H HG   . LEU A 1 75  ? -14.420 4.867   11.290  1.00 3.26  ? 74  LEU A HG   1 
ATOM 1126 H HD11 . LEU A 1 75  ? -16.008 7.427   11.553  1.00 4.09  ? 74  LEU A HD11 1 
ATOM 1127 H HD12 . LEU A 1 75  ? -16.443 5.955   12.423  1.00 4.13  ? 74  LEU A HD12 1 
ATOM 1128 H HD13 . LEU A 1 75  ? -14.883 6.727   12.716  1.00 4.25  ? 74  LEU A HD13 1 
ATOM 1129 H HD21 . LEU A 1 75  ? -16.465 5.816   9.287   1.00 3.90  ? 74  LEU A HD21 1 
ATOM 1130 H HD22 . LEU A 1 75  ? -15.735 4.218   9.443   1.00 4.27  ? 74  LEU A HD22 1 
ATOM 1131 H HD23 . LEU A 1 75  ? -16.937 4.756   10.616  1.00 4.13  ? 74  LEU A HD23 1 
ATOM 1132 N N    . TYR A 1 76  ? -11.550 6.013   7.383   1.00 1.37  ? 75  TYR A N    1 
ATOM 1133 C CA   . TYR A 1 76  ? -10.693 6.846   6.491   1.00 1.34  ? 75  TYR A CA   1 
ATOM 1134 C C    . TYR A 1 76  ? -11.565 7.741   5.612   1.00 1.26  ? 75  TYR A C    1 
ATOM 1135 O O    . TYR A 1 76  ? -12.465 7.282   4.935   1.00 1.52  ? 75  TYR A O    1 
ATOM 1136 C CB   . TYR A 1 76  ? -9.855  5.931   5.599   1.00 1.79  ? 75  TYR A CB   1 
ATOM 1137 C CG   . TYR A 1 76  ? -8.969  5.075   6.465   1.00 2.25  ? 75  TYR A CG   1 
ATOM 1138 C CD1  . TYR A 1 76  ? -7.926  5.665   7.184   1.00 2.60  ? 75  TYR A CD1  1 
ATOM 1139 C CD2  . TYR A 1 76  ? -9.193  3.697   6.554   1.00 2.75  ? 75  TYR A CD2  1 
ATOM 1140 C CE1  . TYR A 1 76  ? -7.104  4.878   7.996   1.00 3.28  ? 75  TYR A CE1  1 
ATOM 1141 C CE2  . TYR A 1 76  ? -8.369  2.907   7.366   1.00 3.39  ? 75  TYR A CE2  1 
ATOM 1142 C CZ   . TYR A 1 76  ? -7.324  3.500   8.087   1.00 3.59  ? 75  TYR A CZ   1 
ATOM 1143 O OH   . TYR A 1 76  ? -6.512  2.725   8.889   1.00 4.35  ? 75  TYR A OH   1 
ATOM 1144 H H    . TYR A 1 76  ? -11.397 5.047   7.448   1.00 1.86  ? 75  TYR A H    1 
ATOM 1145 H HA   . TYR A 1 76  ? -10.038 7.459   7.093   1.00 1.43  ? 75  TYR A HA   1 
ATOM 1146 H HB2  . TYR A 1 76  ? -10.509 5.299   5.013   1.00 2.10  ? 75  TYR A HB2  1 
ATOM 1147 H HB3  . TYR A 1 76  ? -9.245  6.529   4.940   1.00 1.91  ? 75  TYR A HB3  1 
ATOM 1148 H HD1  . TYR A 1 76  ? -7.756  6.730   7.113   1.00 2.60  ? 75  TYR A HD1  1 
ATOM 1149 H HD2  . TYR A 1 76  ? -9.999  3.242   5.998   1.00 2.88  ? 75  TYR A HD2  1 
ATOM 1150 H HE1  . TYR A 1 76  ? -6.299  5.334   8.551   1.00 3.72  ? 75  TYR A HE1  1 
ATOM 1151 H HE2  . TYR A 1 76  ? -8.540  1.843   7.436   1.00 3.89  ? 75  TYR A HE2  1 
ATOM 1152 H HH   . TYR A 1 76  ? -5.899  3.310   9.341   1.00 4.47  ? 75  TYR A HH   1 
ATOM 1153 N N    . SER A 1 77  ? -11.297 9.019   5.609   1.00 1.15  ? 76  SER A N    1 
ATOM 1154 C CA   . SER A 1 77  ? -12.097 9.948   4.766   1.00 1.24  ? 76  SER A CA   1 
ATOM 1155 C C    . SER A 1 77  ? -11.734 9.735   3.291   1.00 1.09  ? 76  SER A C    1 
ATOM 1156 O O    . SER A 1 77  ? -12.568 9.844   2.417   1.00 1.21  ? 76  SER A O    1 
ATOM 1157 C CB   . SER A 1 77  ? -11.798 11.394  5.169   1.00 1.49  ? 76  SER A CB   1 
ATOM 1158 O OG   . SER A 1 77  ? -10.415 11.656  4.976   1.00 2.17  ? 76  SER A OG   1 
ATOM 1159 H H    . SER A 1 77  ? -10.561 9.366   6.156   1.00 1.24  ? 76  SER A H    1 
ATOM 1160 H HA   . SER A 1 77  ? -13.150 9.746   4.909   1.00 1.39  ? 76  SER A HA   1 
ATOM 1161 H HB2  . SER A 1 77  ? -12.376 12.068  4.559   1.00 1.74  ? 76  SER A HB2  1 
ATOM 1162 H HB3  . SER A 1 77  ? -12.061 11.538  6.209   1.00 1.89  ? 76  SER A HB3  1 
ATOM 1163 H HG   . SER A 1 77  ? -10.200 11.450  4.063   1.00 2.55  ? 76  SER A HG   1 
ATOM 1164 N N    . SER A 1 78  ? -10.493 9.436   3.013   1.00 0.90  ? 77  SER A N    1 
ATOM 1165 C CA   . SER A 1 78  ? -10.077 9.220   1.595   1.00 0.83  ? 77  SER A CA   1 
ATOM 1166 C C    . SER A 1 78  ? -8.968  8.165   1.535   1.00 0.67  ? 77  SER A C    1 
ATOM 1167 O O    . SER A 1 78  ? -8.359  7.832   2.533   1.00 0.63  ? 77  SER A O    1 
ATOM 1168 C CB   . SER A 1 78  ? -9.562  10.536  1.012   1.00 0.89  ? 77  SER A CB   1 
ATOM 1169 O OG   . SER A 1 78  ? -8.398  10.939  1.721   1.00 1.51  ? 77  SER A OG   1 
ATOM 1170 H H    . SER A 1 78  ? -9.834  9.355   3.731   1.00 0.89  ? 77  SER A H    1 
ATOM 1171 H HA   . SER A 1 78  ? -10.926 8.881   1.021   1.00 0.97  ? 77  SER A HA   1 
ATOM 1172 H HB2  . SER A 1 78  ? -9.314  10.398  -0.028  1.00 1.33  ? 77  SER A HB2  1 
ATOM 1173 H HB3  . SER A 1 78  ? -10.332 11.293  1.099   1.00 1.49  ? 77  SER A HB3  1 
ATOM 1174 H HG   . SER A 1 78  ? -7.631  10.628  1.235   1.00 2.06  ? 77  SER A HG   1 
ATOM 1175 N N    . LEU A 1 79  ? -8.706  7.636   0.369   1.00 0.64  ? 78  LEU A N    1 
ATOM 1176 C CA   . LEU A 1 79  ? -7.639  6.601   0.232   1.00 0.58  ? 78  LEU A CA   1 
ATOM 1177 C C    . LEU A 1 79  ? -6.278  7.216   0.575   1.00 0.45  ? 78  LEU A C    1 
ATOM 1178 O O    . LEU A 1 79  ? -5.383  6.539   1.042   1.00 0.44  ? 78  LEU A O    1 
ATOM 1179 C CB   . LEU A 1 79  ? -7.614  6.075   -1.208  1.00 0.69  ? 78  LEU A CB   1 
ATOM 1180 C CG   . LEU A 1 79  ? -8.861  5.225   -1.466  1.00 0.91  ? 78  LEU A CG   1 
ATOM 1181 C CD1  . LEU A 1 79  ? -8.884  4.784   -2.933  1.00 1.04  ? 78  LEU A CD1  1 
ATOM 1182 C CD2  . LEU A 1 79  ? -8.827  3.989   -0.564  1.00 1.13  ? 78  LEU A CD2  1 
ATOM 1183 H H    . LEU A 1 79  ? -9.212  7.919   -0.421  1.00 0.72  ? 78  LEU A H    1 
ATOM 1184 H HA   . LEU A 1 79  ? -7.842  5.784   0.909   1.00 0.62  ? 78  LEU A HA   1 
ATOM 1185 H HB2  . LEU A 1 79  ? -7.598  6.909   -1.895  1.00 0.80  ? 78  LEU A HB2  1 
ATOM 1186 H HB3  . LEU A 1 79  ? -6.733  5.471   -1.356  1.00 0.77  ? 78  LEU A HB3  1 
ATOM 1187 H HG   . LEU A 1 79  ? -9.745  5.808   -1.252  1.00 1.08  ? 78  LEU A HG   1 
ATOM 1188 H HD11 . LEU A 1 79  ? -7.895  4.473   -3.233  1.00 1.58  ? 78  LEU A HD11 1 
ATOM 1189 H HD12 . LEU A 1 79  ? -9.571  3.959   -3.050  1.00 1.37  ? 78  LEU A HD12 1 
ATOM 1190 H HD13 . LEU A 1 79  ? -9.205  5.608   -3.550  1.00 1.43  ? 78  LEU A HD13 1 
ATOM 1191 H HD21 . LEU A 1 79  ? -7.802  3.743   -0.327  1.00 1.70  ? 78  LEU A HD21 1 
ATOM 1192 H HD22 . LEU A 1 79  ? -9.366  4.196   0.348   1.00 1.60  ? 78  LEU A HD22 1 
ATOM 1193 H HD23 . LEU A 1 79  ? -9.288  3.157   -1.075  1.00 1.43  ? 78  LEU A HD23 1 
ATOM 1194 N N    . LYS A 1 80  ? -6.112  8.490   0.340   1.00 0.44  ? 79  LYS A N    1 
ATOM 1195 C CA   . LYS A 1 80  ? -4.804  9.139   0.646   1.00 0.42  ? 79  LYS A CA   1 
ATOM 1196 C C    . LYS A 1 80  ? -4.498  8.995   2.137   1.00 0.39  ? 79  LYS A C    1 
ATOM 1197 O O    . LYS A 1 80  ? -3.392  8.670   2.525   1.00 0.40  ? 79  LYS A O    1 
ATOM 1198 C CB   . LYS A 1 80  ? -4.876  10.622  0.283   1.00 0.52  ? 79  LYS A CB   1 
ATOM 1199 C CG   . LYS A 1 80  ? -4.906  10.763  -1.238  1.00 0.89  ? 79  LYS A CG   1 
ATOM 1200 C CD   . LYS A 1 80  ? -5.129  12.227  -1.619  1.00 1.01  ? 79  LYS A CD   1 
ATOM 1201 C CE   . LYS A 1 80  ? -3.844  13.025  -1.393  1.00 1.34  ? 79  LYS A CE   1 
ATOM 1202 N NZ   . LYS A 1 80  ? -4.056  14.427  -1.849  1.00 1.98  ? 79  LYS A NZ   1 
ATOM 1203 H H    . LYS A 1 80  ? -6.843  9.017   -0.042  1.00 0.51  ? 79  LYS A H    1 
ATOM 1204 H HA   . LYS A 1 80  ? -4.021  8.666   0.069   1.00 0.45  ? 79  LYS A HA   1 
ATOM 1205 H HB2  . LYS A 1 80  ? -5.772  11.056  0.706   1.00 0.77  ? 79  LYS A HB2  1 
ATOM 1206 H HB3  . LYS A 1 80  ? -4.009  11.130  0.675   1.00 0.94  ? 79  LYS A HB3  1 
ATOM 1207 H HG2  . LYS A 1 80  ? -3.966  10.424  -1.648  1.00 1.33  ? 79  LYS A HG2  1 
ATOM 1208 H HG3  . LYS A 1 80  ? -5.710  10.164  -1.638  1.00 1.26  ? 79  LYS A HG3  1 
ATOM 1209 H HD2  . LYS A 1 80  ? -5.412  12.287  -2.659  1.00 1.26  ? 79  LYS A HD2  1 
ATOM 1210 H HD3  . LYS A 1 80  ? -5.918  12.643  -1.008  1.00 1.26  ? 79  LYS A HD3  1 
ATOM 1211 H HE2  . LYS A 1 80  ? -3.593  13.021  -0.343  1.00 1.89  ? 79  LYS A HE2  1 
ATOM 1212 H HE3  . LYS A 1 80  ? -3.039  12.581  -1.959  1.00 1.59  ? 79  LYS A HE3  1 
ATOM 1213 H HZ1  . LYS A 1 80  ? -4.479  14.422  -2.798  1.00 2.42  ? 79  LYS A HZ1  1 
ATOM 1214 H HZ2  . LYS A 1 80  ? -4.695  14.912  -1.190  1.00 2.42  ? 79  LYS A HZ2  1 
ATOM 1215 H HZ3  . LYS A 1 80  ? -3.143  14.924  -1.877  1.00 2.39  ? 79  LYS A HZ3  1 
ATOM 1216 N N    . GLU A 1 81  ? -5.471  9.218   2.976   1.00 0.42  ? 80  GLU A N    1 
ATOM 1217 C CA   . GLU A 1 81  ? -5.236  9.083   4.439   1.00 0.45  ? 80  GLU A CA   1 
ATOM 1218 C C    . GLU A 1 81  ? -4.963  7.615   4.756   1.00 0.42  ? 80  GLU A C    1 
ATOM 1219 O O    . GLU A 1 81  ? -4.173  7.288   5.621   1.00 0.41  ? 80  GLU A O    1 
ATOM 1220 C CB   . GLU A 1 81  ? -6.479  9.544   5.202   1.00 0.57  ? 80  GLU A CB   1 
ATOM 1221 C CG   . GLU A 1 81  ? -6.714  11.034  4.950   1.00 1.35  ? 80  GLU A CG   1 
ATOM 1222 C CD   . GLU A 1 81  ? -7.958  11.482  5.719   1.00 1.68  ? 80  GLU A CD   1 
ATOM 1223 O OE1  . GLU A 1 81  ? -8.566  10.642  6.363   1.00 1.87  ? 80  GLU A OE1  1 
ATOM 1224 O OE2  . GLU A 1 81  ? -8.280  12.658  5.652   1.00 2.26  ? 80  GLU A OE2  1 
ATOM 1225 H H    . GLU A 1 81  ? -6.358  9.471   2.642   1.00 0.47  ? 80  GLU A H    1 
ATOM 1226 H HA   . GLU A 1 81  ? -4.385  9.681   4.729   1.00 0.46  ? 80  GLU A HA   1 
ATOM 1227 H HB2  . GLU A 1 81  ? -7.338  8.982   4.866   1.00 0.93  ? 80  GLU A HB2  1 
ATOM 1228 H HB3  . GLU A 1 81  ? -6.332  9.381   6.260   1.00 1.01  ? 80  GLU A HB3  1 
ATOM 1229 H HG2  . GLU A 1 81  ? -5.856  11.597  5.285   1.00 1.91  ? 80  GLU A HG2  1 
ATOM 1230 H HG3  . GLU A 1 81  ? -6.866  11.200  3.894   1.00 1.85  ? 80  GLU A HG3  1 
ATOM 1231 N N    . LEU A 1 82  ? -5.614  6.726   4.060   1.00 0.46  ? 81  LEU A N    1 
ATOM 1232 C CA   . LEU A 1 82  ? -5.399  5.276   4.313   1.00 0.50  ? 81  LEU A CA   1 
ATOM 1233 C C    . LEU A 1 82  ? -3.929  4.927   4.076   1.00 0.43  ? 81  LEU A C    1 
ATOM 1234 O O    . LEU A 1 82  ? -3.334  4.180   4.824   1.00 0.44  ? 81  LEU A O    1 
ATOM 1235 C CB   . LEU A 1 82  ? -6.282  4.464   3.363   1.00 0.60  ? 81  LEU A CB   1 
ATOM 1236 C CG   . LEU A 1 82  ? -6.101  2.967   3.633   1.00 0.67  ? 81  LEU A CG   1 
ATOM 1237 C CD1  . LEU A 1 82  ? -7.423  2.241   3.370   1.00 1.13  ? 81  LEU A CD1  1 
ATOM 1238 C CD2  . LEU A 1 82  ? -5.024  2.404   2.699   1.00 1.27  ? 81  LEU A CD2  1 
ATOM 1239 H H    . LEU A 1 82  ? -6.247  7.013   3.369   1.00 0.48  ? 81  LEU A H    1 
ATOM 1240 H HA   . LEU A 1 82  ? -5.663  5.047   5.335   1.00 0.55  ? 81  LEU A HA   1 
ATOM 1241 H HB2  . LEU A 1 82  ? -7.316  4.734   3.517   1.00 0.67  ? 81  LEU A HB2  1 
ATOM 1242 H HB3  . LEU A 1 82  ? -6.004  4.679   2.342   1.00 0.59  ? 81  LEU A HB3  1 
ATOM 1243 H HG   . LEU A 1 82  ? -5.804  2.818   4.662   1.00 1.15  ? 81  LEU A HG   1 
ATOM 1244 H HD11 . LEU A 1 82  ? -7.886  2.645   2.482   1.00 1.57  ? 81  LEU A HD11 1 
ATOM 1245 H HD12 . LEU A 1 82  ? -7.233  1.186   3.230   1.00 1.72  ? 81  LEU A HD12 1 
ATOM 1246 H HD13 . LEU A 1 82  ? -8.083  2.378   4.214   1.00 1.72  ? 81  LEU A HD13 1 
ATOM 1247 H HD21 . LEU A 1 82  ? -4.329  3.185   2.433   1.00 1.67  ? 81  LEU A HD21 1 
ATOM 1248 H HD22 . LEU A 1 82  ? -4.495  1.608   3.199   1.00 1.94  ? 81  LEU A HD22 1 
ATOM 1249 H HD23 . LEU A 1 82  ? -5.489  2.018   1.804   1.00 1.77  ? 81  LEU A HD23 1 
ATOM 1250 N N    . VAL A 1 83  ? -3.332  5.458   3.043   1.00 0.38  ? 82  VAL A N    1 
ATOM 1251 C CA   . VAL A 1 83  ? -1.902  5.142   2.781   1.00 0.36  ? 82  VAL A CA   1 
ATOM 1252 C C    . VAL A 1 83  ? -1.045  5.705   3.918   1.00 0.32  ? 82  VAL A C    1 
ATOM 1253 O O    . VAL A 1 83  ? -0.152  5.052   4.424   1.00 0.35  ? 82  VAL A O    1 
ATOM 1254 C CB   . VAL A 1 83  ? -1.466  5.778   1.459   1.00 0.38  ? 82  VAL A CB   1 
ATOM 1255 C CG1  . VAL A 1 83  ? 0.048   5.623   1.297   1.00 0.84  ? 82  VAL A CG1  1 
ATOM 1256 C CG2  . VAL A 1 83  ? -2.173  5.075   0.298   1.00 0.86  ? 82  VAL A CG2  1 
ATOM 1257 H H    . VAL A 1 83  ? -3.822  6.063   2.446   1.00 0.39  ? 82  VAL A H    1 
ATOM 1258 H HA   . VAL A 1 83  ? -1.775  4.070   2.723   1.00 0.41  ? 82  VAL A HA   1 
ATOM 1259 H HB   . VAL A 1 83  ? -1.722  6.828   1.461   1.00 0.64  ? 82  VAL A HB   1 
ATOM 1260 H HG11 . VAL A 1 83  ? 0.352   4.655   1.666   1.00 1.33  ? 82  VAL A HG11 1 
ATOM 1261 H HG12 . VAL A 1 83  ? 0.311   5.709   0.253   1.00 1.39  ? 82  VAL A HG12 1 
ATOM 1262 H HG13 . VAL A 1 83  ? 0.552   6.395   1.860   1.00 1.51  ? 82  VAL A HG13 1 
ATOM 1263 H HG21 . VAL A 1 83  ? -2.585  4.137   0.640   1.00 1.36  ? 82  VAL A HG21 1 
ATOM 1264 H HG22 . VAL A 1 83  ? -2.969  5.704   -0.073  1.00 1.53  ? 82  VAL A HG22 1 
ATOM 1265 H HG23 . VAL A 1 83  ? -1.463  4.889   -0.495  1.00 1.41  ? 82  VAL A HG23 1 
ATOM 1266 N N    . LEU A 1 84  ? -1.312  6.918   4.319   1.00 0.32  ? 83  LEU A N    1 
ATOM 1267 C CA   . LEU A 1 84  ? -0.518  7.544   5.417   1.00 0.35  ? 83  LEU A CA   1 
ATOM 1268 C C    . LEU A 1 84  ? -0.801  6.847   6.752   1.00 0.36  ? 83  LEU A C    1 
ATOM 1269 O O    . LEU A 1 84  ? 0.087   6.655   7.558   1.00 0.39  ? 83  LEU A O    1 
ATOM 1270 C CB   . LEU A 1 84  ? -0.900  9.019   5.532   1.00 0.42  ? 83  LEU A CB   1 
ATOM 1271 C CG   . LEU A 1 84  ? -0.375  9.777   4.316   1.00 0.89  ? 83  LEU A CG   1 
ATOM 1272 C CD1  . LEU A 1 84  ? -0.929  11.200  4.328   1.00 1.45  ? 83  LEU A CD1  1 
ATOM 1273 C CD2  . LEU A 1 84  ? 1.152   9.828   4.367   1.00 1.44  ? 83  LEU A CD2  1 
ATOM 1274 H H    . LEU A 1 84  ? -2.034  7.424   3.892   1.00 0.34  ? 83  LEU A H    1 
ATOM 1275 H HA   . LEU A 1 84  ? 0.534   7.463   5.188   1.00 0.38  ? 83  LEU A HA   1 
ATOM 1276 H HB2  . LEU A 1 84  ? -1.975  9.111   5.579   1.00 0.81  ? 83  LEU A HB2  1 
ATOM 1277 H HB3  . LEU A 1 84  ? -0.461  9.434   6.429   1.00 0.77  ? 83  LEU A HB3  1 
ATOM 1278 H HG   . LEU A 1 84  ? -0.694  9.274   3.413   1.00 1.61  ? 83  LEU A HG   1 
ATOM 1279 H HD11 . LEU A 1 84  ? -0.989  11.553  5.348   1.00 1.83  ? 83  LEU A HD11 1 
ATOM 1280 H HD12 . LEU A 1 84  ? -0.274  11.846  3.760   1.00 1.94  ? 83  LEU A HD12 1 
ATOM 1281 H HD13 . LEU A 1 84  ? -1.914  11.207  3.887   1.00 2.09  ? 83  LEU A HD13 1 
ATOM 1282 H HD21 . LEU A 1 84  ? 1.481   9.765   5.393   1.00 1.95  ? 83  LEU A HD21 1 
ATOM 1283 H HD22 . LEU A 1 84  ? 1.559   8.999   3.807   1.00 1.83  ? 83  LEU A HD22 1 
ATOM 1284 H HD23 . LEU A 1 84  ? 1.495   10.758  3.936   1.00 2.03  ? 83  LEU A HD23 1 
ATOM 1285 N N    . HIS A 1 85  ? -2.031  6.488   7.009   1.00 0.39  ? 84  HIS A N    1 
ATOM 1286 C CA   . HIS A 1 85  ? -2.351  5.828   8.309   1.00 0.46  ? 84  HIS A CA   1 
ATOM 1287 C C    . HIS A 1 85  ? -1.557  4.530   8.453   1.00 0.40  ? 84  HIS A C    1 
ATOM 1288 O O    . HIS A 1 85  ? -1.012  4.242   9.501   1.00 0.42  ? 84  HIS A O    1 
ATOM 1289 C CB   . HIS A 1 85  ? -3.844  5.512   8.377   1.00 0.60  ? 84  HIS A CB   1 
ATOM 1290 C CG   . HIS A 1 85  ? -4.162  4.936   9.730   1.00 0.99  ? 84  HIS A CG   1 
ATOM 1291 N ND1  . HIS A 1 85  ? -4.033  3.585   10.005  1.00 1.86  ? 84  HIS A ND1  1 
ATOM 1292 C CD2  . HIS A 1 85  ? -4.593  5.516   10.900  1.00 1.71  ? 84  HIS A CD2  1 
ATOM 1293 C CE1  . HIS A 1 85  ? -4.378  3.395   11.291  1.00 2.29  ? 84  HIS A CE1  1 
ATOM 1294 N NE2  . HIS A 1 85  ? -4.727  4.540   11.884  1.00 2.19  ? 84  HIS A NE2  1 
ATOM 1295 H H    . HIS A 1 85  ? -2.742  6.667   6.357   1.00 0.41  ? 84  HIS A H    1 
ATOM 1296 H HA   . HIS A 1 85  ? -2.093  6.495   9.119   1.00 0.53  ? 84  HIS A HA   1 
ATOM 1297 H HB2  . HIS A 1 85  ? -4.413  6.415   8.221   1.00 0.93  ? 84  HIS A HB2  1 
ATOM 1298 H HB3  . HIS A 1 85  ? -4.093  4.791   7.614   1.00 0.96  ? 84  HIS A HB3  1 
ATOM 1299 H HD1  . HIS A 1 85  ? -3.744  2.892   9.375   1.00 2.46  ? 84  HIS A HD1  1 
ATOM 1300 H HD2  . HIS A 1 85  ? -4.802  6.568   11.036  1.00 2.38  ? 84  HIS A HD2  1 
ATOM 1301 H HE1  . HIS A 1 85  ? -4.374  2.434   11.784  1.00 3.07  ? 84  HIS A HE1  1 
ATOM 1302 N N    . TYR A 1 86  ? -1.483  3.741   7.415   1.00 0.37  ? 85  TYR A N    1 
ATOM 1303 C CA   . TYR A 1 86  ? -0.722  2.464   7.512   1.00 0.38  ? 85  TYR A CA   1 
ATOM 1304 C C    . TYR A 1 86  ? 0.767   2.783   7.659   1.00 0.32  ? 85  TYR A C    1 
ATOM 1305 O O    . TYR A 1 86  ? 1.537   1.992   8.168   1.00 0.39  ? 85  TYR A O    1 
ATOM 1306 C CB   . TYR A 1 86  ? -0.958  1.613   6.261   1.00 0.46  ? 85  TYR A CB   1 
ATOM 1307 C CG   . TYR A 1 86  ? -2.341  0.997   6.307   1.00 0.69  ? 85  TYR A CG   1 
ATOM 1308 C CD1  . TYR A 1 86  ? -3.471  1.806   6.478   1.00 1.23  ? 85  TYR A CD1  1 
ATOM 1309 C CD2  . TYR A 1 86  ? -2.491  -0.389  6.171   1.00 0.94  ? 85  TYR A CD2  1 
ATOM 1310 C CE1  . TYR A 1 86  ? -4.748  1.232   6.515   1.00 1.58  ? 85  TYR A CE1  1 
ATOM 1311 C CE2  . TYR A 1 86  ? -3.768  -0.964  6.206   1.00 1.25  ? 85  TYR A CE2  1 
ATOM 1312 C CZ   . TYR A 1 86  ? -4.895  -0.155  6.379   1.00 1.46  ? 85  TYR A CZ   1 
ATOM 1313 O OH   . TYR A 1 86  ? -6.154  -0.720  6.411   1.00 1.88  ? 85  TYR A OH   1 
ATOM 1314 H H    . TYR A 1 86  ? -1.929  3.987   6.578   1.00 0.39  ? 85  TYR A H    1 
ATOM 1315 H HA   . TYR A 1 86  ? -1.055  1.919   8.382   1.00 0.44  ? 85  TYR A HA   1 
ATOM 1316 H HB2  . TYR A 1 86  ? -0.871  2.234   5.383   1.00 0.55  ? 85  TYR A HB2  1 
ATOM 1317 H HB3  . TYR A 1 86  ? -0.222  0.826   6.219   1.00 0.63  ? 85  TYR A HB3  1 
ATOM 1318 H HD1  . TYR A 1 86  ? -3.361  2.873   6.585   1.00 1.55  ? 85  TYR A HD1  1 
ATOM 1319 H HD2  . TYR A 1 86  ? -1.620  -1.016  6.039   1.00 1.21  ? 85  TYR A HD2  1 
ATOM 1320 H HE1  . TYR A 1 86  ? -5.618  1.858   6.649   1.00 2.08  ? 85  TYR A HE1  1 
ATOM 1321 H HE2  . TYR A 1 86  ? -3.882  -2.033  6.102   1.00 1.57  ? 85  TYR A HE2  1 
ATOM 1322 H HH   . TYR A 1 86  ? -6.739  -0.118  6.876   1.00 2.44  ? 85  TYR A HH   1 
ATOM 1323 N N    . GLN A 1 87  ? 1.178   3.944   7.226   1.00 0.26  ? 86  GLN A N    1 
ATOM 1324 C CA   . GLN A 1 87  ? 2.612   4.322   7.360   1.00 0.31  ? 86  GLN A CA   1 
ATOM 1325 C C    . GLN A 1 87  ? 2.988   4.324   8.844   1.00 0.37  ? 86  GLN A C    1 
ATOM 1326 O O    . GLN A 1 87  ? 4.072   3.924   9.223   1.00 0.45  ? 86  GLN A O    1 
ATOM 1327 C CB   . GLN A 1 87  ? 2.829   5.723   6.780   1.00 0.38  ? 86  GLN A CB   1 
ATOM 1328 C CG   . GLN A 1 87  ? 4.316   6.070   6.831   1.00 1.18  ? 86  GLN A CG   1 
ATOM 1329 C CD   . GLN A 1 87  ? 4.629   6.794   8.141   1.00 1.53  ? 86  GLN A CD   1 
ATOM 1330 O OE1  . GLN A 1 87  ? 3.981   6.568   9.145   1.00 2.41  ? 86  GLN A OE1  1 
ATOM 1331 N NE2  . GLN A 1 87  ? 5.601   7.664   8.175   1.00 1.63  ? 86  GLN A NE2  1 
ATOM 1332 H H    . GLN A 1 87  ? 0.540   4.572   6.826   1.00 0.27  ? 86  GLN A H    1 
ATOM 1333 H HA   . GLN A 1 87  ? 3.228   3.609   6.831   1.00 0.34  ? 86  GLN A HA   1 
ATOM 1334 H HB2  . GLN A 1 87  ? 2.487   5.746   5.756   1.00 0.91  ? 86  GLN A HB2  1 
ATOM 1335 H HB3  . GLN A 1 87  ? 2.274   6.443   7.363   1.00 1.06  ? 86  GLN A HB3  1 
ATOM 1336 H HG2  . GLN A 1 87  ? 4.898   5.161   6.773   1.00 1.91  ? 86  GLN A HG2  1 
ATOM 1337 H HG3  . GLN A 1 87  ? 4.565   6.712   5.998   1.00 1.82  ? 86  GLN A HG3  1 
ATOM 1338 H HE21 . GLN A 1 87  ? 6.122   7.847   7.366   1.00 1.73  ? 86  GLN A HE21 1 
ATOM 1339 H HE22 . GLN A 1 87  ? 5.810   8.134   9.009   1.00 2.13  ? 86  GLN A HE22 1 
ATOM 1340 N N    . HIS A 1 88  ? 2.100   4.776   9.687   1.00 0.37  ? 87  HIS A N    1 
ATOM 1341 C CA   . HIS A 1 88  ? 2.402   4.809   11.145  1.00 0.46  ? 87  HIS A CA   1 
ATOM 1342 C C    . HIS A 1 88  ? 1.972   3.492   11.794  1.00 0.46  ? 87  HIS A C    1 
ATOM 1343 O O    . HIS A 1 88  ? 2.397   3.161   12.883  1.00 0.58  ? 87  HIS A O    1 
ATOM 1344 C CB   . HIS A 1 88  ? 1.647   5.970   11.793  1.00 0.52  ? 87  HIS A CB   1 
ATOM 1345 C CG   . HIS A 1 88  ? 2.201   7.267   11.275  1.00 1.36  ? 87  HIS A CG   1 
ATOM 1346 N ND1  . HIS A 1 88  ? 3.352   7.840   11.793  1.00 2.31  ? 87  HIS A ND1  1 
ATOM 1347 C CD2  . HIS A 1 88  ? 1.782   8.105   10.273  1.00 2.32  ? 87  HIS A CD2  1 
ATOM 1348 C CE1  . HIS A 1 88  ? 3.586   8.971   11.104  1.00 3.20  ? 87  HIS A CE1  1 
ATOM 1349 N NE2  . HIS A 1 88  ? 2.659   9.182   10.166  1.00 3.23  ? 87  HIS A NE2  1 
ATOM 1350 H H    . HIS A 1 88  ? 1.231   5.095   9.360   1.00 0.34  ? 87  HIS A H    1 
ATOM 1351 H HA   . HIS A 1 88  ? 3.465   4.949   11.288  1.00 0.54  ? 87  HIS A HA   1 
ATOM 1352 H HB2  . HIS A 1 88  ? 0.598   5.901   11.543  1.00 1.16  ? 87  HIS A HB2  1 
ATOM 1353 H HB3  . HIS A 1 88  ? 1.766   5.928   12.864  1.00 1.07  ? 87  HIS A HB3  1 
ATOM 1354 H HD1  . HIS A 1 88  ? 3.893   7.488   12.531  1.00 2.69  ? 87  HIS A HD1  1 
ATOM 1355 H HD2  . HIS A 1 88  ? 0.903   7.955   9.663   1.00 2.78  ? 87  HIS A HD2  1 
ATOM 1356 H HE1  . HIS A 1 88  ? 4.423   9.628   11.286  1.00 4.09  ? 87  HIS A HE1  1 
ATOM 1357 N N    . THR A 1 89  ? 1.129   2.741   11.142  1.00 0.42  ? 88  THR A N    1 
ATOM 1358 C CA   . THR A 1 89  ? 0.676   1.451   11.736  1.00 0.46  ? 88  THR A CA   1 
ATOM 1359 C C    . THR A 1 89  ? 1.471   0.298   11.127  1.00 0.42  ? 88  THR A C    1 
ATOM 1360 O O    . THR A 1 89  ? 1.640   0.210   9.927   1.00 0.44  ? 88  THR A O    1 
ATOM 1361 C CB   . THR A 1 89  ? -0.817  1.246   11.450  1.00 0.55  ? 88  THR A CB   1 
ATOM 1362 O OG1  . THR A 1 89  ? -1.539  2.399   11.860  1.00 1.21  ? 88  THR A OG1  1 
ATOM 1363 C CG2  . THR A 1 89  ? -1.323  0.028   12.221  1.00 1.25  ? 88  THR A CG2  1 
ATOM 1364 H H    . THR A 1 89  ? 0.792   3.026   10.266  1.00 0.45  ? 88  THR A H    1 
ATOM 1365 H HA   . THR A 1 89  ? 0.839   1.469   12.803  1.00 0.53  ? 88  THR A HA   1 
ATOM 1366 H HB   . THR A 1 89  ? -0.963  1.084   10.394  1.00 0.80  ? 88  THR A HB   1 
ATOM 1367 H HG1  . THR A 1 89  ? -2.335  2.454   11.326  1.00 1.68  ? 88  THR A HG1  1 
ATOM 1368 H HG21 . THR A 1 89  ? -1.127  0.162   13.275  1.00 1.92  ? 88  THR A HG21 1 
ATOM 1369 H HG22 . THR A 1 89  ? -2.386  -0.080  12.065  1.00 1.74  ? 88  THR A HG22 1 
ATOM 1370 H HG23 . THR A 1 89  ? -0.817  -0.858  11.870  1.00 1.60  ? 88  THR A HG23 1 
ATOM 1371 N N    . SER A 1 90  ? 1.955   -0.594  11.946  1.00 0.47  ? 89  SER A N    1 
ATOM 1372 C CA   . SER A 1 90  ? 2.733   -1.744  11.416  1.00 0.49  ? 89  SER A CA   1 
ATOM 1373 C C    . SER A 1 90  ? 1.777   -2.877  11.046  1.00 0.52  ? 89  SER A C    1 
ATOM 1374 O O    . SER A 1 90  ? 0.929   -3.273  11.821  1.00 0.59  ? 89  SER A O    1 
ATOM 1375 C CB   . SER A 1 90  ? 3.718   -2.225  12.480  1.00 0.58  ? 89  SER A CB   1 
ATOM 1376 O OG   . SER A 1 90  ? 4.388   -3.388  12.008  1.00 1.33  ? 89  SER A OG   1 
ATOM 1377 H H    . SER A 1 90  ? 1.801   -0.510  12.912  1.00 0.55  ? 89  SER A H    1 
ATOM 1378 H HA   . SER A 1 90  ? 3.279   -1.434  10.536  1.00 0.47  ? 89  SER A HA   1 
ATOM 1379 H HB2  . SER A 1 90  ? 4.445   -1.453  12.675  1.00 1.08  ? 89  SER A HB2  1 
ATOM 1380 H HB3  . SER A 1 90  ? 3.181   -2.449  13.392  1.00 1.21  ? 89  SER A HB3  1 
ATOM 1381 H HG   . SER A 1 90  ? 3.910   -4.157  12.330  1.00 1.97  ? 89  SER A HG   1 
ATOM 1382 N N    . LEU A 1 91  ? 1.908   -3.393  9.857   1.00 0.52  ? 90  LEU A N    1 
ATOM 1383 C CA   . LEU A 1 91  ? 1.012   -4.493  9.405   1.00 0.60  ? 90  LEU A CA   1 
ATOM 1384 C C    . LEU A 1 91  ? 1.192   -5.725  10.306  1.00 0.69  ? 90  LEU A C    1 
ATOM 1385 O O    . LEU A 1 91  ? 0.367   -6.617  10.308  1.00 0.88  ? 90  LEU A O    1 
ATOM 1386 C CB   . LEU A 1 91  ? 1.351   -4.851  7.956   1.00 0.59  ? 90  LEU A CB   1 
ATOM 1387 C CG   . LEU A 1 91  ? 0.932   -3.704  7.027   1.00 0.56  ? 90  LEU A CG   1 
ATOM 1388 C CD1  . LEU A 1 91  ? 1.501   -3.947  5.627   1.00 1.08  ? 90  LEU A CD1  1 
ATOM 1389 C CD2  . LEU A 1 91  ? -0.597  -3.640  6.949   1.00 1.32  ? 90  LEU A CD2  1 
ATOM 1390 H H    . LEU A 1 91  ? 2.598   -3.045  9.249   1.00 0.50  ? 90  LEU A H    1 
ATOM 1391 H HA   . LEU A 1 91  ? -0.014  -4.163  9.460   1.00 0.64  ? 90  LEU A HA   1 
ATOM 1392 H HB2  . LEU A 1 91  ? 2.416   -5.011  7.867   1.00 0.60  ? 90  LEU A HB2  1 
ATOM 1393 H HB3  . LEU A 1 91  ? 0.827   -5.750  7.672   1.00 0.64  ? 90  LEU A HB3  1 
ATOM 1394 H HG   . LEU A 1 91  ? 1.313   -2.769  7.413   1.00 0.95  ? 90  LEU A HG   1 
ATOM 1395 H HD11 . LEU A 1 91  ? 1.977   -4.916  5.594   1.00 1.63  ? 90  LEU A HD11 1 
ATOM 1396 H HD12 . LEU A 1 91  ? 0.702   -3.914  4.901   1.00 1.71  ? 90  LEU A HD12 1 
ATOM 1397 H HD13 . LEU A 1 91  ? 2.228   -3.182  5.397   1.00 1.56  ? 90  LEU A HD13 1 
ATOM 1398 H HD21 . LEU A 1 91  ? -0.999  -4.642  6.925   1.00 1.75  ? 90  LEU A HD21 1 
ATOM 1399 H HD22 . LEU A 1 91  ? -0.981  -3.118  7.812   1.00 1.93  ? 90  LEU A HD22 1 
ATOM 1400 H HD23 . LEU A 1 91  ? -0.889  -3.114  6.052   1.00 1.84  ? 90  LEU A HD23 1 
ATOM 1401 N N    . VAL A 1 92  ? 2.265   -5.773  11.060  1.00 0.67  ? 91  VAL A N    1 
ATOM 1402 C CA   . VAL A 1 92  ? 2.523   -6.942  11.963  1.00 0.78  ? 91  VAL A CA   1 
ATOM 1403 C C    . VAL A 1 92  ? 1.208   -7.636  12.298  1.00 0.96  ? 91  VAL A C    1 
ATOM 1404 O O    . VAL A 1 92  ? 1.106   -8.845  12.265  1.00 1.14  ? 91  VAL A O    1 
ATOM 1405 C CB   . VAL A 1 92  ? 3.171   -6.437  13.254  1.00 1.00  ? 91  VAL A CB   1 
ATOM 1406 C CG1  . VAL A 1 92  ? 2.116   -5.754  14.126  1.00 1.41  ? 91  VAL A CG1  1 
ATOM 1407 C CG2  . VAL A 1 92  ? 3.777   -7.615  14.018  1.00 1.37  ? 91  VAL A CG2  1 
ATOM 1408 H H    . VAL A 1 92  ? 2.910   -5.037  11.028  1.00 0.64  ? 91  VAL A H    1 
ATOM 1409 H HA   . VAL A 1 92  ? 3.189   -7.645  11.478  1.00 0.71  ? 91  VAL A HA   1 
ATOM 1410 H HB   . VAL A 1 92  ? 3.947   -5.727  13.010  1.00 1.53  ? 91  VAL A HB   1 
ATOM 1411 H HG11 . VAL A 1 92  ? 1.551   -5.056  13.526  1.00 1.82  ? 91  VAL A HG11 1 
ATOM 1412 H HG12 . VAL A 1 92  ? 1.449   -6.498  14.537  1.00 1.99  ? 91  VAL A HG12 1 
ATOM 1413 H HG13 . VAL A 1 92  ? 2.603   -5.222  14.930  1.00 1.84  ? 91  VAL A HG13 1 
ATOM 1414 H HG21 . VAL A 1 92  ? 3.347   -8.536  13.659  1.00 1.83  ? 91  VAL A HG21 1 
ATOM 1415 H HG22 . VAL A 1 92  ? 4.844   -7.633  13.865  1.00 1.76  ? 91  VAL A HG22 1 
ATOM 1416 H HG23 . VAL A 1 92  ? 3.566   -7.506  15.072  1.00 1.96  ? 91  VAL A HG23 1 
ATOM 1417 N N    . GLN A 1 93  ? 0.192   -6.878  12.602  1.00 1.04  ? 92  GLN A N    1 
ATOM 1418 C CA   . GLN A 1 93  ? -1.118  -7.497  12.929  1.00 1.28  ? 92  GLN A CA   1 
ATOM 1419 C C    . GLN A 1 93  ? -1.537  -8.404  11.770  1.00 1.27  ? 92  GLN A C    1 
ATOM 1420 O O    . GLN A 1 93  ? -0.869  -8.465  10.756  1.00 1.63  ? 92  GLN A O    1 
ATOM 1421 C CB   . GLN A 1 93  ? -2.157  -6.392  13.124  1.00 2.03  ? 92  GLN A CB   1 
ATOM 1422 C CG   . GLN A 1 93  ? -3.449  -6.999  13.668  1.00 2.62  ? 92  GLN A CG   1 
ATOM 1423 C CD   . GLN A 1 93  ? -4.384  -5.884  14.140  1.00 3.37  ? 92  GLN A CD   1 
ATOM 1424 O OE1  . GLN A 1 93  ? -4.726  -5.815  15.304  1.00 3.76  ? 92  GLN A OE1  1 
ATOM 1425 N NE2  . GLN A 1 93  ? -4.810  -5.001  13.279  1.00 4.07  ? 92  GLN A NE2  1 
ATOM 1426 H H    . GLN A 1 93  ? 0.292   -5.904  12.608  1.00 1.02  ? 92  GLN A H    1 
ATOM 1427 H HA   . GLN A 1 93  ? -1.031  -8.079  13.834  1.00 1.55  ? 92  GLN A HA   1 
ATOM 1428 H HB2  . GLN A 1 93  ? -1.778  -5.660  13.823  1.00 2.47  ? 92  GLN A HB2  1 
ATOM 1429 H HB3  . GLN A 1 93  ? -2.357  -5.914  12.176  1.00 2.44  ? 92  GLN A HB3  1 
ATOM 1430 H HG2  . GLN A 1 93  ? -3.934  -7.569  12.889  1.00 2.95  ? 92  GLN A HG2  1 
ATOM 1431 H HG3  . GLN A 1 93  ? -3.220  -7.648  14.500  1.00 2.89  ? 92  GLN A HG3  1 
ATOM 1432 H HE21 . GLN A 1 93  ? -4.531  -5.055  12.343  1.00 4.22  ? 92  GLN A HE21 1 
ATOM 1433 H HE22 . GLN A 1 93  ? -5.410  -4.285  13.571  1.00 4.67  ? 92  GLN A HE22 1 
ATOM 1434 N N    . HIS A 1 94  ? -2.622  -9.115  11.907  1.00 1.82  ? 93  HIS A N    1 
ATOM 1435 C CA   . HIS A 1 94  ? -3.057  -10.023 10.805  1.00 2.32  ? 93  HIS A CA   1 
ATOM 1436 C C    . HIS A 1 94  ? -1.960  -11.058 10.540  1.00 1.98  ? 93  HIS A C    1 
ATOM 1437 O O    . HIS A 1 94  ? -1.492  -11.196 9.432   1.00 2.51  ? 93  HIS A O    1 
ATOM 1438 C CB   . HIS A 1 94  ? -3.314  -9.207  9.534   1.00 3.09  ? 93  HIS A CB   1 
ATOM 1439 C CG   . HIS A 1 94  ? -4.340  -8.147  9.825   1.00 3.69  ? 93  HIS A CG   1 
ATOM 1440 N ND1  . HIS A 1 94  ? -5.672  -8.453  10.062  1.00 4.40  ? 93  HIS A ND1  1 
ATOM 1441 C CD2  . HIS A 1 94  ? -4.246  -6.780  9.926   1.00 4.22  ? 93  HIS A CD2  1 
ATOM 1442 C CE1  . HIS A 1 94  ? -6.319  -7.296  10.292  1.00 5.10  ? 93  HIS A CE1  1 
ATOM 1443 N NE2  . HIS A 1 94  ? -5.496  -6.245  10.221  1.00 5.04  ? 93  HIS A NE2  1 
ATOM 1444 H H    . HIS A 1 94  ? -3.144  -9.064  12.735  1.00 2.28  ? 93  HIS A H    1 
ATOM 1445 H HA   . HIS A 1 94  ? -3.965  -10.530 11.096  1.00 2.64  ? 93  HIS A HA   1 
ATOM 1446 H HB2  . HIS A 1 94  ? -2.396  -8.742  9.210   1.00 3.25  ? 93  HIS A HB2  1 
ATOM 1447 H HB3  . HIS A 1 94  ? -3.681  -9.859  8.756   1.00 3.52  ? 93  HIS A HB3  1 
ATOM 1448 H HD1  . HIS A 1 94  ? -6.070  -9.348  10.059  1.00 4.63  ? 93  HIS A HD1  1 
ATOM 1449 H HD2  . HIS A 1 94  ? -3.339  -6.209  9.803   1.00 4.33  ? 93  HIS A HD2  1 
ATOM 1450 H HE1  . HIS A 1 94  ? -7.375  -7.225  10.512  1.00 5.86  ? 93  HIS A HE1  1 
ATOM 1451 N N    . ASN A 1 95  ? -1.568  -11.771 11.574  1.00 1.66  ? 94  ASN A N    1 
ATOM 1452 C CA   . ASN A 1 95  ? -0.499  -12.828 11.482  1.00 1.43  ? 94  ASN A CA   1 
ATOM 1453 C C    . ASN A 1 95  ? 0.658   -12.453 12.414  1.00 1.29  ? 94  ASN A C    1 
ATOM 1454 O O    . ASN A 1 95  ? 1.529   -13.256 12.687  1.00 1.79  ? 94  ASN A O    1 
ATOM 1455 C CB   . ASN A 1 95  ? 0.048   -12.983 10.056  1.00 1.34  ? 94  ASN A CB   1 
ATOM 1456 C CG   . ASN A 1 95  ? -1.047  -13.526 9.131   1.00 1.65  ? 94  ASN A CG   1 
ATOM 1457 O OD1  . ASN A 1 95  ? -0.957  -13.399 7.927   1.00 2.21  ? 94  ASN A OD1  1 
ATOM 1458 N ND2  . ASN A 1 95  ? -2.081  -14.130 9.648   1.00 2.19  ? 94  ASN A ND2  1 
ATOM 1459 H H    . ASN A 1 95  ? -1.989  -11.607 12.444  1.00 2.06  ? 94  ASN A H    1 
ATOM 1460 H HA   . ASN A 1 95  ? -0.915  -13.771 11.805  1.00 1.62  ? 94  ASN A HA   1 
ATOM 1461 H HB2  . ASN A 1 95  ? 0.401   -12.030 9.694   1.00 1.40  ? 94  ASN A HB2  1 
ATOM 1462 H HB3  . ASN A 1 95  ? 0.874   -13.681 10.069  1.00 1.63  ? 94  ASN A HB3  1 
ATOM 1463 H HD21 . ASN A 1 95  ? -2.154  -14.231 10.619  1.00 2.58  ? 94  ASN A HD21 1 
ATOM 1464 H HD22 . ASN A 1 95  ? -2.785  -14.482 9.064   1.00 2.61  ? 94  ASN A HD22 1 
ATOM 1465 N N    . ASP A 1 96  ? 0.671   -11.243 12.907  1.00 1.10  ? 95  ASP A N    1 
ATOM 1466 C CA   . ASP A 1 96  ? 1.768   -10.813 13.828  1.00 1.03  ? 95  ASP A CA   1 
ATOM 1467 C C    . ASP A 1 96  ? 3.123   -10.963 13.128  1.00 0.95  ? 95  ASP A C    1 
ATOM 1468 O O    . ASP A 1 96  ? 4.163   -10.876 13.751  1.00 1.15  ? 95  ASP A O    1 
ATOM 1469 C CB   . ASP A 1 96  ? 1.748   -11.682 15.086  1.00 1.22  ? 95  ASP A CB   1 
ATOM 1470 C CG   . ASP A 1 96  ? 0.533   -11.314 15.938  1.00 1.70  ? 95  ASP A CG   1 
ATOM 1471 O OD1  . ASP A 1 96  ? 0.013   -10.226 15.754  1.00 2.04  ? 95  ASP A OD1  1 
ATOM 1472 O OD2  . ASP A 1 96  ? 0.144   -12.126 16.762  1.00 2.03  ? 95  ASP A OD2  1 
ATOM 1473 H H    . ASP A 1 96  ? -0.044  -10.613 12.673  1.00 1.41  ? 95  ASP A H    1 
ATOM 1474 H HA   . ASP A 1 96  ? 1.619   -9.783  14.110  1.00 1.05  ? 95  ASP A HA   1 
ATOM 1475 H HB2  . ASP A 1 96  ? 1.692   -12.722 14.806  1.00 1.51  ? 95  ASP A HB2  1 
ATOM 1476 H HB3  . ASP A 1 96  ? 2.649   -11.509 15.655  1.00 1.47  ? 95  ASP A HB3  1 
ATOM 1477 N N    . SER A 1 97  ? 3.122   -11.194 11.842  1.00 0.92  ? 96  SER A N    1 
ATOM 1478 C CA   . SER A 1 97  ? 4.418   -11.355 11.121  1.00 0.90  ? 96  SER A CA   1 
ATOM 1479 C C    . SER A 1 97  ? 4.517   -10.358 9.966   1.00 0.78  ? 96  SER A C    1 
ATOM 1480 O O    . SER A 1 97  ? 5.430   -10.415 9.163   1.00 0.85  ? 96  SER A O    1 
ATOM 1481 C CB   . SER A 1 97  ? 4.520   -12.783 10.581  1.00 1.06  ? 96  SER A CB   1 
ATOM 1482 O OG   . SER A 1 97  ? 4.461   -13.699 11.667  1.00 1.86  ? 96  SER A OG   1 
ATOM 1483 H H    . SER A 1 97  ? 2.276   -11.267 11.356  1.00 1.10  ? 96  SER A H    1 
ATOM 1484 H HA   . SER A 1 97  ? 5.228   -11.173 11.808  1.00 0.94  ? 96  SER A HA   1 
ATOM 1485 H HB2  . SER A 1 97  ? 3.700   -12.979 9.910   1.00 1.38  ? 96  SER A HB2  1 
ATOM 1486 H HB3  . SER A 1 97  ? 5.454   -12.900 10.046  1.00 1.17  ? 96  SER A HB3  1 
ATOM 1487 H HG   . SER A 1 97  ? 5.354   -13.990 11.859  1.00 2.17  ? 96  SER A HG   1 
ATOM 1488 N N    . LEU A 1 98  ? 3.602   -9.439  9.873   1.00 0.72  ? 97  LEU A N    1 
ATOM 1489 C CA   . LEU A 1 98  ? 3.667   -8.440  8.771   1.00 0.70  ? 97  LEU A CA   1 
ATOM 1490 C C    . LEU A 1 98  ? 4.262   -7.148  9.330   1.00 0.67  ? 97  LEU A C    1 
ATOM 1491 O O    . LEU A 1 98  ? 3.623   -6.119  9.366   1.00 0.66  ? 97  LEU A O    1 
ATOM 1492 C CB   . LEU A 1 98  ? 2.256   -8.185  8.239   1.00 0.72  ? 97  LEU A CB   1 
ATOM 1493 C CG   . LEU A 1 98  ? 1.705   -9.475  7.632   1.00 0.83  ? 97  LEU A CG   1 
ATOM 1494 C CD1  . LEU A 1 98  ? 0.255   -9.260  7.190   1.00 1.53  ? 97  LEU A CD1  1 
ATOM 1495 C CD2  . LEU A 1 98  ? 2.558   -9.872  6.423   1.00 1.54  ? 97  LEU A CD2  1 
ATOM 1496 H H    . LEU A 1 98  ? 2.876   -9.399  10.533  1.00 0.76  ? 97  LEU A H    1 
ATOM 1497 H HA   . LEU A 1 98  ? 4.294   -8.816  7.976   1.00 0.77  ? 97  LEU A HA   1 
ATOM 1498 H HB2  . LEU A 1 98  ? 1.618   -7.865  9.049   1.00 0.73  ? 97  LEU A HB2  1 
ATOM 1499 H HB3  . LEU A 1 98  ? 2.289   -7.418  7.480   1.00 0.85  ? 97  LEU A HB3  1 
ATOM 1500 H HG   . LEU A 1 98  ? 1.739   -10.263 8.371   1.00 1.25  ? 97  LEU A HG   1 
ATOM 1501 H HD11 . LEU A 1 98  ? -0.333  -8.935  8.037   1.00 1.97  ? 97  LEU A HD11 1 
ATOM 1502 H HD12 . LEU A 1 98  ? 0.220   -8.505  6.418   1.00 2.01  ? 97  LEU A HD12 1 
ATOM 1503 H HD13 . LEU A 1 98  ? -0.148  -10.188 6.808   1.00 2.13  ? 97  LEU A HD13 1 
ATOM 1504 H HD21 . LEU A 1 98  ? 3.113   -9.012  6.077   1.00 2.04  ? 97  LEU A HD21 1 
ATOM 1505 H HD22 . LEU A 1 98  ? 3.247   -10.652 6.710   1.00 2.02  ? 97  LEU A HD22 1 
ATOM 1506 H HD23 . LEU A 1 98  ? 1.919   -10.230 5.630   1.00 2.11  ? 97  LEU A HD23 1 
ATOM 1507 N N    . ASN A 1 99  ? 5.487   -7.206  9.780   1.00 0.70  ? 98  ASN A N    1 
ATOM 1508 C CA   . ASN A 1 99  ? 6.126   -5.997  10.369  1.00 0.72  ? 98  ASN A CA   1 
ATOM 1509 C C    . ASN A 1 99  ? 6.599   -5.059  9.261   1.00 0.66  ? 98  ASN A C    1 
ATOM 1510 O O    . ASN A 1 99  ? 7.743   -5.080  8.852   1.00 0.79  ? 98  ASN A O    1 
ATOM 1511 C CB   . ASN A 1 99  ? 7.318   -6.441  11.213  1.00 0.84  ? 98  ASN A CB   1 
ATOM 1512 C CG   . ASN A 1 99  ? 7.864   -5.252  12.004  1.00 1.45  ? 98  ASN A CG   1 
ATOM 1513 O OD1  . ASN A 1 99  ? 7.160   -4.292  12.241  1.00 1.99  ? 98  ASN A OD1  1 
ATOM 1514 N ND2  . ASN A 1 99  ? 9.097   -5.279  12.428  1.00 2.30  ? 98  ASN A ND2  1 
ATOM 1515 H H    . ASN A 1 99  ? 5.983   -8.052  9.748   1.00 0.74  ? 98  ASN A H    1 
ATOM 1516 H HA   . ASN A 1 99  ? 5.416   -5.482  10.996  1.00 0.74  ? 98  ASN A HA   1 
ATOM 1517 H HB2  . ASN A 1 99  ? 7.000   -7.216  11.897  1.00 1.22  ? 98  ASN A HB2  1 
ATOM 1518 H HB3  . ASN A 1 99  ? 8.092   -6.827  10.565  1.00 1.26  ? 98  ASN A HB3  1 
ATOM 1519 H HD21 . ASN A 1 99  ? 9.664   -6.055  12.240  1.00 2.61  ? 98  ASN A HD21 1 
ATOM 1520 H HD22 . ASN A 1 99  ? 9.458   -4.520  12.932  1.00 2.93  ? 98  ASN A HD22 1 
ATOM 1521 N N    . VAL A 1 100 ? 5.720   -4.224  8.786   1.00 0.54  ? 99  VAL A N    1 
ATOM 1522 C CA   . VAL A 1 100 ? 6.091   -3.264  7.716   1.00 0.50  ? 99  VAL A CA   1 
ATOM 1523 C C    . VAL A 1 100 ? 5.073   -2.133  7.683   1.00 0.46  ? 99  VAL A C    1 
ATOM 1524 O O    . VAL A 1 100 ? 3.937   -2.291  8.088   1.00 0.51  ? 99  VAL A O    1 
ATOM 1525 C CB   . VAL A 1 100 ? 6.086   -3.966  6.362   1.00 0.51  ? 99  VAL A CB   1 
ATOM 1526 C CG1  . VAL A 1 100 ? 4.729   -4.641  6.149   1.00 1.19  ? 99  VAL A CG1  1 
ATOM 1527 C CG2  . VAL A 1 100 ? 6.308   -2.927  5.263   1.00 1.20  ? 99  VAL A CG2  1 
ATOM 1528 H H    . VAL A 1 100 ? 4.808   -4.226  9.141   1.00 0.57  ? 99  VAL A H    1 
ATOM 1529 H HA   . VAL A 1 100 ? 7.075   -2.863  7.913   1.00 0.54  ? 99  VAL A HA   1 
ATOM 1530 H HB   . VAL A 1 100 ? 6.871   -4.703  6.333   1.00 0.95  ? 99  VAL A HB   1 
ATOM 1531 H HG11 . VAL A 1 100 ? 3.957   -4.056  6.626   1.00 1.59  ? 99  VAL A HG11 1 
ATOM 1532 H HG12 . VAL A 1 100 ? 4.524   -4.711  5.091   1.00 1.75  ? 99  VAL A HG12 1 
ATOM 1533 H HG13 . VAL A 1 100 ? 4.747   -5.631  6.580   1.00 1.85  ? 99  VAL A HG13 1 
ATOM 1534 H HG21 . VAL A 1 100 ? 7.138   -2.290  5.536   1.00 1.84  ? 99  VAL A HG21 1 
ATOM 1535 H HG22 . VAL A 1 100 ? 6.527   -3.427  4.333   1.00 1.77  ? 99  VAL A HG22 1 
ATOM 1536 H HG23 . VAL A 1 100 ? 5.418   -2.326  5.149   1.00 1.61  ? 99  VAL A HG23 1 
ATOM 1537 N N    . THR A 1 101 ? 5.462   -0.995  7.191   1.00 0.44  ? 100 THR A N    1 
ATOM 1538 C CA   . THR A 1 101 ? 4.509   0.142   7.116   1.00 0.45  ? 100 THR A CA   1 
ATOM 1539 C C    . THR A 1 101 ? 4.574   0.752   5.720   1.00 0.40  ? 100 THR A C    1 
ATOM 1540 O O    . THR A 1 101 ? 5.549   0.596   5.011   1.00 0.47  ? 100 THR A O    1 
ATOM 1541 C CB   . THR A 1 101 ? 4.891   1.212   8.140   1.00 0.55  ? 100 THR A CB   1 
ATOM 1542 O OG1  . THR A 1 101 ? 6.105   1.832   7.742   1.00 0.82  ? 100 THR A OG1  1 
ATOM 1543 C CG2  . THR A 1 101 ? 5.069   0.573   9.515   1.00 0.71  ? 100 THR A CG2  1 
ATOM 1544 H H    . THR A 1 101 ? 6.380   -0.894  6.859   1.00 0.47  ? 100 THR A H    1 
ATOM 1545 H HA   . THR A 1 101 ? 3.506   -0.212  7.314   1.00 0.47  ? 100 THR A HA   1 
ATOM 1546 H HB   . THR A 1 101 ? 4.109   1.955   8.192   1.00 0.80  ? 100 THR A HB   1 
ATOM 1547 H HG1  . THR A 1 101 ? 6.107   1.894   6.784   1.00 1.38  ? 100 THR A HG1  1 
ATOM 1548 H HG21 . THR A 1 101 ? 5.404   -0.443  9.398   1.00 1.24  ? 100 THR A HG21 1 
ATOM 1549 H HG22 . THR A 1 101 ? 5.803   1.131   10.077  1.00 1.34  ? 100 THR A HG22 1 
ATOM 1550 H HG23 . THR A 1 101 ? 4.126   0.584   10.040  1.00 1.29  ? 100 THR A HG23 1 
ATOM 1551 N N    . LEU A 1 102 ? 3.558   1.461   5.324   1.00 0.37  ? 101 LEU A N    1 
ATOM 1552 C CA   . LEU A 1 102 ? 3.586   2.092   3.978   1.00 0.36  ? 101 LEU A CA   1 
ATOM 1553 C C    . LEU A 1 102 ? 4.364   3.405   4.094   1.00 0.39  ? 101 LEU A C    1 
ATOM 1554 O O    . LEU A 1 102 ? 3.808   4.480   3.995   1.00 0.57  ? 101 LEU A O    1 
ATOM 1555 C CB   . LEU A 1 102 ? 2.155   2.376   3.521   1.00 0.42  ? 101 LEU A CB   1 
ATOM 1556 C CG   . LEU A 1 102 ? 1.325   1.093   3.607   1.00 0.65  ? 101 LEU A CG   1 
ATOM 1557 C CD1  . LEU A 1 102 ? -0.084  1.358   3.073   1.00 1.28  ? 101 LEU A CD1  1 
ATOM 1558 C CD2  . LEU A 1 102 ? 1.981   -0.008  2.776   1.00 1.04  ? 101 LEU A CD2  1 
ATOM 1559 H H    . LEU A 1 102 ? 2.786   1.589   5.916   1.00 0.41  ? 101 LEU A H    1 
ATOM 1560 H HA   . LEU A 1 102 ? 4.077   1.434   3.277   1.00 0.36  ? 101 LEU A HA   1 
ATOM 1561 H HB2  . LEU A 1 102 ? 1.719   3.132   4.158   1.00 0.72  ? 101 LEU A HB2  1 
ATOM 1562 H HB3  . LEU A 1 102 ? 2.166   2.727   2.501   1.00 0.69  ? 101 LEU A HB3  1 
ATOM 1563 H HG   . LEU A 1 102 ? 1.263   0.778   4.636   1.00 1.06  ? 101 LEU A HG   1 
ATOM 1564 H HD11 . LEU A 1 102 ? -0.283  2.419   3.093   1.00 1.85  ? 101 LEU A HD11 1 
ATOM 1565 H HD12 . LEU A 1 102 ? -0.158  0.996   2.057   1.00 1.79  ? 101 LEU A HD12 1 
ATOM 1566 H HD13 . LEU A 1 102 ? -0.806  0.844   3.691   1.00 1.71  ? 101 LEU A HD13 1 
ATOM 1567 H HD21 . LEU A 1 102 ? 2.633   0.436   2.048   1.00 1.55  ? 101 LEU A HD21 1 
ATOM 1568 H HD22 . LEU A 1 102 ? 2.552   -0.658  3.422   1.00 1.70  ? 101 LEU A HD22 1 
ATOM 1569 H HD23 . LEU A 1 102 ? 1.218   -0.582  2.271   1.00 1.40  ? 101 LEU A HD23 1 
ATOM 1570 N N    . ALA A 1 103 ? 5.645   3.319   4.346   1.00 0.34  ? 102 ALA A N    1 
ATOM 1571 C CA   . ALA A 1 103 ? 6.461   4.556   4.518   1.00 0.42  ? 102 ALA A CA   1 
ATOM 1572 C C    . ALA A 1 103 ? 7.217   4.926   3.229   1.00 0.31  ? 102 ALA A C    1 
ATOM 1573 O O    . ALA A 1 103 ? 7.562   6.073   3.026   1.00 0.34  ? 102 ALA A O    1 
ATOM 1574 C CB   . ALA A 1 103 ? 7.464   4.340   5.658   1.00 0.58  ? 102 ALA A CB   1 
ATOM 1575 H H    . ALA A 1 103 ? 6.065   2.440   4.450   1.00 0.39  ? 102 ALA A H    1 
ATOM 1576 H HA   . ALA A 1 103 ? 5.806   5.372   4.783   1.00 0.53  ? 102 ALA A HA   1 
ATOM 1577 H HB1  . ALA A 1 103 ? 7.739   3.296   5.703   1.00 1.20  ? 102 ALA A HB1  1 
ATOM 1578 H HB2  . ALA A 1 103 ? 8.347   4.938   5.485   1.00 1.20  ? 102 ALA A HB2  1 
ATOM 1579 H HB3  . ALA A 1 103 ? 7.012   4.632   6.596   1.00 1.12  ? 102 ALA A HB3  1 
ATOM 1580 N N    . TYR A 1 104 ? 7.504   3.982   2.369   1.00 0.27  ? 103 TYR A N    1 
ATOM 1581 C CA   . TYR A 1 104 ? 8.263   4.336   1.132   1.00 0.29  ? 103 TYR A CA   1 
ATOM 1582 C C    . TYR A 1 104 ? 7.428   4.049   -0.125  1.00 0.27  ? 103 TYR A C    1 
ATOM 1583 O O    . TYR A 1 104 ? 6.851   2.991   -0.266  1.00 0.38  ? 103 TYR A O    1 
ATOM 1584 C CB   . TYR A 1 104 ? 9.550   3.513   1.083   1.00 0.41  ? 103 TYR A CB   1 
ATOM 1585 C CG   . TYR A 1 104 ? 10.493  3.971   2.168   1.00 1.06  ? 103 TYR A CG   1 
ATOM 1586 C CD1  . TYR A 1 104 ? 11.386  5.020   1.923   1.00 1.73  ? 103 TYR A CD1  1 
ATOM 1587 C CD2  . TYR A 1 104 ? 10.481  3.339   3.418   1.00 1.74  ? 103 TYR A CD2  1 
ATOM 1588 C CE1  . TYR A 1 104 ? 12.269  5.437   2.926   1.00 2.52  ? 103 TYR A CE1  1 
ATOM 1589 C CE2  . TYR A 1 104 ? 11.361  3.757   4.421   1.00 2.54  ? 103 TYR A CE2  1 
ATOM 1590 C CZ   . TYR A 1 104 ? 12.256  4.804   4.176   1.00 2.82  ? 103 TYR A CZ   1 
ATOM 1591 O OH   . TYR A 1 104 ? 13.127  5.211   5.163   1.00 3.70  ? 103 TYR A OH   1 
ATOM 1592 H H    . TYR A 1 104 ? 7.239   3.051   2.538   1.00 0.32  ? 103 TYR A H    1 
ATOM 1593 H HA   . TYR A 1 104 ? 8.520   5.381   1.169   1.00 0.35  ? 103 TYR A HA   1 
ATOM 1594 H HB2  . TYR A 1 104 ? 9.315   2.472   1.235   1.00 0.84  ? 103 TYR A HB2  1 
ATOM 1595 H HB3  . TYR A 1 104 ? 10.023  3.638   0.120   1.00 0.86  ? 103 TYR A HB3  1 
ATOM 1596 H HD1  . TYR A 1 104 ? 11.396  5.508   0.959   1.00 1.94  ? 103 TYR A HD1  1 
ATOM 1597 H HD2  . TYR A 1 104 ? 9.791   2.531   3.607   1.00 1.95  ? 103 TYR A HD2  1 
ATOM 1598 H HE1  . TYR A 1 104 ? 12.959  6.246   2.738   1.00 3.12  ? 103 TYR A HE1  1 
ATOM 1599 H HE2  . TYR A 1 104 ? 11.352  3.270   5.385   1.00 3.15  ? 103 TYR A HE2  1 
ATOM 1600 H HH   . TYR A 1 104 ? 13.292  4.460   5.739   1.00 3.90  ? 103 TYR A HH   1 
ATOM 1601 N N    . PRO A 1 105 ? 7.382   4.986   -1.044  1.00 0.29  ? 104 PRO A N    1 
ATOM 1602 C CA   . PRO A 1 105 ? 6.626   4.831   -2.320  1.00 0.31  ? 104 PRO A CA   1 
ATOM 1603 C C    . PRO A 1 105 ? 7.391   3.980   -3.335  1.00 0.31  ? 104 PRO A C    1 
ATOM 1604 O O    . PRO A 1 105 ? 8.605   3.966   -3.361  1.00 0.36  ? 104 PRO A O    1 
ATOM 1605 C CB   . PRO A 1 105 ? 6.495   6.261   -2.831  1.00 0.38  ? 104 PRO A CB   1 
ATOM 1606 C CG   . PRO A 1 105 ? 7.688   6.976   -2.295  1.00 0.76  ? 104 PRO A CG   1 
ATOM 1607 C CD   . PRO A 1 105 ? 8.043   6.303   -0.969  1.00 0.47  ? 104 PRO A CD   1 
ATOM 1608 H HA   . PRO A 1 105 ? 5.647   4.418   -2.144  1.00 0.31  ? 104 PRO A HA   1 
ATOM 1609 H HB2  . PRO A 1 105 ? 6.498   6.272   -3.913  1.00 0.45  ? 104 PRO A HB2  1 
ATOM 1610 H HB3  . PRO A 1 105 ? 5.591   6.712   -2.453  1.00 0.58  ? 104 PRO A HB3  1 
ATOM 1611 H HG2  . PRO A 1 105 ? 8.514   6.891   -2.989  1.00 1.12  ? 104 PRO A HG2  1 
ATOM 1612 H HG3  . PRO A 1 105 ? 7.451   8.015   -2.122  1.00 1.16  ? 104 PRO A HG3  1 
ATOM 1613 H HD2  . PRO A 1 105 ? 9.117   6.188   -0.879  1.00 0.53  ? 104 PRO A HD2  1 
ATOM 1614 H HD3  . PRO A 1 105 ? 7.649   6.871   -0.143  1.00 0.49  ? 104 PRO A HD3  1 
ATOM 1615 N N    . VAL A 1 106 ? 6.691   3.281   -4.177  1.00 0.31  ? 105 VAL A N    1 
ATOM 1616 C CA   . VAL A 1 106 ? 7.380   2.444   -5.194  1.00 0.35  ? 105 VAL A CA   1 
ATOM 1617 C C    . VAL A 1 106 ? 7.914   3.332   -6.321  1.00 0.42  ? 105 VAL A C    1 
ATOM 1618 O O    . VAL A 1 106 ? 8.785   2.934   -7.072  1.00 0.53  ? 105 VAL A O    1 
ATOM 1619 C CB   . VAL A 1 106 ? 6.397   1.419   -5.760  1.00 0.39  ? 105 VAL A CB   1 
ATOM 1620 C CG1  . VAL A 1 106 ? 5.159   2.140   -6.292  1.00 0.53  ? 105 VAL A CG1  1 
ATOM 1621 C CG2  . VAL A 1 106 ? 7.066   0.647   -6.901  1.00 0.46  ? 105 VAL A CG2  1 
ATOM 1622 H H    . VAL A 1 106 ? 5.712   3.312   -4.146  1.00 0.32  ? 105 VAL A H    1 
ATOM 1623 H HA   . VAL A 1 106 ? 8.203   1.930   -4.727  1.00 0.35  ? 105 VAL A HA   1 
ATOM 1624 H HB   . VAL A 1 106 ? 6.110   0.732   -4.976  1.00 0.37  ? 105 VAL A HB   1 
ATOM 1625 H HG11 . VAL A 1 106 ? 5.415   3.158   -6.544  1.00 1.12  ? 105 VAL A HG11 1 
ATOM 1626 H HG12 . VAL A 1 106 ? 4.796   1.632   -7.172  1.00 1.14  ? 105 VAL A HG12 1 
ATOM 1627 H HG13 . VAL A 1 106 ? 4.392   2.138   -5.534  1.00 1.18  ? 105 VAL A HG13 1 
ATOM 1628 H HG21 . VAL A 1 106 ? 8.137   0.748   -6.824  1.00 1.12  ? 105 VAL A HG21 1 
ATOM 1629 H HG22 . VAL A 1 106 ? 6.796   -0.397  -6.838  1.00 1.04  ? 105 VAL A HG22 1 
ATOM 1630 H HG23 . VAL A 1 106 ? 6.734   1.046   -7.847  1.00 1.20  ? 105 VAL A HG23 1 
ATOM 1631 N N    . TYR A 1 107 ? 7.401   4.529   -6.450  1.00 0.42  ? 106 TYR A N    1 
ATOM 1632 C CA   . TYR A 1 107 ? 7.889   5.433   -7.538  1.00 0.52  ? 106 TYR A CA   1 
ATOM 1633 C C    . TYR A 1 107 ? 8.183   6.836   -6.996  1.00 0.61  ? 106 TYR A C    1 
ATOM 1634 O O    . TYR A 1 107 ? 7.584   7.809   -7.410  1.00 0.76  ? 106 TYR A O    1 
ATOM 1635 C CB   . TYR A 1 107 ? 6.837   5.524   -8.645  1.00 0.61  ? 106 TYR A CB   1 
ATOM 1636 C CG   . TYR A 1 107 ? 6.982   4.342   -9.584  1.00 0.65  ? 106 TYR A CG   1 
ATOM 1637 C CD1  . TYR A 1 107 ? 8.004   4.341   -10.546 1.00 0.96  ? 106 TYR A CD1  1 
ATOM 1638 C CD2  . TYR A 1 107 ? 6.100   3.254   -9.505  1.00 0.88  ? 106 TYR A CD2  1 
ATOM 1639 C CE1  . TYR A 1 107 ? 8.143   3.260   -11.422 1.00 1.20  ? 106 TYR A CE1  1 
ATOM 1640 C CE2  . TYR A 1 107 ? 6.242   2.170   -10.388 1.00 1.12  ? 106 TYR A CE2  1 
ATOM 1641 C CZ   . TYR A 1 107 ? 7.264   2.176   -11.347 1.00 1.19  ? 106 TYR A CZ   1 
ATOM 1642 O OH   . TYR A 1 107 ? 7.409   1.114   -12.216 1.00 1.54  ? 106 TYR A OH   1 
ATOM 1643 H H    . TYR A 1 107 ? 6.700   4.833   -5.836  1.00 0.40  ? 106 TYR A H    1 
ATOM 1644 H HA   . TYR A 1 107 ? 8.795   5.025   -7.951  1.00 0.56  ? 106 TYR A HA   1 
ATOM 1645 H HB2  . TYR A 1 107 ? 5.851   5.523   -8.203  1.00 0.77  ? 106 TYR A HB2  1 
ATOM 1646 H HB3  . TYR A 1 107 ? 6.982   6.439   -9.198  1.00 0.73  ? 106 TYR A HB3  1 
ATOM 1647 H HD1  . TYR A 1 107 ? 8.686   5.177   -10.607 1.00 1.22  ? 106 TYR A HD1  1 
ATOM 1648 H HD2  . TYR A 1 107 ? 5.312   3.248   -8.765  1.00 1.11  ? 106 TYR A HD2  1 
ATOM 1649 H HE1  . TYR A 1 107 ? 8.930   3.261   -12.161 1.00 1.55  ? 106 TYR A HE1  1 
ATOM 1650 H HE2  . TYR A 1 107 ? 5.566   1.332   -10.331 1.00 1.44  ? 106 TYR A HE2  1 
ATOM 1651 H HH   . TYR A 1 107 ? 8.347   1.010   -12.400 1.00 1.80  ? 106 TYR A HH   1 
ATOM 1652 N N    . ALA A 1 108 ? 9.113   6.952   -6.089  1.00 0.67  ? 107 ALA A N    1 
ATOM 1653 C CA   . ALA A 1 108 ? 9.447   8.301   -5.542  1.00 0.85  ? 107 ALA A CA   1 
ATOM 1654 C C    . ALA A 1 108 ? 10.076  9.157   -6.644  1.00 1.10  ? 107 ALA A C    1 
ATOM 1655 O O    . ALA A 1 108 ? 10.973  8.730   -7.349  1.00 1.45  ? 107 ALA A O    1 
ATOM 1656 C CB   . ALA A 1 108 ? 10.422  8.161   -4.369  1.00 1.00  ? 107 ALA A CB   1 
ATOM 1657 H H    . ALA A 1 108 ? 9.593   6.157   -5.775  1.00 0.71  ? 107 ALA A H    1 
ATOM 1658 H HA   . ALA A 1 108 ? 8.543   8.780   -5.198  1.00 0.91  ? 107 ALA A HA   1 
ATOM 1659 H HB1  . ALA A 1 108 ? 10.676  7.121   -4.231  1.00 1.52  ? 107 ALA A HB1  1 
ATOM 1660 H HB2  . ALA A 1 108 ? 11.317  8.728   -4.572  1.00 1.42  ? 107 ALA A HB2  1 
ATOM 1661 H HB3  . ALA A 1 108 ? 9.957   8.537   -3.469  1.00 1.46  ? 107 ALA A HB3  1 
ATOM 1662 N N    . GLN A 1 109 ? 9.603   10.363  -6.804  1.00 1.69  ? 108 GLN A N    1 
ATOM 1663 C CA   . GLN A 1 109 ? 10.158  11.254  -7.864  1.00 2.03  ? 108 GLN A CA   1 
ATOM 1664 C C    . GLN A 1 109 ? 11.654  11.488  -7.627  1.00 1.98  ? 108 GLN A C    1 
ATOM 1665 O O    . GLN A 1 109 ? 12.435  11.542  -8.560  1.00 2.45  ? 108 GLN A O    1 
ATOM 1666 C CB   . GLN A 1 109 ? 9.429   12.603  -7.838  1.00 3.16  ? 108 GLN A CB   1 
ATOM 1667 C CG   . GLN A 1 109 ? 9.843   13.436  -9.059  1.00 3.85  ? 108 GLN A CG   1 
ATOM 1668 C CD   . GLN A 1 109 ? 9.220   12.835  -10.318 1.00 4.93  ? 108 GLN A CD   1 
ATOM 1669 O OE1  . GLN A 1 109 ? 9.922   12.391  -11.207 1.00 5.40  ? 108 GLN A OE1  1 
ATOM 1670 N NE2  . GLN A 1 109 ? 7.924   12.807  -10.430 1.00 5.66  ? 108 GLN A NE2  1 
ATOM 1671 H H    . GLN A 1 109 ? 8.873   10.680  -6.231  1.00 2.19  ? 108 GLN A H    1 
ATOM 1672 H HA   . GLN A 1 109 ? 10.014  10.792  -8.827  1.00 2.20  ? 108 GLN A HA   1 
ATOM 1673 H HB2  . GLN A 1 109 ? 8.362   12.439  -7.856  1.00 3.68  ? 108 GLN A HB2  1 
ATOM 1674 H HB3  . GLN A 1 109 ? 9.694   13.136  -6.940  1.00 3.43  ? 108 GLN A HB3  1 
ATOM 1675 H HG2  . GLN A 1 109 ? 9.495   14.451  -8.932  1.00 3.83  ? 108 GLN A HG2  1 
ATOM 1676 H HG3  . GLN A 1 109 ? 10.920  13.434  -9.154  1.00 4.10  ? 108 GLN A HG3  1 
ATOM 1677 H HE21 . GLN A 1 109 ? 7.366   13.168  -9.711  1.00 5.59  ? 108 GLN A HE21 1 
ATOM 1678 H HE22 . GLN A 1 109 ? 7.507   12.419  -11.226 1.00 6.44  ? 108 GLN A HE22 1 
ATOM 1679 N N    . GLN A 1 110 ? 12.066  11.646  -6.391  1.00 2.44  ? 109 GLN A N    1 
ATOM 1680 C CA   . GLN A 1 110 ? 13.509  11.896  -6.110  1.00 3.23  ? 109 GLN A CA   1 
ATOM 1681 C C    . GLN A 1 110 ? 13.950  13.176  -6.824  1.00 3.58  ? 109 GLN A C    1 
ATOM 1682 O O    . GLN A 1 110 ? 14.971  13.216  -7.481  1.00 3.96  ? 109 GLN A O    1 
ATOM 1683 C CB   . GLN A 1 110 ? 14.347  10.705  -6.587  1.00 4.06  ? 109 GLN A CB   1 
ATOM 1684 C CG   . GLN A 1 110 ? 13.911  9.476   -5.789  1.00 4.66  ? 109 GLN A CG   1 
ATOM 1685 C CD   . GLN A 1 110 ? 14.692  8.254   -6.257  1.00 5.56  ? 109 GLN A CD   1 
ATOM 1686 O OE1  . GLN A 1 110 ? 15.420  7.647   -5.496  1.00 6.11  ? 109 GLN A OE1  1 
ATOM 1687 N NE2  . GLN A 1 110 ? 14.552  7.863   -7.487  1.00 6.06  ? 109 GLN A NE2  1 
ATOM 1688 H H    . GLN A 1 110 ? 11.422  11.610  -5.649  1.00 2.76  ? 109 GLN A H    1 
ATOM 1689 H HA   . GLN A 1 110 ? 13.645  12.021  -5.048  1.00 3.55  ? 109 GLN A HA   1 
ATOM 1690 H HB2  . GLN A 1 110 ? 14.179  10.538  -7.643  1.00 4.19  ? 109 GLN A HB2  1 
ATOM 1691 H HB3  . GLN A 1 110 ? 15.396  10.894  -6.409  1.00 4.57  ? 109 GLN A HB3  1 
ATOM 1692 H HG2  . GLN A 1 110 ? 14.091  9.644   -4.736  1.00 4.95  ? 109 GLN A HG2  1 
ATOM 1693 H HG3  . GLN A 1 110 ? 12.859  9.306   -5.955  1.00 4.62  ? 109 GLN A HG3  1 
ATOM 1694 H HE21 . GLN A 1 110 ? 13.955  8.357   -8.088  1.00 5.90  ? 109 GLN A HE21 1 
ATOM 1695 H HE22 . GLN A 1 110 ? 15.039  7.080   -7.814  1.00 6.79  ? 109 GLN A HE22 1 
ATOM 1696 N N    . ARG A 1 111 ? 13.184  14.229  -6.697  1.00 4.04  ? 110 ARG A N    1 
ATOM 1697 C CA   . ARG A 1 111 ? 13.567  15.504  -7.366  1.00 4.88  ? 110 ARG A CA   1 
ATOM 1698 C C    . ARG A 1 111 ? 14.927  15.976  -6.826  1.00 5.48  ? 110 ARG A C    1 
ATOM 1699 O O    . ARG A 1 111 ? 15.750  16.487  -7.562  1.00 5.77  ? 110 ARG A O    1 
ATOM 1700 C CB   . ARG A 1 111 ? 12.483  16.568  -7.122  1.00 5.58  ? 110 ARG A CB   1 
ATOM 1701 C CG   . ARG A 1 111 ? 12.900  17.878  -7.798  1.00 6.08  ? 110 ARG A CG   1 
ATOM 1702 C CD   . ARG A 1 111 ? 11.924  18.995  -7.421  1.00 7.01  ? 110 ARG A CD   1 
ATOM 1703 N NE   . ARG A 1 111 ? 11.418  19.632  -8.678  1.00 7.72  ? 110 ARG A NE   1 
ATOM 1704 C CZ   . ARG A 1 111 ? 12.245  19.945  -9.640  1.00 8.52  ? 110 ARG A CZ   1 
ATOM 1705 N NH1  . ARG A 1 111 ? 13.535  19.820  -9.450  1.00 8.80  ? 110 ARG A NH1  1 
ATOM 1706 N NH2  . ARG A 1 111 ? 11.787  20.401  -10.780 1.00 9.29  ? 110 ARG A NH2  1 
ATOM 1707 H H    . ARG A 1 111 ? 12.362  14.181  -6.160  1.00 4.15  ? 110 ARG A H    1 
ATOM 1708 H HA   . ARG A 1 111 ? 13.657  15.325  -8.429  1.00 4.99  ? 110 ARG A HA   1 
ATOM 1709 H HB2  . ARG A 1 111 ? 11.549  16.228  -7.551  1.00 5.57  ? 110 ARG A HB2  1 
ATOM 1710 H HB3  . ARG A 1 111 ? 12.352  16.729  -6.060  1.00 6.12  ? 110 ARG A HB3  1 
ATOM 1711 H HG2  . ARG A 1 111 ? 13.894  18.148  -7.482  1.00 6.20  ? 110 ARG A HG2  1 
ATOM 1712 H HG3  . ARG A 1 111 ? 12.890  17.743  -8.867  1.00 6.00  ? 110 ARG A HG3  1 
ATOM 1713 H HD2  . ARG A 1 111 ? 11.091  18.582  -6.879  1.00 7.08  ? 110 ARG A HD2  1 
ATOM 1714 H HD3  . ARG A 1 111 ? 12.434  19.721  -6.797  1.00 7.37  ? 110 ARG A HD3  1 
ATOM 1715 H HE   . ARG A 1 111 ? 10.458  19.773  -8.799  1.00 7.77  ? 110 ARG A HE   1 
ATOM 1716 H HH11 . ARG A 1 111 ? 13.878  19.487  -8.574  1.00 8.42  ? 110 ARG A HH11 1 
ATOM 1717 H HH12 . ARG A 1 111 ? 14.176  20.061  -10.176 1.00 9.48  ? 110 ARG A HH12 1 
ATOM 1718 H HH21 . ARG A 1 111 ? 10.800  20.513  -10.917 1.00 9.32  ? 110 ARG A HH21 1 
ATOM 1719 H HH22 . ARG A 1 111 ? 12.420  20.630  -11.517 1.00 9.98  ? 110 ARG A HH22 1 
ATOM 1720 N N    . ARG A 1 112 ? 15.182  15.794  -5.554  1.00 6.05  ? 111 ARG A N    1 
ATOM 1721 C CA   . ARG A 1 112 ? 16.501  16.217  -4.983  1.00 6.93  ? 111 ARG A CA   1 
ATOM 1722 C C    . ARG A 1 112 ? 16.799  15.396  -3.726  1.00 7.42  ? 111 ARG A C    1 
ATOM 1723 O O    . ARG A 1 112 ? 16.028  14.500  -3.432  1.00 7.73  ? 111 ARG A O    1 
ATOM 1724 C CB   . ARG A 1 112 ? 16.456  17.711  -4.634  1.00 7.45  ? 111 ARG A CB   1 
ATOM 1725 C CG   . ARG A 1 112 ? 15.135  18.010  -3.913  1.00 7.98  ? 111 ARG A CG   1 
ATOM 1726 C CD   . ARG A 1 112 ? 15.162  19.400  -3.269  1.00 8.64  ? 111 ARG A CD   1 
ATOM 1727 N NE   . ARG A 1 112 ? 16.071  19.381  -2.092  1.00 9.02  ? 111 ARG A NE   1 
ATOM 1728 C CZ   . ARG A 1 112 ? 16.529  20.492  -1.600  1.00 9.35  ? 111 ARG A CZ   1 
ATOM 1729 N NH1  . ARG A 1 112 ? 16.243  21.638  -2.169  1.00 9.37  ? 111 ARG A NH1  1 
ATOM 1730 N NH2  . ARG A 1 112 ? 17.299  20.455  -0.545  1.00 9.89  ? 111 ARG A NH2  1 
ATOM 1731 O OXT  . ARG A 1 112 ? 17.794  15.672  -3.081  1.00 7.76  ? 111 ARG A OXT  1 
ATOM 1732 H H    . ARG A 1 112 ? 14.510  15.369  -4.974  1.00 6.12  ? 111 ARG A H    1 
ATOM 1733 H HA   . ARG A 1 112 ? 17.280  16.039  -5.712  1.00 7.19  ? 111 ARG A HA   1 
ATOM 1734 H HB2  . ARG A 1 112 ? 17.296  17.961  -3.997  1.00 7.40  ? 111 ARG A HB2  1 
ATOM 1735 H HB3  . ARG A 1 112 ? 16.508  18.294  -5.536  1.00 7.81  ? 111 ARG A HB3  1 
ATOM 1736 H HG2  . ARG A 1 112 ? 14.326  17.967  -4.624  1.00 8.27  ? 111 ARG A HG2  1 
ATOM 1737 H HG3  . ARG A 1 112 ? 14.975  17.266  -3.152  1.00 7.88  ? 111 ARG A HG3  1 
ATOM 1738 H HD2  . ARG A 1 112 ? 15.500  20.135  -3.992  1.00 8.87  ? 111 ARG A HD2  1 
ATOM 1739 H HD3  . ARG A 1 112 ? 14.171  19.654  -2.932  1.00 8.87  ? 111 ARG A HD3  1 
ATOM 1740 H HE   . ARG A 1 112 ? 16.313  18.528  -1.677  1.00 9.20  ? 111 ARG A HE   1 
ATOM 1741 H HH11 . ARG A 1 112 ? 15.670  21.656  -2.992  1.00 9.13  ? 111 ARG A HH11 1 
ATOM 1742 H HH12 . ARG A 1 112 ? 16.596  22.493  -1.787  1.00 9.77  ? 111 ARG A HH12 1 
ATOM 1743 H HH21 . ARG A 1 112 ? 17.530  19.570  -0.130  1.00 10.05 ? 111 ARG A HH21 1 
ATOM 1744 H HH22 . ARG A 1 112 ? 17.653  21.299  -0.152  1.00 10.26 ? 111 ARG A HH22 1 
# 
